data_5Z1H
# 
_entry.id   5Z1H 
# 
_audit_conform.dict_name       mmcif_pdbx.dic 
_audit_conform.dict_version    5.387 
_audit_conform.dict_location   http://mmcif.pdb.org/dictionaries/ascii/mmcif_pdbx.dic 
# 
loop_
_database_2.database_id 
_database_2.database_code 
_database_2.pdbx_database_accession 
_database_2.pdbx_DOI 
PDB   5Z1H         pdb_00005z1h 10.2210/pdb5z1h/pdb 
WWPDB D_1300006290 ?            ?                   
# 
loop_
_pdbx_audit_revision_history.ordinal 
_pdbx_audit_revision_history.data_content_type 
_pdbx_audit_revision_history.major_revision 
_pdbx_audit_revision_history.minor_revision 
_pdbx_audit_revision_history.revision_date 
1 'Structure model' 1 0 2018-05-30 
2 'Structure model' 1 1 2018-09-05 
3 'Structure model' 1 2 2024-03-27 
# 
_pdbx_audit_revision_details.ordinal             1 
_pdbx_audit_revision_details.revision_ordinal    1 
_pdbx_audit_revision_details.data_content_type   'Structure model' 
_pdbx_audit_revision_details.provider            repository 
_pdbx_audit_revision_details.type                'Initial release' 
_pdbx_audit_revision_details.description         ? 
_pdbx_audit_revision_details.details             ? 
# 
loop_
_pdbx_audit_revision_group.ordinal 
_pdbx_audit_revision_group.revision_ordinal 
_pdbx_audit_revision_group.data_content_type 
_pdbx_audit_revision_group.group 
1 2 'Structure model' 'Data collection'     
2 2 'Structure model' 'Database references' 
3 3 'Structure model' 'Data collection'     
4 3 'Structure model' 'Database references' 
# 
loop_
_pdbx_audit_revision_category.ordinal 
_pdbx_audit_revision_category.revision_ordinal 
_pdbx_audit_revision_category.data_content_type 
_pdbx_audit_revision_category.category 
1 2 'Structure model' citation        
2 2 'Structure model' citation_author 
3 3 'Structure model' chem_comp_atom  
4 3 'Structure model' chem_comp_bond  
5 3 'Structure model' database_2      
# 
loop_
_pdbx_audit_revision_item.ordinal 
_pdbx_audit_revision_item.revision_ordinal 
_pdbx_audit_revision_item.data_content_type 
_pdbx_audit_revision_item.item 
1 2 'Structure model' '_citation.journal_volume'            
2 2 'Structure model' '_citation.page_first'                
3 2 'Structure model' '_citation.page_last'                 
4 2 'Structure model' '_citation_author.identifier_ORCID'   
5 3 'Structure model' '_database_2.pdbx_DOI'                
6 3 'Structure model' '_database_2.pdbx_database_accession' 
# 
_pdbx_database_status.status_code                     REL 
_pdbx_database_status.status_code_sf                  REL 
_pdbx_database_status.status_code_mr                  ? 
_pdbx_database_status.entry_id                        5Z1H 
_pdbx_database_status.recvd_initial_deposition_date   2017-12-26 
_pdbx_database_status.SG_entry                        N 
_pdbx_database_status.deposit_site                    PDBJ 
_pdbx_database_status.process_site                    PDBJ 
_pdbx_database_status.status_code_cs                  ? 
_pdbx_database_status.methods_development_category    ? 
_pdbx_database_status.pdb_format_compatible           Y 
_pdbx_database_status.status_code_nmr_data            ? 
# 
loop_
_audit_author.name 
_audit_author.pdbx_ordinal 
_audit_author.identifier_ORCID 
'Kanazawa, H.'  1 ? 
'Hanessian, S.' 2 ? 
'Kondo, J.'     3 ? 
# 
_citation.abstract                  ? 
_citation.abstract_id_CAS           ? 
_citation.book_id_ISBN              ? 
_citation.book_publisher            ? 
_citation.book_publisher_city       ? 
_citation.book_title                ? 
_citation.coordinate_linkage        ? 
_citation.country                   DE 
_citation.database_id_Medline       ? 
_citation.details                   ? 
_citation.id                        primary 
_citation.journal_abbrev            ChemMedChem 
_citation.journal_id_ASTM           ? 
_citation.journal_id_CSD            ? 
_citation.journal_id_ISSN           1860-7187 
_citation.journal_full              ? 
_citation.journal_issue             ? 
_citation.journal_volume            13 
_citation.language                  ? 
_citation.page_first                1541 
_citation.page_last                 1548 
_citation.title                     'Structure-Based Design of a Eukaryote-Selective Antiprotozoal Fluorinated Aminoglycoside.' 
_citation.year                      2018 
_citation.database_id_CSD           ? 
_citation.pdbx_database_id_DOI      10.1002/cmdc.201800166 
_citation.pdbx_database_id_PubMed   29766661 
_citation.unpublished_flag          ? 
# 
loop_
_citation_author.citation_id 
_citation_author.name 
_citation_author.ordinal 
_citation_author.identifier_ORCID 
primary 'Kanazawa, H.'   1 ?                   
primary 'Saavedra, O.M.' 2 ?                   
primary 'Maianti, J.P.'  3 ?                   
primary 'Young, S.A.'    4 ?                   
primary 'Izquierdo, L.'  5 ?                   
primary 'Smith, T.K.'    6 ?                   
primary 'Hanessian, S.'  7 ?                   
primary 'Kondo, J.'      8 0000-0002-5682-3685 
# 
loop_
_entity.id 
_entity.type 
_entity.src_method 
_entity.pdbx_description 
_entity.formula_weight 
_entity.pdbx_number_of_molecules 
_entity.pdbx_ec 
_entity.pdbx_mutation 
_entity.pdbx_fragment 
_entity.details 
1 polymer     syn 
;RNA (5'-R(*UP*UP*GP*CP*GP*UP*CP*AP*CP*GP*CP*CP*GP*GP*CP*GP*AP*AP*GP*UP*CP*GP*C)-3')
;
7370.424 2  ? ? ? ? 
2 non-polymer man 
;(1S,2S,3R,4S,6R)-4,6-diamino-3-{[(2S,3R)-3-amino-6-(fluoromethyl)-3,4-dihydro-2H-pyran-2-yl]oxy}-2-hydroxycyclohexyl 3-deoxy-4-C-methyl-3-(methylamino)-beta-L-arabinopyranoside
;
450.502  1  ? ? ? ? 
3 water       nat water 18.015   87 ? ? ? ? 
# 
_entity_poly.entity_id                      1 
_entity_poly.type                           polyribonucleotide 
_entity_poly.nstd_linkage                   no 
_entity_poly.nstd_monomer                   no 
_entity_poly.pdbx_seq_one_letter_code       UUGCGUCACGCCGGCGAAGUCGC 
_entity_poly.pdbx_seq_one_letter_code_can   UUGCGUCACGCCGGCGAAGUCGC 
_entity_poly.pdbx_strand_id                 A,B 
_entity_poly.pdbx_target_identifier         ? 
# 
loop_
_pdbx_entity_nonpoly.entity_id 
_pdbx_entity_nonpoly.name 
_pdbx_entity_nonpoly.comp_id 
2 
;(1S,2S,3R,4S,6R)-4,6-diamino-3-{[(2S,3R)-3-amino-6-(fluoromethyl)-3,4-dihydro-2H-pyran-2-yl]oxy}-2-hydroxycyclohexyl 3-deoxy-4-C-methyl-3-(methylamino)-beta-L-arabinopyranoside
;
FSJ 
3 water HOH 
# 
loop_
_entity_poly_seq.entity_id 
_entity_poly_seq.num 
_entity_poly_seq.mon_id 
_entity_poly_seq.hetero 
1 1  U n 
1 2  U n 
1 3  G n 
1 4  C n 
1 5  G n 
1 6  U n 
1 7  C n 
1 8  A n 
1 9  C n 
1 10 G n 
1 11 C n 
1 12 C n 
1 13 G n 
1 14 G n 
1 15 C n 
1 16 G n 
1 17 A n 
1 18 A n 
1 19 G n 
1 20 U n 
1 21 C n 
1 22 G n 
1 23 C n 
# 
_pdbx_entity_src_syn.entity_id              1 
_pdbx_entity_src_syn.pdbx_src_id            1 
_pdbx_entity_src_syn.pdbx_alt_source_flag   sample 
_pdbx_entity_src_syn.pdbx_beg_seq_num       1 
_pdbx_entity_src_syn.pdbx_end_seq_num       23 
_pdbx_entity_src_syn.organism_scientific    'synthetic construct' 
_pdbx_entity_src_syn.organism_common_name   ? 
_pdbx_entity_src_syn.ncbi_taxonomy_id       32630 
_pdbx_entity_src_syn.details                ? 
# 
loop_
_chem_comp.id 
_chem_comp.type 
_chem_comp.mon_nstd_flag 
_chem_comp.name 
_chem_comp.pdbx_synonyms 
_chem_comp.formula 
_chem_comp.formula_weight 
A   'RNA linking' y "ADENOSINE-5'-MONOPHOSPHATE" ?                     'C10 H14 N5 O7 P' 347.221 
C   'RNA linking' y "CYTIDINE-5'-MONOPHOSPHATE" ?                     'C9 H14 N3 O8 P'  323.197 
FSJ non-polymer   . 
;(1S,2S,3R,4S,6R)-4,6-diamino-3-{[(2S,3R)-3-amino-6-(fluoromethyl)-3,4-dihydro-2H-pyran-2-yl]oxy}-2-hydroxycyclohexyl 3-deoxy-4-C-methyl-3-(methylamino)-beta-L-arabinopyranoside
;
;6'-fluoro sisomicin
;
'C19 H35 F N4 O7' 450.502 
G   'RNA linking' y "GUANOSINE-5'-MONOPHOSPHATE" ?                     'C10 H14 N5 O8 P' 363.221 
HOH non-polymer   . WATER ?                     'H2 O'            18.015  
U   'RNA linking' y "URIDINE-5'-MONOPHOSPHATE" ?                     'C9 H13 N2 O9 P'  324.181 
# 
loop_
_pdbx_poly_seq_scheme.asym_id 
_pdbx_poly_seq_scheme.entity_id 
_pdbx_poly_seq_scheme.seq_id 
_pdbx_poly_seq_scheme.mon_id 
_pdbx_poly_seq_scheme.ndb_seq_num 
_pdbx_poly_seq_scheme.pdb_seq_num 
_pdbx_poly_seq_scheme.auth_seq_num 
_pdbx_poly_seq_scheme.pdb_mon_id 
_pdbx_poly_seq_scheme.auth_mon_id 
_pdbx_poly_seq_scheme.pdb_strand_id 
_pdbx_poly_seq_scheme.pdb_ins_code 
_pdbx_poly_seq_scheme.hetero 
A 1 1  U 1  1  ?  ? ? A . n 
A 1 2  U 2  2  ?  ? ? A . n 
A 1 3  G 3  3  3  G G A . n 
A 1 4  C 4  4  4  C C A . n 
A 1 5  G 5  5  5  G G A . n 
A 1 6  U 6  6  6  U U A . n 
A 1 7  C 7  7  7  C C A . n 
A 1 8  A 8  8  8  A A A . n 
A 1 9  C 9  9  9  C C A . n 
A 1 10 G 10 10 10 G G A . n 
A 1 11 C 11 11 11 C C A . n 
A 1 12 C 12 12 12 C C A . n 
A 1 13 G 13 13 13 G G A . n 
A 1 14 G 14 14 14 G G A . n 
A 1 15 C 15 15 15 C C A . n 
A 1 16 G 16 16 16 G G A . n 
A 1 17 A 17 17 ?  ? ? A . n 
A 1 18 A 18 18 ?  ? ? A . n 
A 1 19 G 19 19 19 G G A . n 
A 1 20 U 20 20 20 U U A . n 
A 1 21 C 21 21 21 C C A . n 
A 1 22 G 22 22 22 G G A . n 
A 1 23 C 23 23 23 C C A . n 
B 1 1  U 1  24 24 U U B . n 
B 1 2  U 2  25 25 U U B . n 
B 1 3  G 3  26 26 G G B . n 
B 1 4  C 4  27 27 C C B . n 
B 1 5  G 5  28 28 G G B . n 
B 1 6  U 6  29 29 U U B . n 
B 1 7  C 7  30 30 C C B . n 
B 1 8  A 8  31 31 A A B . n 
B 1 9  C 9  32 32 C C B . n 
B 1 10 G 10 33 33 G G B . n 
B 1 11 C 11 34 34 C C B . n 
B 1 12 C 12 35 35 C C B . n 
B 1 13 G 13 36 36 G G B . n 
B 1 14 G 14 37 37 G G B . n 
B 1 15 C 15 38 38 C C B . n 
B 1 16 G 16 39 39 G G B . n 
B 1 17 A 17 40 40 A A B . n 
B 1 18 A 18 41 41 A A B . n 
B 1 19 G 19 42 42 G G B . n 
B 1 20 U 20 43 43 U U B . n 
B 1 21 C 21 44 44 C C B . n 
B 1 22 G 22 45 45 G G B . n 
B 1 23 C 23 46 46 C C B . n 
# 
loop_
_pdbx_nonpoly_scheme.asym_id 
_pdbx_nonpoly_scheme.entity_id 
_pdbx_nonpoly_scheme.mon_id 
_pdbx_nonpoly_scheme.ndb_seq_num 
_pdbx_nonpoly_scheme.pdb_seq_num 
_pdbx_nonpoly_scheme.auth_seq_num 
_pdbx_nonpoly_scheme.pdb_mon_id 
_pdbx_nonpoly_scheme.auth_mon_id 
_pdbx_nonpoly_scheme.pdb_strand_id 
_pdbx_nonpoly_scheme.pdb_ins_code 
C 2 FSJ 1  301 301 FSJ FSI A . 
D 3 HOH 1  401 126 HOH HOH A . 
D 3 HOH 2  402 168 HOH HOH A . 
D 3 HOH 3  403 162 HOH HOH A . 
D 3 HOH 4  404 124 HOH HOH A . 
D 3 HOH 5  405 137 HOH HOH A . 
D 3 HOH 6  406 106 HOH HOH A . 
D 3 HOH 7  407 113 HOH HOH A . 
D 3 HOH 8  408 125 HOH HOH A . 
D 3 HOH 9  409 147 HOH HOH A . 
D 3 HOH 10 410 160 HOH HOH A . 
D 3 HOH 11 411 119 HOH HOH A . 
D 3 HOH 12 412 101 HOH HOH A . 
D 3 HOH 13 413 105 HOH HOH A . 
D 3 HOH 14 414 151 HOH HOH A . 
D 3 HOH 15 415 139 HOH HOH A . 
D 3 HOH 16 416 179 HOH HOH A . 
D 3 HOH 17 417 186 HOH HOH A . 
D 3 HOH 18 418 171 HOH HOH A . 
D 3 HOH 19 419 161 HOH HOH A . 
D 3 HOH 20 420 165 HOH HOH A . 
D 3 HOH 21 421 128 HOH HOH A . 
D 3 HOH 22 422 140 HOH HOH A . 
D 3 HOH 23 423 184 HOH HOH A . 
D 3 HOH 24 424 172 HOH HOH A . 
D 3 HOH 25 425 109 HOH HOH A . 
D 3 HOH 26 426 117 HOH HOH A . 
D 3 HOH 27 427 120 HOH HOH A . 
D 3 HOH 28 428 181 HOH HOH A . 
D 3 HOH 29 429 114 HOH HOH A . 
D 3 HOH 30 430 108 HOH HOH A . 
D 3 HOH 31 431 182 HOH HOH A . 
D 3 HOH 32 432 116 HOH HOH A . 
D 3 HOH 33 433 166 HOH HOH A . 
D 3 HOH 34 434 185 HOH HOH A . 
D 3 HOH 35 435 180 HOH HOH A . 
D 3 HOH 36 436 159 HOH HOH A . 
D 3 HOH 37 437 107 HOH HOH A . 
D 3 HOH 38 438 131 HOH HOH A . 
D 3 HOH 39 439 188 HOH HOH A . 
D 3 HOH 40 440 183 HOH HOH A . 
D 3 HOH 41 441 178 HOH HOH A . 
E 3 HOH 1  101 148 HOH HOH B . 
E 3 HOH 2  102 112 HOH HOH B . 
E 3 HOH 3  103 134 HOH HOH B . 
E 3 HOH 4  104 111 HOH HOH B . 
E 3 HOH 5  105 145 HOH HOH B . 
E 3 HOH 6  106 143 HOH HOH B . 
E 3 HOH 7  107 136 HOH HOH B . 
E 3 HOH 8  108 121 HOH HOH B . 
E 3 HOH 9  109 129 HOH HOH B . 
E 3 HOH 10 110 163 HOH HOH B . 
E 3 HOH 11 111 135 HOH HOH B . 
E 3 HOH 12 112 141 HOH HOH B . 
E 3 HOH 13 113 150 HOH HOH B . 
E 3 HOH 14 114 138 HOH HOH B . 
E 3 HOH 15 115 127 HOH HOH B . 
E 3 HOH 16 116 133 HOH HOH B . 
E 3 HOH 17 117 123 HOH HOH B . 
E 3 HOH 18 118 157 HOH HOH B . 
E 3 HOH 19 119 156 HOH HOH B . 
E 3 HOH 20 120 155 HOH HOH B . 
E 3 HOH 21 121 152 HOH HOH B . 
E 3 HOH 22 122 122 HOH HOH B . 
E 3 HOH 23 123 154 HOH HOH B . 
E 3 HOH 24 124 144 HOH HOH B . 
E 3 HOH 25 125 158 HOH HOH B . 
E 3 HOH 26 126 142 HOH HOH B . 
E 3 HOH 27 127 169 HOH HOH B . 
E 3 HOH 28 128 130 HOH HOH B . 
E 3 HOH 29 129 153 HOH HOH B . 
E 3 HOH 30 130 132 HOH HOH B . 
E 3 HOH 31 131 167 HOH HOH B . 
E 3 HOH 32 132 103 HOH HOH B . 
E 3 HOH 33 133 177 HOH HOH B . 
E 3 HOH 34 134 175 HOH HOH B . 
E 3 HOH 35 135 110 HOH HOH B . 
E 3 HOH 36 136 187 HOH HOH B . 
E 3 HOH 37 137 104 HOH HOH B . 
E 3 HOH 38 138 174 HOH HOH B . 
E 3 HOH 39 139 146 HOH HOH B . 
E 3 HOH 40 140 149 HOH HOH B . 
E 3 HOH 41 141 176 HOH HOH B . 
E 3 HOH 42 142 170 HOH HOH B . 
E 3 HOH 43 143 102 HOH HOH B . 
E 3 HOH 44 144 173 HOH HOH B . 
E 3 HOH 45 145 118 HOH HOH B . 
E 3 HOH 46 146 115 HOH HOH B . 
# 
loop_
_software.citation_id 
_software.classification 
_software.compiler_name 
_software.compiler_version 
_software.contact_author 
_software.contact_author_email 
_software.date 
_software.description 
_software.dependencies 
_software.hardware 
_software.language 
_software.location 
_software.mods 
_software.name 
_software.os 
_software.os_version 
_software.type 
_software.version 
_software.pdbx_ordinal 
? 'data scaling'    ? ? ? ? ? ? ? ? ? ? ? d*TREK      ? ? ? 9.4SSI     1 
? refinement        ? ? ? ? ? ? ? ? ? ? ? PHENIX      ? ? ? 1.8.3_1479 2 
? 'data extraction' ? ? ? ? ? ? ? ? ? ? ? PDB_EXTRACT ? ? ? 3.24       3 
# 
_cell.angle_alpha                  90.000 
_cell.angle_alpha_esd              ? 
_cell.angle_beta                   94.820 
_cell.angle_beta_esd               ? 
_cell.angle_gamma                  90.000 
_cell.angle_gamma_esd              ? 
_cell.entry_id                     5Z1H 
_cell.details                      ? 
_cell.formula_units_Z              ? 
_cell.length_a                     42.905 
_cell.length_a_esd                 ? 
_cell.length_b                     31.665 
_cell.length_b_esd                 ? 
_cell.length_c                     46.696 
_cell.length_c_esd                 ? 
_cell.volume                       ? 
_cell.volume_esd                   ? 
_cell.Z_PDB                        4 
_cell.reciprocal_angle_alpha       ? 
_cell.reciprocal_angle_beta        ? 
_cell.reciprocal_angle_gamma       ? 
_cell.reciprocal_angle_alpha_esd   ? 
_cell.reciprocal_angle_beta_esd    ? 
_cell.reciprocal_angle_gamma_esd   ? 
_cell.reciprocal_length_a          ? 
_cell.reciprocal_length_b          ? 
_cell.reciprocal_length_c          ? 
_cell.reciprocal_length_a_esd      ? 
_cell.reciprocal_length_b_esd      ? 
_cell.reciprocal_length_c_esd      ? 
_cell.pdbx_unique_axis             ? 
# 
_symmetry.entry_id                         5Z1H 
_symmetry.cell_setting                     ? 
_symmetry.Int_Tables_number                4 
_symmetry.space_group_name_Hall            ? 
_symmetry.space_group_name_H-M             'P 1 21 1' 
_symmetry.pdbx_full_space_group_name_H-M   ? 
# 
_exptl.absorpt_coefficient_mu     ? 
_exptl.absorpt_correction_T_max   ? 
_exptl.absorpt_correction_T_min   ? 
_exptl.absorpt_correction_type    ? 
_exptl.absorpt_process_details    ? 
_exptl.entry_id                   5Z1H 
_exptl.crystals_number            1 
_exptl.details                    ? 
_exptl.method                     'X-RAY DIFFRACTION' 
_exptl.method_details             ? 
# 
_exptl_crystal.colour                      ? 
_exptl_crystal.density_diffrn              ? 
_exptl_crystal.density_Matthews            2.14 
_exptl_crystal.density_method              ? 
_exptl_crystal.density_percent_sol         42.64 
_exptl_crystal.description                 ? 
_exptl_crystal.F_000                       ? 
_exptl_crystal.id                          1 
_exptl_crystal.preparation                 ? 
_exptl_crystal.size_max                    ? 
_exptl_crystal.size_mid                    ? 
_exptl_crystal.size_min                    ? 
_exptl_crystal.size_rad                    ? 
_exptl_crystal.colour_lustre               ? 
_exptl_crystal.colour_modifier             ? 
_exptl_crystal.colour_primary              ? 
_exptl_crystal.density_meas                ? 
_exptl_crystal.density_meas_esd            ? 
_exptl_crystal.density_meas_gt             ? 
_exptl_crystal.density_meas_lt             ? 
_exptl_crystal.density_meas_temp           ? 
_exptl_crystal.density_meas_temp_esd       ? 
_exptl_crystal.density_meas_temp_gt        ? 
_exptl_crystal.density_meas_temp_lt        ? 
_exptl_crystal.pdbx_crystal_image_url      ? 
_exptl_crystal.pdbx_crystal_image_format   ? 
_exptl_crystal.pdbx_mosaicity              ? 
_exptl_crystal.pdbx_mosaicity_esd          ? 
# 
_exptl_crystal_grow.apparatus       ? 
_exptl_crystal_grow.atmosphere      ? 
_exptl_crystal_grow.crystal_id      1 
_exptl_crystal_grow.details         ? 
_exptl_crystal_grow.method          'VAPOR DIFFUSION, HANGING DROP' 
_exptl_crystal_grow.method_ref      ? 
_exptl_crystal_grow.pH              7.0 
_exptl_crystal_grow.pressure        ? 
_exptl_crystal_grow.pressure_esd    ? 
_exptl_crystal_grow.seeding         ? 
_exptl_crystal_grow.seeding_ref     ? 
_exptl_crystal_grow.temp            293 
_exptl_crystal_grow.temp_details    ? 
_exptl_crystal_grow.temp_esd        ? 
_exptl_crystal_grow.time            ? 
_exptl_crystal_grow.pdbx_details    '2-Methyl-2,4-pentanediol, LiCl, spermine tetrahydrochloride, sodium cacodylate' 
_exptl_crystal_grow.pdbx_pH_range   ? 
# 
_diffrn.ambient_environment    ? 
_diffrn.ambient_temp           100 
_diffrn.ambient_temp_details   ? 
_diffrn.ambient_temp_esd       ? 
_diffrn.crystal_id             1 
_diffrn.crystal_support        ? 
_diffrn.crystal_treatment      ? 
_diffrn.details                ? 
_diffrn.id                     1 
_diffrn.ambient_pressure       ? 
_diffrn.ambient_pressure_esd   ? 
_diffrn.ambient_pressure_gt    ? 
_diffrn.ambient_pressure_lt    ? 
_diffrn.ambient_temp_gt        ? 
_diffrn.ambient_temp_lt        ? 
# 
_diffrn_detector.details                      ? 
_diffrn_detector.detector                     CCD 
_diffrn_detector.diffrn_id                    1 
_diffrn_detector.type                         'ADSC QUANTUM 210r' 
_diffrn_detector.area_resol_mean              ? 
_diffrn_detector.dtime                        ? 
_diffrn_detector.pdbx_frames_total            ? 
_diffrn_detector.pdbx_collection_time_total   ? 
_diffrn_detector.pdbx_collection_date         2016-06-14 
# 
_diffrn_radiation.collimation                      ? 
_diffrn_radiation.diffrn_id                        1 
_diffrn_radiation.filter_edge                      ? 
_diffrn_radiation.inhomogeneity                    ? 
_diffrn_radiation.monochromator                    ? 
_diffrn_radiation.polarisn_norm                    ? 
_diffrn_radiation.polarisn_ratio                   ? 
_diffrn_radiation.probe                            ? 
_diffrn_radiation.type                             ? 
_diffrn_radiation.xray_symbol                      ? 
_diffrn_radiation.wavelength_id                    1 
_diffrn_radiation.pdbx_monochromatic_or_laue_m_l   M 
_diffrn_radiation.pdbx_wavelength_list             ? 
_diffrn_radiation.pdbx_wavelength                  ? 
_diffrn_radiation.pdbx_diffrn_protocol             'SINGLE WAVELENGTH' 
_diffrn_radiation.pdbx_analyzer                    ? 
_diffrn_radiation.pdbx_scattering_type             x-ray 
# 
_diffrn_radiation_wavelength.id           1 
_diffrn_radiation_wavelength.wavelength   1.0 
_diffrn_radiation_wavelength.wt           1.0 
# 
_diffrn_source.current                     ? 
_diffrn_source.details                     ? 
_diffrn_source.diffrn_id                   1 
_diffrn_source.power                       ? 
_diffrn_source.size                        ? 
_diffrn_source.source                      SYNCHROTRON 
_diffrn_source.target                      ? 
_diffrn_source.type                        'PHOTON FACTORY BEAMLINE AR-NW12A' 
_diffrn_source.voltage                     ? 
_diffrn_source.take-off_angle              ? 
_diffrn_source.pdbx_wavelength_list        1.0 
_diffrn_source.pdbx_wavelength             ? 
_diffrn_source.pdbx_synchrotron_beamline   AR-NW12A 
_diffrn_source.pdbx_synchrotron_site       'Photon Factory' 
# 
_reflns.B_iso_Wilson_estimate            39.590 
_reflns.entry_id                         5Z1H 
_reflns.data_reduction_details           ? 
_reflns.data_reduction_method            ? 
_reflns.d_resolution_high                2.400 
_reflns.d_resolution_low                 42.8 
_reflns.details                          ? 
_reflns.limit_h_max                      ? 
_reflns.limit_h_min                      ? 
_reflns.limit_k_max                      ? 
_reflns.limit_k_min                      ? 
_reflns.limit_l_max                      ? 
_reflns.limit_l_min                      ? 
_reflns.number_all                       ? 
_reflns.number_obs                       5052 
_reflns.observed_criterion               ? 
_reflns.observed_criterion_F_max         ? 
_reflns.observed_criterion_F_min         ? 
_reflns.observed_criterion_I_max         ? 
_reflns.observed_criterion_I_min         ? 
_reflns.observed_criterion_sigma_F       ? 
_reflns.observed_criterion_sigma_I       ? 
_reflns.percent_possible_obs             99.700 
_reflns.R_free_details                   ? 
_reflns.Rmerge_F_all                     ? 
_reflns.Rmerge_F_obs                     ? 
_reflns.Friedel_coverage                 ? 
_reflns.number_gt                        ? 
_reflns.threshold_expression             ? 
_reflns.pdbx_redundancy                  3.540 
_reflns.pdbx_Rmerge_I_obs                0.084 
_reflns.pdbx_Rmerge_I_all                ? 
_reflns.pdbx_Rsym_value                  ? 
_reflns.pdbx_netI_over_av_sigmaI         ? 
_reflns.pdbx_netI_over_sigmaI            8.500 
_reflns.pdbx_res_netI_over_av_sigmaI_2   ? 
_reflns.pdbx_res_netI_over_sigmaI_2      ? 
_reflns.pdbx_chi_squared                 0.920 
_reflns.pdbx_scaling_rejects             ? 
_reflns.pdbx_d_res_high_opt              ? 
_reflns.pdbx_d_res_low_opt               ? 
_reflns.pdbx_d_res_opt_method            ? 
_reflns.phase_calculation_details        ? 
_reflns.pdbx_Rrim_I_all                  0.084 
_reflns.pdbx_Rpim_I_all                  ? 
_reflns.pdbx_d_opt                       ? 
_reflns.pdbx_number_measured_all         ? 
_reflns.pdbx_diffrn_id                   1 
_reflns.pdbx_ordinal                     1 
_reflns.pdbx_CC_half                     ? 
_reflns.pdbx_R_split                     ? 
# 
loop_
_reflns_shell.d_res_high 
_reflns_shell.d_res_low 
_reflns_shell.meanI_over_sigI_all 
_reflns_shell.meanI_over_sigI_obs 
_reflns_shell.number_measured_all 
_reflns_shell.number_measured_obs 
_reflns_shell.number_possible 
_reflns_shell.number_unique_all 
_reflns_shell.number_unique_obs 
_reflns_shell.percent_possible_all 
_reflns_shell.percent_possible_obs 
_reflns_shell.Rmerge_F_all 
_reflns_shell.Rmerge_F_obs 
_reflns_shell.Rmerge_I_all 
_reflns_shell.Rmerge_I_obs 
_reflns_shell.meanI_over_sigI_gt 
_reflns_shell.meanI_over_uI_all 
_reflns_shell.meanI_over_uI_gt 
_reflns_shell.number_measured_gt 
_reflns_shell.number_unique_gt 
_reflns_shell.percent_possible_gt 
_reflns_shell.Rmerge_F_gt 
_reflns_shell.Rmerge_I_gt 
_reflns_shell.pdbx_redundancy 
_reflns_shell.pdbx_Rsym_value 
_reflns_shell.pdbx_chi_squared 
_reflns_shell.pdbx_netI_over_sigmaI_all 
_reflns_shell.pdbx_netI_over_sigmaI_obs 
_reflns_shell.pdbx_Rrim_I_all 
_reflns_shell.pdbx_Rpim_I_all 
_reflns_shell.pdbx_rejects 
_reflns_shell.pdbx_ordinal 
_reflns_shell.pdbx_diffrn_id 
_reflns_shell.pdbx_CC_half 
_reflns_shell.pdbx_R_split 
2.400 2.490  ? 3.200  ? ? ? ? 486 100.000 ? ? ? ? 0.272 ? ? ? ? ? ? ? ? 3.610 ? 0.910 ? ? ? ? ? 1  1 ? ? 
2.490 2.590  ? 3.100  ? ? ? ? 511 100.000 ? ? ? ? 0.262 ? ? ? ? ? ? ? ? 3.620 ? 0.910 ? ? ? ? ? 2  1 ? ? 
2.590 2.700  ? 3.400  ? ? ? ? 504 100.000 ? ? ? ? 0.227 ? ? ? ? ? ? ? ? 3.590 ? 0.820 ? ? ? ? ? 3  1 ? ? 
2.700 2.850  ? 4.400  ? ? ? ? 500 100.000 ? ? ? ? 0.176 ? ? ? ? ? ? ? ? 3.610 ? 0.870 ? ? ? ? ? 4  1 ? ? 
2.850 3.020  ? 5.700  ? ? ? ? 497 100.000 ? ? ? ? 0.127 ? ? ? ? ? ? ? ? 3.600 ? 0.840 ? ? ? ? ? 5  1 ? ? 
3.020 3.260  ? 9.300  ? ? ? ? 504 99.800  ? ? ? ? 0.102 ? ? ? ? ? ? ? ? 3.530 ? 1.070 ? ? ? ? ? 6  1 ? ? 
3.260 3.580  ? 11.800 ? ? ? ? 512 99.800  ? ? ? ? 0.069 ? ? ? ? ? ? ? ? 3.540 ? 0.960 ? ? ? ? ? 7  1 ? ? 
3.580 4.100  ? 13.100 ? ? ? ? 499 100.000 ? ? ? ? 0.067 ? ? ? ? ? ? ? ? 3.530 ? 0.890 ? ? ? ? ? 8  1 ? ? 
4.100 5.170  ? 14.400 ? ? ? ? 516 99.600  ? ? ? ? 0.060 ? ? ? ? ? ? ? ? 3.500 ? 0.860 ? ? ? ? ? 9  1 ? ? 
5.170 42.750 ? 16.500 ? ? ? ? 523 98.100  ? ? ? ? 0.057 ? ? ? ? ? ? ? ? 3.290 ? 1.080 ? ? ? ? ? 10 1 ? ? 
# 
_refine.aniso_B[1][1]                            ? 
_refine.aniso_B[1][2]                            ? 
_refine.aniso_B[1][3]                            ? 
_refine.aniso_B[2][2]                            ? 
_refine.aniso_B[2][3]                            ? 
_refine.aniso_B[3][3]                            ? 
_refine.B_iso_max                                241.240 
_refine.B_iso_mean                               41.1600 
_refine.B_iso_min                                14.910 
_refine.correlation_coeff_Fo_to_Fc               ? 
_refine.correlation_coeff_Fo_to_Fc_free          ? 
_refine.details                                  ? 
_refine.diff_density_max                         ? 
_refine.diff_density_max_esd                     ? 
_refine.diff_density_min                         ? 
_refine.diff_density_min_esd                     ? 
_refine.diff_density_rms                         ? 
_refine.diff_density_rms_esd                     ? 
_refine.entry_id                                 5Z1H 
_refine.pdbx_refine_id                           'X-RAY DIFFRACTION' 
_refine.ls_abs_structure_details                 ? 
_refine.ls_abs_structure_Flack                   ? 
_refine.ls_abs_structure_Flack_esd               ? 
_refine.ls_abs_structure_Rogers                  ? 
_refine.ls_abs_structure_Rogers_esd              ? 
_refine.ls_d_res_high                            2.4000 
_refine.ls_d_res_low                             42.8 
_refine.ls_extinction_coef                       ? 
_refine.ls_extinction_coef_esd                   ? 
_refine.ls_extinction_expression                 ? 
_refine.ls_extinction_method                     ? 
_refine.ls_goodness_of_fit_all                   ? 
_refine.ls_goodness_of_fit_all_esd               ? 
_refine.ls_goodness_of_fit_obs                   ? 
_refine.ls_goodness_of_fit_obs_esd               ? 
_refine.ls_hydrogen_treatment                    ? 
_refine.ls_matrix_type                           ? 
_refine.ls_number_constraints                    ? 
_refine.ls_number_parameters                     ? 
_refine.ls_number_reflns_all                     ? 
_refine.ls_number_reflns_obs                     5047 
_refine.ls_number_reflns_R_free                  495 
_refine.ls_number_reflns_R_work                  ? 
_refine.ls_number_restraints                     ? 
_refine.ls_percent_reflns_obs                    99.6100 
_refine.ls_percent_reflns_R_free                 9.8100 
_refine.ls_R_factor_all                          ? 
_refine.ls_R_factor_obs                          0.2171 
_refine.ls_R_factor_R_free                       0.2632 
_refine.ls_R_factor_R_free_error                 ? 
_refine.ls_R_factor_R_free_error_details         ? 
_refine.ls_R_factor_R_work                       0.2125 
_refine.ls_R_Fsqd_factor_obs                     ? 
_refine.ls_R_I_factor_obs                        ? 
_refine.ls_redundancy_reflns_all                 ? 
_refine.ls_redundancy_reflns_obs                 ? 
_refine.ls_restrained_S_all                      ? 
_refine.ls_restrained_S_obs                      ? 
_refine.ls_shift_over_esd_max                    ? 
_refine.ls_shift_over_esd_mean                   ? 
_refine.ls_structure_factor_coef                 ? 
_refine.ls_weighting_details                     ? 
_refine.ls_weighting_scheme                      ? 
_refine.ls_wR_factor_all                         ? 
_refine.ls_wR_factor_obs                         ? 
_refine.ls_wR_factor_R_free                      ? 
_refine.ls_wR_factor_R_work                      ? 
_refine.occupancy_max                            ? 
_refine.occupancy_min                            ? 
_refine.solvent_model_details                    ? 
_refine.solvent_model_param_bsol                 ? 
_refine.solvent_model_param_ksol                 ? 
_refine.ls_R_factor_gt                           ? 
_refine.ls_goodness_of_fit_gt                    ? 
_refine.ls_goodness_of_fit_ref                   ? 
_refine.ls_shift_over_su_max                     ? 
_refine.ls_shift_over_su_max_lt                  ? 
_refine.ls_shift_over_su_mean                    ? 
_refine.ls_shift_over_su_mean_lt                 ? 
_refine.pdbx_ls_sigma_I                          ? 
_refine.pdbx_ls_sigma_F                          1.380 
_refine.pdbx_ls_sigma_Fsqd                       ? 
_refine.pdbx_data_cutoff_high_absF               ? 
_refine.pdbx_data_cutoff_high_rms_absF           ? 
_refine.pdbx_data_cutoff_low_absF                ? 
_refine.pdbx_isotropic_thermal_model             ? 
_refine.pdbx_ls_cross_valid_method               THROUGHOUT 
_refine.pdbx_method_to_determine_struct          ? 
_refine.pdbx_starting_model                      ? 
_refine.pdbx_stereochemistry_target_values       ? 
_refine.pdbx_R_Free_selection_details            ? 
_refine.pdbx_stereochem_target_val_spec_case     ? 
_refine.pdbx_overall_ESU_R                       ? 
_refine.pdbx_overall_ESU_R_Free                  ? 
_refine.pdbx_solvent_vdw_probe_radii             1.1100 
_refine.pdbx_solvent_ion_probe_radii             ? 
_refine.pdbx_solvent_shrinkage_radii             0.9000 
_refine.pdbx_real_space_R                        ? 
_refine.pdbx_density_correlation                 ? 
_refine.pdbx_pd_number_of_powder_patterns        ? 
_refine.pdbx_pd_number_of_points                 ? 
_refine.pdbx_pd_meas_number_of_points            ? 
_refine.pdbx_pd_proc_ls_prof_R_factor            ? 
_refine.pdbx_pd_proc_ls_prof_wR_factor           ? 
_refine.pdbx_pd_Marquardt_correlation_coeff      ? 
_refine.pdbx_pd_Fsqrd_R_factor                   ? 
_refine.pdbx_pd_ls_matrix_band_width             ? 
_refine.pdbx_overall_phase_error                 24.4400 
_refine.pdbx_overall_SU_R_free_Cruickshank_DPI   ? 
_refine.pdbx_overall_SU_R_free_Blow_DPI          ? 
_refine.pdbx_overall_SU_R_Blow_DPI               ? 
_refine.pdbx_TLS_residual_ADP_flag               ? 
_refine.pdbx_diffrn_id                           1 
_refine.overall_SU_B                             ? 
_refine.overall_SU_ML                            0.3200 
_refine.overall_SU_R_Cruickshank_DPI             ? 
_refine.overall_SU_R_free                        ? 
_refine.overall_FOM_free_R_set                   ? 
_refine.overall_FOM_work_R_set                   ? 
_refine.pdbx_average_fsc_overall                 ? 
_refine.pdbx_average_fsc_work                    ? 
_refine.pdbx_average_fsc_free                    ? 
# 
_refine_hist.cycle_id                         final 
_refine_hist.pdbx_refine_id                   'X-RAY DIFFRACTION' 
_refine_hist.d_res_high                       2.4000 
_refine_hist.d_res_low                        42.8 
_refine_hist.pdbx_number_atoms_ligand         31 
_refine_hist.number_atoms_solvent             87 
_refine_hist.number_atoms_total               1011 
_refine_hist.pdbx_number_residues_total       42 
_refine_hist.pdbx_B_iso_mean_ligand           26.81 
_refine_hist.pdbx_B_iso_mean_solvent          38.59 
_refine_hist.pdbx_number_atoms_protein        0 
_refine_hist.pdbx_number_atoms_nucleic_acid   893 
# 
loop_
_refine_ls_restr.pdbx_refine_id 
_refine_ls_restr.criterion 
_refine_ls_restr.dev_ideal 
_refine_ls_restr.dev_ideal_target 
_refine_ls_restr.number 
_refine_ls_restr.rejects 
_refine_ls_restr.type 
_refine_ls_restr.weight 
_refine_ls_restr.pdbx_restraint_function 
'X-RAY DIFFRACTION' ? 0.007  ? 1027 ? f_bond_d           ? ? 
'X-RAY DIFFRACTION' ? 1.008  ? 1593 ? f_angle_d          ? ? 
'X-RAY DIFFRACTION' ? 0.097  ? 220  ? f_chiral_restr     ? ? 
'X-RAY DIFFRACTION' ? 0.020  ? 42   ? f_plane_restr      ? ? 
'X-RAY DIFFRACTION' ? 11.549 ? 496  ? f_dihedral_angle_d ? ? 
# 
loop_
_refine_ls_shell.pdbx_refine_id 
_refine_ls_shell.d_res_high 
_refine_ls_shell.d_res_low 
_refine_ls_shell.number_reflns_all 
_refine_ls_shell.number_reflns_obs 
_refine_ls_shell.number_reflns_R_free 
_refine_ls_shell.number_reflns_R_work 
_refine_ls_shell.percent_reflns_obs 
_refine_ls_shell.percent_reflns_R_free 
_refine_ls_shell.R_factor_all 
_refine_ls_shell.R_factor_obs 
_refine_ls_shell.R_factor_R_free 
_refine_ls_shell.R_factor_R_free_error 
_refine_ls_shell.R_factor_R_work 
_refine_ls_shell.redundancy_reflns_all 
_refine_ls_shell.redundancy_reflns_obs 
_refine_ls_shell.wR_factor_all 
_refine_ls_shell.wR_factor_obs 
_refine_ls_shell.wR_factor_R_free 
_refine_ls_shell.wR_factor_R_work 
_refine_ls_shell.pdbx_total_number_of_bins_used 
_refine_ls_shell.pdbx_phase_error 
_refine_ls_shell.pdbx_fsc_work 
_refine_ls_shell.pdbx_fsc_free 
'X-RAY DIFFRACTION' 2.4001 2.6416  1258 . 125 1133 100.0000 . . . 0.3421 0.0000 0.2922 . . . . . . 4 . . . 
'X-RAY DIFFRACTION' 2.6416 3.0237  1240 . 132 1108 100.0000 . . . 0.3230 0.0000 0.2737 . . . . . . 4 . . . 
'X-RAY DIFFRACTION' 3.0237 3.8092  1261 . 125 1136 100.0000 . . . 0.2544 0.0000 0.1903 . . . . . . 4 . . . 
'X-RAY DIFFRACTION' 3.8092 42.7603 1288 . 113 1175 99.0000  . . . 0.2173 0.0000 0.1881 . . . . . . 4 . . . 
# 
_struct.entry_id                     5Z1H 
_struct.title                        
;Crystal structure of the bacterial ribosomal decoding site in complex with 6'-fluoro sisomicin
;
_struct.pdbx_model_details           ? 
_struct.pdbx_formula_weight          ? 
_struct.pdbx_formula_weight_method   ? 
_struct.pdbx_model_type_details      ? 
_struct.pdbx_CASP_flag               N 
# 
_struct_keywords.entry_id        5Z1H 
_struct_keywords.text            'rRNA, aminoglycoside, RNA' 
_struct_keywords.pdbx_keywords   RNA 
# 
loop_
_struct_asym.id 
_struct_asym.pdbx_blank_PDB_chainid_flag 
_struct_asym.pdbx_modified 
_struct_asym.entity_id 
_struct_asym.details 
A N N 1 ? 
B N N 1 ? 
C N N 2 ? 
D N N 3 ? 
E N N 3 ? 
# 
_struct_ref.id                         1 
_struct_ref.db_name                    PDB 
_struct_ref.db_code                    5Z1H 
_struct_ref.pdbx_db_accession          5Z1H 
_struct_ref.pdbx_db_isoform            ? 
_struct_ref.entity_id                  1 
_struct_ref.pdbx_seq_one_letter_code   ? 
_struct_ref.pdbx_align_begin           1 
# 
loop_
_struct_ref_seq.align_id 
_struct_ref_seq.ref_id 
_struct_ref_seq.pdbx_PDB_id_code 
_struct_ref_seq.pdbx_strand_id 
_struct_ref_seq.seq_align_beg 
_struct_ref_seq.pdbx_seq_align_beg_ins_code 
_struct_ref_seq.seq_align_end 
_struct_ref_seq.pdbx_seq_align_end_ins_code 
_struct_ref_seq.pdbx_db_accession 
_struct_ref_seq.db_align_beg 
_struct_ref_seq.pdbx_db_align_beg_ins_code 
_struct_ref_seq.db_align_end 
_struct_ref_seq.pdbx_db_align_end_ins_code 
_struct_ref_seq.pdbx_auth_seq_align_beg 
_struct_ref_seq.pdbx_auth_seq_align_end 
1 1 5Z1H A 1 ? 23 ? 5Z1H 1  ? 23 ? 1  23 
2 1 5Z1H B 1 ? 23 ? 5Z1H 24 ? 46 ? 24 46 
# 
_pdbx_struct_assembly.id                   1 
_pdbx_struct_assembly.details              author_and_software_defined_assembly 
_pdbx_struct_assembly.method_details       PISA 
_pdbx_struct_assembly.oligomeric_details   dimeric 
_pdbx_struct_assembly.oligomeric_count     2 
# 
loop_
_pdbx_struct_assembly_prop.biol_id 
_pdbx_struct_assembly_prop.type 
_pdbx_struct_assembly_prop.value 
_pdbx_struct_assembly_prop.details 
1 'ABSA (A^2)' 2280 ? 
1 MORE         -17  ? 
1 'SSA (A^2)'  8200 ? 
# 
_pdbx_struct_assembly_gen.assembly_id       1 
_pdbx_struct_assembly_gen.oper_expression   1 
_pdbx_struct_assembly_gen.asym_id_list      A,B,C,D,E 
# 
_pdbx_struct_assembly_auth_evidence.id                     1 
_pdbx_struct_assembly_auth_evidence.assembly_id            1 
_pdbx_struct_assembly_auth_evidence.experimental_support   none 
_pdbx_struct_assembly_auth_evidence.details                ? 
# 
_pdbx_struct_oper_list.id                   1 
_pdbx_struct_oper_list.type                 'identity operation' 
_pdbx_struct_oper_list.name                 1_555 
_pdbx_struct_oper_list.symmetry_operation   x,y,z 
_pdbx_struct_oper_list.matrix[1][1]         1.0000000000 
_pdbx_struct_oper_list.matrix[1][2]         0.0000000000 
_pdbx_struct_oper_list.matrix[1][3]         0.0000000000 
_pdbx_struct_oper_list.vector[1]            0.0000000000 
_pdbx_struct_oper_list.matrix[2][1]         0.0000000000 
_pdbx_struct_oper_list.matrix[2][2]         1.0000000000 
_pdbx_struct_oper_list.matrix[2][3]         0.0000000000 
_pdbx_struct_oper_list.vector[2]            0.0000000000 
_pdbx_struct_oper_list.matrix[3][1]         0.0000000000 
_pdbx_struct_oper_list.matrix[3][2]         0.0000000000 
_pdbx_struct_oper_list.matrix[3][3]         1.0000000000 
_pdbx_struct_oper_list.vector[3]            0.0000000000 
# 
loop_
_struct_conn.id 
_struct_conn.conn_type_id 
_struct_conn.pdbx_leaving_atom_flag 
_struct_conn.pdbx_PDB_id 
_struct_conn.ptnr1_label_asym_id 
_struct_conn.ptnr1_label_comp_id 
_struct_conn.ptnr1_label_seq_id 
_struct_conn.ptnr1_label_atom_id 
_struct_conn.pdbx_ptnr1_label_alt_id 
_struct_conn.pdbx_ptnr1_PDB_ins_code 
_struct_conn.pdbx_ptnr1_standard_comp_id 
_struct_conn.ptnr1_symmetry 
_struct_conn.ptnr2_label_asym_id 
_struct_conn.ptnr2_label_comp_id 
_struct_conn.ptnr2_label_seq_id 
_struct_conn.ptnr2_label_atom_id 
_struct_conn.pdbx_ptnr2_label_alt_id 
_struct_conn.pdbx_ptnr2_PDB_ins_code 
_struct_conn.ptnr1_auth_asym_id 
_struct_conn.ptnr1_auth_comp_id 
_struct_conn.ptnr1_auth_seq_id 
_struct_conn.ptnr2_auth_asym_id 
_struct_conn.ptnr2_auth_comp_id 
_struct_conn.ptnr2_auth_seq_id 
_struct_conn.ptnr2_symmetry 
_struct_conn.pdbx_ptnr3_label_atom_id 
_struct_conn.pdbx_ptnr3_label_seq_id 
_struct_conn.pdbx_ptnr3_label_comp_id 
_struct_conn.pdbx_ptnr3_label_asym_id 
_struct_conn.pdbx_ptnr3_label_alt_id 
_struct_conn.pdbx_ptnr3_PDB_ins_code 
_struct_conn.details 
_struct_conn.pdbx_dist_value 
_struct_conn.pdbx_value_order 
_struct_conn.pdbx_role 
hydrog1  hydrog ? ? A G 3  N1 ? ? ? 1_555 B C 23 N3 ? ? A G 3  B C 46 1_555 ? ? ? ? ? ? WATSON-CRICK ? ? ? 
hydrog2  hydrog ? ? A G 3  N2 ? ? ? 1_555 B C 23 O2 ? ? A G 3  B C 46 1_555 ? ? ? ? ? ? WATSON-CRICK ? ? ? 
hydrog3  hydrog ? ? A G 3  O6 ? ? ? 1_555 B C 23 N4 ? ? A G 3  B C 46 1_555 ? ? ? ? ? ? WATSON-CRICK ? ? ? 
hydrog4  hydrog ? ? A C 4  N3 ? ? ? 1_555 B G 22 N1 ? ? A C 4  B G 45 1_555 ? ? ? ? ? ? WATSON-CRICK ? ? ? 
hydrog5  hydrog ? ? A C 4  N4 ? ? ? 1_555 B G 22 O6 ? ? A C 4  B G 45 1_555 ? ? ? ? ? ? WATSON-CRICK ? ? ? 
hydrog6  hydrog ? ? A C 4  O2 ? ? ? 1_555 B G 22 N2 ? ? A C 4  B G 45 1_555 ? ? ? ? ? ? WATSON-CRICK ? ? ? 
hydrog7  hydrog ? ? A G 5  N1 ? ? ? 1_555 B C 21 N3 ? ? A G 5  B C 44 1_555 ? ? ? ? ? ? WATSON-CRICK ? ? ? 
hydrog8  hydrog ? ? A G 5  N2 ? ? ? 1_555 B C 21 O2 ? ? A G 5  B C 44 1_555 ? ? ? ? ? ? WATSON-CRICK ? ? ? 
hydrog9  hydrog ? ? A G 5  O6 ? ? ? 1_555 B C 21 N4 ? ? A G 5  B C 44 1_555 ? ? ? ? ? ? WATSON-CRICK ? ? ? 
hydrog10 hydrog ? ? A U 6  N3 ? ? ? 1_555 B U 20 O2 ? ? A U 6  B U 43 1_555 ? ? ? ? ? ? TYPE_16_PAIR ? ? ? 
hydrog11 hydrog ? ? A U 6  O4 ? ? ? 1_555 B U 20 N3 ? ? A U 6  B U 43 1_555 ? ? ? ? ? ? TYPE_16_PAIR ? ? ? 
hydrog12 hydrog ? ? A C 7  N3 ? ? ? 1_555 B G 19 N1 ? ? A C 7  B G 42 1_555 ? ? ? ? ? ? WATSON-CRICK ? ? ? 
hydrog13 hydrog ? ? A C 7  N4 ? ? ? 1_555 B G 19 O6 ? ? A C 7  B G 42 1_555 ? ? ? ? ? ? WATSON-CRICK ? ? ? 
hydrog14 hydrog ? ? A C 7  O2 ? ? ? 1_555 B G 19 N2 ? ? A C 7  B G 42 1_555 ? ? ? ? ? ? WATSON-CRICK ? ? ? 
hydrog15 hydrog ? ? A C 9  N3 ? ? ? 1_555 B G 16 N1 ? ? A C 9  B G 39 1_555 ? ? ? ? ? ? WATSON-CRICK ? ? ? 
hydrog16 hydrog ? ? A C 9  N4 ? ? ? 1_555 B G 16 O6 ? ? A C 9  B G 39 1_555 ? ? ? ? ? ? WATSON-CRICK ? ? ? 
hydrog17 hydrog ? ? A C 9  O2 ? ? ? 1_555 B G 16 N2 ? ? A C 9  B G 39 1_555 ? ? ? ? ? ? WATSON-CRICK ? ? ? 
hydrog18 hydrog ? ? A G 10 N1 ? ? ? 1_555 B C 15 N3 ? ? A G 10 B C 38 1_555 ? ? ? ? ? ? WATSON-CRICK ? ? ? 
hydrog19 hydrog ? ? A G 10 N2 ? ? ? 1_555 B C 15 O2 ? ? A G 10 B C 38 1_555 ? ? ? ? ? ? WATSON-CRICK ? ? ? 
hydrog20 hydrog ? ? A G 10 O6 ? ? ? 1_555 B C 15 N4 ? ? A G 10 B C 38 1_555 ? ? ? ? ? ? WATSON-CRICK ? ? ? 
hydrog21 hydrog ? ? A C 11 N3 ? ? ? 1_555 B G 14 N1 ? ? A C 11 B G 37 1_555 ? ? ? ? ? ? WATSON-CRICK ? ? ? 
hydrog22 hydrog ? ? A C 11 N4 ? ? ? 1_555 B G 14 O6 ? ? A C 11 B G 37 1_555 ? ? ? ? ? ? WATSON-CRICK ? ? ? 
hydrog23 hydrog ? ? A C 11 O2 ? ? ? 1_555 B G 14 N2 ? ? A C 11 B G 37 1_555 ? ? ? ? ? ? WATSON-CRICK ? ? ? 
hydrog24 hydrog ? ? A C 12 N3 ? ? ? 1_555 B G 13 N1 ? ? A C 12 B G 36 1_555 ? ? ? ? ? ? WATSON-CRICK ? ? ? 
hydrog25 hydrog ? ? A C 12 N4 ? ? ? 1_555 B G 13 O6 ? ? A C 12 B G 36 1_555 ? ? ? ? ? ? WATSON-CRICK ? ? ? 
hydrog26 hydrog ? ? A C 12 O2 ? ? ? 1_555 B G 13 N2 ? ? A C 12 B G 36 1_555 ? ? ? ? ? ? WATSON-CRICK ? ? ? 
hydrog27 hydrog ? ? A G 13 N1 ? ? ? 1_555 B C 12 N3 ? ? A G 13 B C 35 1_555 ? ? ? ? ? ? WATSON-CRICK ? ? ? 
hydrog28 hydrog ? ? A G 13 N2 ? ? ? 1_555 B C 12 O2 ? ? A G 13 B C 35 1_555 ? ? ? ? ? ? WATSON-CRICK ? ? ? 
hydrog29 hydrog ? ? A G 13 O6 ? ? ? 1_555 B C 12 N4 ? ? A G 13 B C 35 1_555 ? ? ? ? ? ? WATSON-CRICK ? ? ? 
hydrog30 hydrog ? ? A G 14 N1 ? ? ? 1_555 B C 11 N3 ? ? A G 14 B C 34 1_555 ? ? ? ? ? ? WATSON-CRICK ? ? ? 
hydrog31 hydrog ? ? A G 14 N2 ? ? ? 1_555 B C 11 O2 ? ? A G 14 B C 34 1_555 ? ? ? ? ? ? WATSON-CRICK ? ? ? 
hydrog32 hydrog ? ? A G 14 O6 ? ? ? 1_555 B C 11 N4 ? ? A G 14 B C 34 1_555 ? ? ? ? ? ? WATSON-CRICK ? ? ? 
hydrog33 hydrog ? ? A C 15 N3 ? ? ? 1_555 B G 10 N1 ? ? A C 15 B G 33 1_555 ? ? ? ? ? ? WATSON-CRICK ? ? ? 
hydrog34 hydrog ? ? A C 15 N4 ? ? ? 1_555 B G 10 O6 ? ? A C 15 B G 33 1_555 ? ? ? ? ? ? WATSON-CRICK ? ? ? 
hydrog35 hydrog ? ? A C 15 O2 ? ? ? 1_555 B G 10 N2 ? ? A C 15 B G 33 1_555 ? ? ? ? ? ? WATSON-CRICK ? ? ? 
hydrog36 hydrog ? ? A G 16 N1 ? ? ? 1_555 B C 9  N3 ? ? A G 16 B C 32 1_555 ? ? ? ? ? ? WATSON-CRICK ? ? ? 
hydrog37 hydrog ? ? A G 16 N2 ? ? ? 1_555 B C 9  O2 ? ? A G 16 B C 32 1_555 ? ? ? ? ? ? WATSON-CRICK ? ? ? 
hydrog38 hydrog ? ? A G 16 O6 ? ? ? 1_555 B C 9  N4 ? ? A G 16 B C 32 1_555 ? ? ? ? ? ? WATSON-CRICK ? ? ? 
hydrog39 hydrog ? ? A G 19 N1 ? ? ? 1_555 B C 7  N3 ? ? A G 19 B C 30 1_555 ? ? ? ? ? ? WATSON-CRICK ? ? ? 
hydrog40 hydrog ? ? A G 19 N2 ? ? ? 1_555 B C 7  O2 ? ? A G 19 B C 30 1_555 ? ? ? ? ? ? WATSON-CRICK ? ? ? 
hydrog41 hydrog ? ? A G 19 O6 ? ? ? 1_555 B C 7  N4 ? ? A G 19 B C 30 1_555 ? ? ? ? ? ? WATSON-CRICK ? ? ? 
hydrog42 hydrog ? ? A U 20 N3 ? ? ? 1_555 B U 6  O2 ? ? A U 20 B U 29 1_555 ? ? ? ? ? ? TYPE_16_PAIR ? ? ? 
hydrog43 hydrog ? ? A U 20 O4 ? ? ? 1_555 B U 6  N3 ? ? A U 20 B U 29 1_555 ? ? ? ? ? ? TYPE_16_PAIR ? ? ? 
hydrog44 hydrog ? ? A C 21 N3 ? ? ? 1_555 B G 5  N1 ? ? A C 21 B G 28 1_555 ? ? ? ? ? ? WATSON-CRICK ? ? ? 
hydrog45 hydrog ? ? A C 21 N4 ? ? ? 1_555 B G 5  O6 ? ? A C 21 B G 28 1_555 ? ? ? ? ? ? WATSON-CRICK ? ? ? 
hydrog46 hydrog ? ? A C 21 O2 ? ? ? 1_555 B G 5  N2 ? ? A C 21 B G 28 1_555 ? ? ? ? ? ? WATSON-CRICK ? ? ? 
hydrog47 hydrog ? ? A G 22 N1 ? ? ? 1_555 B C 4  N3 ? ? A G 22 B C 27 1_555 ? ? ? ? ? ? WATSON-CRICK ? ? ? 
hydrog48 hydrog ? ? A G 22 N2 ? ? ? 1_555 B C 4  O2 ? ? A G 22 B C 27 1_555 ? ? ? ? ? ? WATSON-CRICK ? ? ? 
hydrog49 hydrog ? ? A G 22 O6 ? ? ? 1_555 B C 4  N4 ? ? A G 22 B C 27 1_555 ? ? ? ? ? ? WATSON-CRICK ? ? ? 
hydrog50 hydrog ? ? A C 23 N3 ? ? ? 1_555 B G 3  N1 ? ? A C 23 B G 26 1_555 ? ? ? ? ? ? WATSON-CRICK ? ? ? 
hydrog51 hydrog ? ? A C 23 N4 ? ? ? 1_555 B G 3  O6 ? ? A C 23 B G 26 1_555 ? ? ? ? ? ? WATSON-CRICK ? ? ? 
hydrog52 hydrog ? ? A C 23 O2 ? ? ? 1_555 B G 3  N2 ? ? A C 23 B G 26 1_555 ? ? ? ? ? ? WATSON-CRICK ? ? ? 
# 
_struct_conn_type.id          hydrog 
_struct_conn_type.criteria    ? 
_struct_conn_type.reference   ? 
# 
_struct_site.id                   AC1 
_struct_site.pdbx_evidence_code   Software 
_struct_site.pdbx_auth_asym_id    A 
_struct_site.pdbx_auth_comp_id    FSJ 
_struct_site.pdbx_auth_seq_id     301 
_struct_site.pdbx_auth_ins_code   ? 
_struct_site.pdbx_num_residues    13 
_struct_site.details              'binding site for residue FSJ A 301' 
# 
loop_
_struct_site_gen.id 
_struct_site_gen.site_id 
_struct_site_gen.pdbx_num_res 
_struct_site_gen.label_comp_id 
_struct_site_gen.label_asym_id 
_struct_site_gen.label_seq_id 
_struct_site_gen.pdbx_auth_ins_code 
_struct_site_gen.auth_comp_id 
_struct_site_gen.auth_asym_id 
_struct_site_gen.auth_seq_id 
_struct_site_gen.label_atom_id 
_struct_site_gen.label_alt_id 
_struct_site_gen.symmetry 
_struct_site_gen.details 
1  AC1 13 C   A 4  ? C   A 4   . ? 1_555 ? 
2  AC1 13 G   A 5  ? G   A 5   . ? 1_555 ? 
3  AC1 13 U   A 6  ? U   A 6   . ? 1_555 ? 
4  AC1 13 C   A 7  ? C   A 7   . ? 1_555 ? 
5  AC1 13 A   A 8  ? A   A 8   . ? 1_555 ? 
6  AC1 13 C   A 9  ? C   A 9   . ? 1_555 ? 
7  AC1 13 HOH D .  ? HOH A 401 . ? 1_555 ? 
8  AC1 13 HOH D .  ? HOH A 407 . ? 1_555 ? 
9  AC1 13 G   B 16 ? G   B 39  . ? 1_555 ? 
10 AC1 13 A   B 17 ? A   B 40  . ? 1_555 ? 
11 AC1 13 A   B 18 ? A   B 41  . ? 1_555 ? 
12 AC1 13 G   B 19 ? G   B 42  . ? 1_555 ? 
13 AC1 13 U   B 20 ? U   B 43  . ? 1_555 ? 
# 
loop_
_pdbx_unobs_or_zero_occ_residues.id 
_pdbx_unobs_or_zero_occ_residues.PDB_model_num 
_pdbx_unobs_or_zero_occ_residues.polymer_flag 
_pdbx_unobs_or_zero_occ_residues.occupancy_flag 
_pdbx_unobs_or_zero_occ_residues.auth_asym_id 
_pdbx_unobs_or_zero_occ_residues.auth_comp_id 
_pdbx_unobs_or_zero_occ_residues.auth_seq_id 
_pdbx_unobs_or_zero_occ_residues.PDB_ins_code 
_pdbx_unobs_or_zero_occ_residues.label_asym_id 
_pdbx_unobs_or_zero_occ_residues.label_comp_id 
_pdbx_unobs_or_zero_occ_residues.label_seq_id 
1 1 Y 1 A U 1  ? A U 1  
2 1 Y 1 A U 2  ? A U 2  
3 1 Y 1 A A 17 ? A A 17 
4 1 Y 1 A A 18 ? A A 18 
# 
loop_
_chem_comp_atom.comp_id 
_chem_comp_atom.atom_id 
_chem_comp_atom.type_symbol 
_chem_comp_atom.pdbx_aromatic_flag 
_chem_comp_atom.pdbx_stereo_config 
_chem_comp_atom.pdbx_ordinal 
A   OP3    O N N 1   
A   P      P N N 2   
A   OP1    O N N 3   
A   OP2    O N N 4   
A   "O5'"  O N N 5   
A   "C5'"  C N N 6   
A   "C4'"  C N R 7   
A   "O4'"  O N N 8   
A   "C3'"  C N S 9   
A   "O3'"  O N N 10  
A   "C2'"  C N R 11  
A   "O2'"  O N N 12  
A   "C1'"  C N R 13  
A   N9     N Y N 14  
A   C8     C Y N 15  
A   N7     N Y N 16  
A   C5     C Y N 17  
A   C6     C Y N 18  
A   N6     N N N 19  
A   N1     N Y N 20  
A   C2     C Y N 21  
A   N3     N Y N 22  
A   C4     C Y N 23  
A   HOP3   H N N 24  
A   HOP2   H N N 25  
A   "H5'"  H N N 26  
A   "H5''" H N N 27  
A   "H4'"  H N N 28  
A   "H3'"  H N N 29  
A   "HO3'" H N N 30  
A   "H2'"  H N N 31  
A   "HO2'" H N N 32  
A   "H1'"  H N N 33  
A   H8     H N N 34  
A   H61    H N N 35  
A   H62    H N N 36  
A   H2     H N N 37  
C   OP3    O N N 38  
C   P      P N N 39  
C   OP1    O N N 40  
C   OP2    O N N 41  
C   "O5'"  O N N 42  
C   "C5'"  C N N 43  
C   "C4'"  C N R 44  
C   "O4'"  O N N 45  
C   "C3'"  C N S 46  
C   "O3'"  O N N 47  
C   "C2'"  C N R 48  
C   "O2'"  O N N 49  
C   "C1'"  C N R 50  
C   N1     N N N 51  
C   C2     C N N 52  
C   O2     O N N 53  
C   N3     N N N 54  
C   C4     C N N 55  
C   N4     N N N 56  
C   C5     C N N 57  
C   C6     C N N 58  
C   HOP3   H N N 59  
C   HOP2   H N N 60  
C   "H5'"  H N N 61  
C   "H5''" H N N 62  
C   "H4'"  H N N 63  
C   "H3'"  H N N 64  
C   "HO3'" H N N 65  
C   "H2'"  H N N 66  
C   "HO2'" H N N 67  
C   "H1'"  H N N 68  
C   H41    H N N 69  
C   H42    H N N 70  
C   H5     H N N 71  
C   H6     H N N 72  
FSJ C11    C N S 73  
FSJ C12    C N R 74  
FSJ C13    C N R 75  
FSJ C21    C N R 76  
FSJ C22    C N N 77  
FSJ C23    C N R 78  
FSJ C31    C N N 79  
FSJ C32    C N S 80  
FSJ C33    C N R 81  
FSJ C41    C N N 82  
FSJ C42    C N R 83  
FSJ C43    C N R 84  
FSJ C51    C N N 85  
FSJ C52    C N S 86  
FSJ C53    C N N 87  
FSJ C61    C N N 88  
FSJ C62    C N S 89  
FSJ C83    C N N 90  
FSJ C93    C N N 91  
FSJ N12    N N N 92  
FSJ N21    N N N 93  
FSJ N32    N N N 94  
FSJ N33    N N N 95  
FSJ F61    F N N 96  
FSJ O11    O N N 97  
FSJ O23    O N N 98  
FSJ O43    O N N 99  
FSJ O51    O N N 100 
FSJ O52    O N N 101 
FSJ O53    O N N 102 
FSJ O62    O N N 103 
FSJ H1     H N N 104 
FSJ H2     H N N 105 
FSJ H3     H N N 106 
FSJ H4     H N N 107 
FSJ H5     H N N 108 
FSJ H6     H N N 109 
FSJ H7     H N N 110 
FSJ H8     H N N 111 
FSJ H9     H N N 112 
FSJ H10    H N N 113 
FSJ H11    H N N 114 
FSJ H12    H N N 115 
FSJ H13    H N N 116 
FSJ H14    H N N 117 
FSJ H15    H N N 118 
FSJ H16    H N N 119 
FSJ H17    H N N 120 
FSJ H18    H N N 121 
FSJ H19    H N N 122 
FSJ H20    H N N 123 
FSJ H21    H N N 124 
FSJ H22    H N N 125 
FSJ H23    H N N 126 
FSJ H24    H N N 127 
FSJ H25    H N N 128 
FSJ H26    H N N 129 
FSJ H27    H N N 130 
FSJ H29    H N N 131 
FSJ H30    H N N 132 
FSJ H32    H N N 133 
FSJ H33    H N N 134 
FSJ H35    H N N 135 
FSJ H37    H N N 136 
FSJ H38    H N N 137 
FSJ H39    H N N 138 
G   OP3    O N N 139 
G   P      P N N 140 
G   OP1    O N N 141 
G   OP2    O N N 142 
G   "O5'"  O N N 143 
G   "C5'"  C N N 144 
G   "C4'"  C N R 145 
G   "O4'"  O N N 146 
G   "C3'"  C N S 147 
G   "O3'"  O N N 148 
G   "C2'"  C N R 149 
G   "O2'"  O N N 150 
G   "C1'"  C N R 151 
G   N9     N Y N 152 
G   C8     C Y N 153 
G   N7     N Y N 154 
G   C5     C Y N 155 
G   C6     C N N 156 
G   O6     O N N 157 
G   N1     N N N 158 
G   C2     C N N 159 
G   N2     N N N 160 
G   N3     N N N 161 
G   C4     C Y N 162 
G   HOP3   H N N 163 
G   HOP2   H N N 164 
G   "H5'"  H N N 165 
G   "H5''" H N N 166 
G   "H4'"  H N N 167 
G   "H3'"  H N N 168 
G   "HO3'" H N N 169 
G   "H2'"  H N N 170 
G   "HO2'" H N N 171 
G   "H1'"  H N N 172 
G   H8     H N N 173 
G   H1     H N N 174 
G   H21    H N N 175 
G   H22    H N N 176 
HOH O      O N N 177 
HOH H1     H N N 178 
HOH H2     H N N 179 
U   OP3    O N N 180 
U   P      P N N 181 
U   OP1    O N N 182 
U   OP2    O N N 183 
U   "O5'"  O N N 184 
U   "C5'"  C N N 185 
U   "C4'"  C N R 186 
U   "O4'"  O N N 187 
U   "C3'"  C N S 188 
U   "O3'"  O N N 189 
U   "C2'"  C N R 190 
U   "O2'"  O N N 191 
U   "C1'"  C N R 192 
U   N1     N N N 193 
U   C2     C N N 194 
U   O2     O N N 195 
U   N3     N N N 196 
U   C4     C N N 197 
U   O4     O N N 198 
U   C5     C N N 199 
U   C6     C N N 200 
U   HOP3   H N N 201 
U   HOP2   H N N 202 
U   "H5'"  H N N 203 
U   "H5''" H N N 204 
U   "H4'"  H N N 205 
U   "H3'"  H N N 206 
U   "HO3'" H N N 207 
U   "H2'"  H N N 208 
U   "HO2'" H N N 209 
U   "H1'"  H N N 210 
U   H3     H N N 211 
U   H5     H N N 212 
U   H6     H N N 213 
# 
loop_
_chem_comp_bond.comp_id 
_chem_comp_bond.atom_id_1 
_chem_comp_bond.atom_id_2 
_chem_comp_bond.value_order 
_chem_comp_bond.pdbx_aromatic_flag 
_chem_comp_bond.pdbx_stereo_config 
_chem_comp_bond.pdbx_ordinal 
A   OP3   P      sing N N 1   
A   OP3   HOP3   sing N N 2   
A   P     OP1    doub N N 3   
A   P     OP2    sing N N 4   
A   P     "O5'"  sing N N 5   
A   OP2   HOP2   sing N N 6   
A   "O5'" "C5'"  sing N N 7   
A   "C5'" "C4'"  sing N N 8   
A   "C5'" "H5'"  sing N N 9   
A   "C5'" "H5''" sing N N 10  
A   "C4'" "O4'"  sing N N 11  
A   "C4'" "C3'"  sing N N 12  
A   "C4'" "H4'"  sing N N 13  
A   "O4'" "C1'"  sing N N 14  
A   "C3'" "O3'"  sing N N 15  
A   "C3'" "C2'"  sing N N 16  
A   "C3'" "H3'"  sing N N 17  
A   "O3'" "HO3'" sing N N 18  
A   "C2'" "O2'"  sing N N 19  
A   "C2'" "C1'"  sing N N 20  
A   "C2'" "H2'"  sing N N 21  
A   "O2'" "HO2'" sing N N 22  
A   "C1'" N9     sing N N 23  
A   "C1'" "H1'"  sing N N 24  
A   N9    C8     sing Y N 25  
A   N9    C4     sing Y N 26  
A   C8    N7     doub Y N 27  
A   C8    H8     sing N N 28  
A   N7    C5     sing Y N 29  
A   C5    C6     sing Y N 30  
A   C5    C4     doub Y N 31  
A   C6    N6     sing N N 32  
A   C6    N1     doub Y N 33  
A   N6    H61    sing N N 34  
A   N6    H62    sing N N 35  
A   N1    C2     sing Y N 36  
A   C2    N3     doub Y N 37  
A   C2    H2     sing N N 38  
A   N3    C4     sing Y N 39  
C   OP3   P      sing N N 40  
C   OP3   HOP3   sing N N 41  
C   P     OP1    doub N N 42  
C   P     OP2    sing N N 43  
C   P     "O5'"  sing N N 44  
C   OP2   HOP2   sing N N 45  
C   "O5'" "C5'"  sing N N 46  
C   "C5'" "C4'"  sing N N 47  
C   "C5'" "H5'"  sing N N 48  
C   "C5'" "H5''" sing N N 49  
C   "C4'" "O4'"  sing N N 50  
C   "C4'" "C3'"  sing N N 51  
C   "C4'" "H4'"  sing N N 52  
C   "O4'" "C1'"  sing N N 53  
C   "C3'" "O3'"  sing N N 54  
C   "C3'" "C2'"  sing N N 55  
C   "C3'" "H3'"  sing N N 56  
C   "O3'" "HO3'" sing N N 57  
C   "C2'" "O2'"  sing N N 58  
C   "C2'" "C1'"  sing N N 59  
C   "C2'" "H2'"  sing N N 60  
C   "O2'" "HO2'" sing N N 61  
C   "C1'" N1     sing N N 62  
C   "C1'" "H1'"  sing N N 63  
C   N1    C2     sing N N 64  
C   N1    C6     sing N N 65  
C   C2    O2     doub N N 66  
C   C2    N3     sing N N 67  
C   N3    C4     doub N N 68  
C   C4    N4     sing N N 69  
C   C4    C5     sing N N 70  
C   N4    H41    sing N N 71  
C   N4    H42    sing N N 72  
C   C5    C6     doub N N 73  
C   C5    H5     sing N N 74  
C   C6    H6     sing N N 75  
FSJ C93   N33    sing N N 76  
FSJ N33   C33    sing N N 77  
FSJ O23   C23    sing N N 78  
FSJ C33   C23    sing N N 79  
FSJ C33   C43    sing N N 80  
FSJ C23   C13    sing N N 81  
FSJ C83   C43    sing N N 82  
FSJ O43   C43    sing N N 83  
FSJ C43   C53    sing N N 84  
FSJ N12   C12    sing N N 85  
FSJ O62   C13    sing N N 86  
FSJ O62   C62    sing N N 87  
FSJ C13   O53    sing N N 88  
FSJ C12   C62    sing N N 89  
FSJ C12   C22    sing N N 90  
FSJ C53   O53    sing N N 91  
FSJ C62   C52    sing N N 92  
FSJ C22   C32    sing N N 93  
FSJ C52   O52    sing N N 94  
FSJ C52   C42    sing N N 95  
FSJ C32   C42    sing N N 96  
FSJ C32   N32    sing N N 97  
FSJ C42   O11    sing N N 98  
FSJ N21   C21    sing N N 99  
FSJ O11   C11    sing N N 100 
FSJ C21   C31    sing N N 101 
FSJ C21   C11    sing N N 102 
FSJ C31   C41    sing N N 103 
FSJ C11   O51    sing N N 104 
FSJ C41   C51    doub N N 105 
FSJ O51   C51    sing N N 106 
FSJ C51   C61    sing N N 107 
FSJ C61   F61    sing N N 108 
FSJ C11   H1     sing N N 109 
FSJ C12   H2     sing N N 110 
FSJ C13   H3     sing N N 111 
FSJ C21   H4     sing N N 112 
FSJ C22   H5     sing N N 113 
FSJ C22   H6     sing N N 114 
FSJ C23   H7     sing N N 115 
FSJ C31   H8     sing N N 116 
FSJ C31   H9     sing N N 117 
FSJ C32   H10    sing N N 118 
FSJ C33   H11    sing N N 119 
FSJ C41   H12    sing N N 120 
FSJ C42   H13    sing N N 121 
FSJ C52   H14    sing N N 122 
FSJ C53   H15    sing N N 123 
FSJ C53   H16    sing N N 124 
FSJ C61   H17    sing N N 125 
FSJ C61   H18    sing N N 126 
FSJ C62   H19    sing N N 127 
FSJ C83   H20    sing N N 128 
FSJ C83   H21    sing N N 129 
FSJ C83   H22    sing N N 130 
FSJ C93   H23    sing N N 131 
FSJ C93   H24    sing N N 132 
FSJ C93   H25    sing N N 133 
FSJ N12   H26    sing N N 134 
FSJ N12   H27    sing N N 135 
FSJ N21   H29    sing N N 136 
FSJ N21   H30    sing N N 137 
FSJ N32   H32    sing N N 138 
FSJ N32   H33    sing N N 139 
FSJ N33   H35    sing N N 140 
FSJ O23   H37    sing N N 141 
FSJ O43   H38    sing N N 142 
FSJ O52   H39    sing N N 143 
G   OP3   P      sing N N 144 
G   OP3   HOP3   sing N N 145 
G   P     OP1    doub N N 146 
G   P     OP2    sing N N 147 
G   P     "O5'"  sing N N 148 
G   OP2   HOP2   sing N N 149 
G   "O5'" "C5'"  sing N N 150 
G   "C5'" "C4'"  sing N N 151 
G   "C5'" "H5'"  sing N N 152 
G   "C5'" "H5''" sing N N 153 
G   "C4'" "O4'"  sing N N 154 
G   "C4'" "C3'"  sing N N 155 
G   "C4'" "H4'"  sing N N 156 
G   "O4'" "C1'"  sing N N 157 
G   "C3'" "O3'"  sing N N 158 
G   "C3'" "C2'"  sing N N 159 
G   "C3'" "H3'"  sing N N 160 
G   "O3'" "HO3'" sing N N 161 
G   "C2'" "O2'"  sing N N 162 
G   "C2'" "C1'"  sing N N 163 
G   "C2'" "H2'"  sing N N 164 
G   "O2'" "HO2'" sing N N 165 
G   "C1'" N9     sing N N 166 
G   "C1'" "H1'"  sing N N 167 
G   N9    C8     sing Y N 168 
G   N9    C4     sing Y N 169 
G   C8    N7     doub Y N 170 
G   C8    H8     sing N N 171 
G   N7    C5     sing Y N 172 
G   C5    C6     sing N N 173 
G   C5    C4     doub Y N 174 
G   C6    O6     doub N N 175 
G   C6    N1     sing N N 176 
G   N1    C2     sing N N 177 
G   N1    H1     sing N N 178 
G   C2    N2     sing N N 179 
G   C2    N3     doub N N 180 
G   N2    H21    sing N N 181 
G   N2    H22    sing N N 182 
G   N3    C4     sing N N 183 
HOH O     H1     sing N N 184 
HOH O     H2     sing N N 185 
U   OP3   P      sing N N 186 
U   OP3   HOP3   sing N N 187 
U   P     OP1    doub N N 188 
U   P     OP2    sing N N 189 
U   P     "O5'"  sing N N 190 
U   OP2   HOP2   sing N N 191 
U   "O5'" "C5'"  sing N N 192 
U   "C5'" "C4'"  sing N N 193 
U   "C5'" "H5'"  sing N N 194 
U   "C5'" "H5''" sing N N 195 
U   "C4'" "O4'"  sing N N 196 
U   "C4'" "C3'"  sing N N 197 
U   "C4'" "H4'"  sing N N 198 
U   "O4'" "C1'"  sing N N 199 
U   "C3'" "O3'"  sing N N 200 
U   "C3'" "C2'"  sing N N 201 
U   "C3'" "H3'"  sing N N 202 
U   "O3'" "HO3'" sing N N 203 
U   "C2'" "O2'"  sing N N 204 
U   "C2'" "C1'"  sing N N 205 
U   "C2'" "H2'"  sing N N 206 
U   "O2'" "HO2'" sing N N 207 
U   "C1'" N1     sing N N 208 
U   "C1'" "H1'"  sing N N 209 
U   N1    C2     sing N N 210 
U   N1    C6     sing N N 211 
U   C2    O2     doub N N 212 
U   C2    N3     sing N N 213 
U   N3    C4     sing N N 214 
U   N3    H3     sing N N 215 
U   C4    O4     doub N N 216 
U   C4    C5     sing N N 217 
U   C5    C6     doub N N 218 
U   C5    H5     sing N N 219 
U   C6    H6     sing N N 220 
# 
loop_
_ndb_struct_conf_na.entry_id 
_ndb_struct_conf_na.feature 
5Z1H 'double helix'         
5Z1H 'a-form double helix'  
5Z1H 'mismatched base pair' 
# 
loop_
_ndb_struct_na_base_pair.model_number 
_ndb_struct_na_base_pair.i_label_asym_id 
_ndb_struct_na_base_pair.i_label_comp_id 
_ndb_struct_na_base_pair.i_label_seq_id 
_ndb_struct_na_base_pair.i_symmetry 
_ndb_struct_na_base_pair.j_label_asym_id 
_ndb_struct_na_base_pair.j_label_comp_id 
_ndb_struct_na_base_pair.j_label_seq_id 
_ndb_struct_na_base_pair.j_symmetry 
_ndb_struct_na_base_pair.shear 
_ndb_struct_na_base_pair.stretch 
_ndb_struct_na_base_pair.stagger 
_ndb_struct_na_base_pair.buckle 
_ndb_struct_na_base_pair.propeller 
_ndb_struct_na_base_pair.opening 
_ndb_struct_na_base_pair.pair_number 
_ndb_struct_na_base_pair.pair_name 
_ndb_struct_na_base_pair.i_auth_asym_id 
_ndb_struct_na_base_pair.i_auth_seq_id 
_ndb_struct_na_base_pair.i_PDB_ins_code 
_ndb_struct_na_base_pair.j_auth_asym_id 
_ndb_struct_na_base_pair.j_auth_seq_id 
_ndb_struct_na_base_pair.j_PDB_ins_code 
_ndb_struct_na_base_pair.hbond_type_28 
_ndb_struct_na_base_pair.hbond_type_12 
1 A G 3  1_555 B C 23 1_555 -1.486 0.104  -0.286 -7.847 0.017   2.995  1  A_G3:C46_B  A 3  ? B 46 ? 19 1 
1 A C 4  1_555 B G 22 1_555 0.143  -0.049 0.060  5.564  -10.717 2.805  2  A_C4:G45_B  A 4  ? B 45 ? 19 1 
1 A G 5  1_555 B C 21 1_555 -0.387 -0.092 -0.277 -3.056 -10.621 4.354  3  A_G5:C44_B  A 5  ? B 44 ? 19 1 
1 A U 6  1_555 B U 20 1_555 -2.286 -1.755 -0.303 3.689  -9.094  -1.196 4  A_U6:U43_B  A 6  ? B 43 ? 16 1 
1 A C 7  1_555 B G 19 1_555 0.185  -0.177 -0.178 0.338  -0.497  -2.808 5  A_C7:G42_B  A 7  ? B 42 ? 19 1 
1 A C 9  1_555 B G 16 1_555 0.328  -0.235 -0.269 11.494 -13.967 -0.001 6  A_C9:G39_B  A 9  ? B 39 ? 19 1 
1 A G 10 1_555 B C 15 1_555 -0.285 -0.305 0.004  -0.673 -15.814 0.692  7  A_G10:C38_B A 10 ? B 38 ? 19 1 
1 A C 11 1_555 B G 14 1_555 0.497  0.179  -0.069 4.911  -20.027 8.672  8  A_C11:G37_B A 11 ? B 37 ? 19 1 
1 A C 12 1_555 B G 13 1_555 0.122  -0.014 0.191  -0.927 -10.453 -0.045 9  A_C12:G36_B A 12 ? B 36 ? 19 1 
1 A G 13 1_555 B C 12 1_555 -0.428 -0.049 0.215  5.709  -13.118 2.275  10 A_G13:C35_B A 13 ? B 35 ? 19 1 
1 A G 14 1_555 B C 11 1_555 -0.415 -0.209 -0.074 -4.341 -21.365 0.972  11 A_G14:C34_B A 14 ? B 34 ? 19 1 
1 A C 15 1_555 B G 10 1_555 0.581  0.004  0.145  -0.180 -17.432 6.657  12 A_C15:G33_B A 15 ? B 33 ? 19 1 
1 A G 16 1_555 B C 9  1_555 0.194  -0.036 0.141  -5.268 -13.051 -0.169 13 A_G16:C32_B A 16 ? B 32 ? 19 1 
1 A G 19 1_555 B C 7  1_555 0.321  -0.113 0.285  0.356  -7.710  -0.502 14 A_G19:C30_B A 19 ? B 30 ? 19 1 
1 A U 20 1_555 B U 6  1_555 -0.766 -1.766 0.396  -1.132 -19.651 3.811  15 A_U20:U29_B A 20 ? B 29 ? 16 1 
1 A C 21 1_555 B G 5  1_555 0.680  -0.199 0.201  -3.330 -11.668 2.938  16 A_C21:G28_B A 21 ? B 28 ? 19 1 
1 A G 22 1_555 B C 4  1_555 0.815  0.026  -0.176 -6.694 -4.210  3.267  17 A_G22:C27_B A 22 ? B 27 ? 19 1 
1 A C 23 1_555 B G 3  1_555 0.597  -0.059 -0.184 4.302  -6.681  1.922  18 A_C23:G26_B A 23 ? B 26 ? 19 1 
# 
loop_
_ndb_struct_na_base_pair_step.model_number 
_ndb_struct_na_base_pair_step.i_label_asym_id_1 
_ndb_struct_na_base_pair_step.i_label_comp_id_1 
_ndb_struct_na_base_pair_step.i_label_seq_id_1 
_ndb_struct_na_base_pair_step.i_symmetry_1 
_ndb_struct_na_base_pair_step.j_label_asym_id_1 
_ndb_struct_na_base_pair_step.j_label_comp_id_1 
_ndb_struct_na_base_pair_step.j_label_seq_id_1 
_ndb_struct_na_base_pair_step.j_symmetry_1 
_ndb_struct_na_base_pair_step.i_label_asym_id_2 
_ndb_struct_na_base_pair_step.i_label_comp_id_2 
_ndb_struct_na_base_pair_step.i_label_seq_id_2 
_ndb_struct_na_base_pair_step.i_symmetry_2 
_ndb_struct_na_base_pair_step.j_label_asym_id_2 
_ndb_struct_na_base_pair_step.j_label_comp_id_2 
_ndb_struct_na_base_pair_step.j_label_seq_id_2 
_ndb_struct_na_base_pair_step.j_symmetry_2 
_ndb_struct_na_base_pair_step.shift 
_ndb_struct_na_base_pair_step.slide 
_ndb_struct_na_base_pair_step.rise 
_ndb_struct_na_base_pair_step.tilt 
_ndb_struct_na_base_pair_step.roll 
_ndb_struct_na_base_pair_step.twist 
_ndb_struct_na_base_pair_step.x_displacement 
_ndb_struct_na_base_pair_step.y_displacement 
_ndb_struct_na_base_pair_step.helical_rise 
_ndb_struct_na_base_pair_step.inclination 
_ndb_struct_na_base_pair_step.tip 
_ndb_struct_na_base_pair_step.helical_twist 
_ndb_struct_na_base_pair_step.step_number 
_ndb_struct_na_base_pair_step.step_name 
_ndb_struct_na_base_pair_step.i_auth_asym_id_1 
_ndb_struct_na_base_pair_step.i_auth_seq_id_1 
_ndb_struct_na_base_pair_step.i_PDB_ins_code_1 
_ndb_struct_na_base_pair_step.j_auth_asym_id_1 
_ndb_struct_na_base_pair_step.j_auth_seq_id_1 
_ndb_struct_na_base_pair_step.j_PDB_ins_code_1 
_ndb_struct_na_base_pair_step.i_auth_asym_id_2 
_ndb_struct_na_base_pair_step.i_auth_seq_id_2 
_ndb_struct_na_base_pair_step.i_PDB_ins_code_2 
_ndb_struct_na_base_pair_step.j_auth_asym_id_2 
_ndb_struct_na_base_pair_step.j_auth_seq_id_2 
_ndb_struct_na_base_pair_step.j_PDB_ins_code_2 
1 A G 3  1_555 B C 23 1_555 A C 4  1_555 B G 22 1_555 -0.424 -1.503 3.145 -4.819 4.799  34.152 -3.200 0.019  2.944 8.072  8.105  
34.803 1  AA_G3C4:G45C46_BB   A 3  ? B 46 ? A 4  ? B 45 ? 
1 A C 4  1_555 B G 22 1_555 A G 5  1_555 B C 21 1_555 0.143  -1.531 3.313 -0.191 13.443 30.958 -4.660 -0.276 2.455 23.826 0.339  
33.686 2  AA_C4G5:C44G45_BB   A 4  ? B 45 ? A 5  ? B 44 ? 
1 A G 5  1_555 B C 21 1_555 A U 6  1_555 B U 20 1_555 -0.254 -1.905 3.068 -3.719 1.622  24.708 -4.841 -0.436 2.944 3.758  8.617  
25.034 3  AA_G5U6:U43C44_BB   A 5  ? B 44 ? A 6  ? B 43 ? 
1 A U 6  1_555 B U 20 1_555 A C 7  1_555 B G 19 1_555 0.550  -2.215 3.575 -2.218 -0.609 44.031 -2.888 -0.961 3.574 -0.812 2.956  
44.088 4  AA_U6C7:G42U43_BB   A 6  ? B 43 ? A 7  ? B 42 ? 
1 A C 9  1_555 B G 16 1_555 A G 10 1_555 B C 15 1_555 -0.200 -1.572 3.485 -2.866 13.612 29.902 -5.029 -0.122 2.556 24.764 5.215  
32.912 5  AA_C9G10:C38G39_BB  A 9  ? B 39 ? A 10 ? B 38 ? 
1 A G 10 1_555 B C 15 1_555 A C 11 1_555 B G 14 1_555 1.341  -1.760 3.086 4.581  2.617  33.492 -3.418 -1.600 3.095 4.507  -7.888 
33.893 6  AA_G10C11:G37C38_BB A 10 ? B 38 ? A 11 ? B 37 ? 
1 A C 11 1_555 B G 14 1_555 A C 12 1_555 B G 13 1_555 -1.282 -1.981 3.457 -4.930 6.848  28.153 -5.411 1.448  3.076 13.694 9.859  
29.366 7  AA_C11C12:G36G37_BB A 11 ? B 37 ? A 12 ? B 36 ? 
1 A C 12 1_555 B G 13 1_555 A G 13 1_555 B C 12 1_555 -0.301 -1.461 2.964 -1.569 8.911  27.706 -4.546 0.310  2.401 18.010 3.171  
29.119 8  AA_C12G13:C35G36_BB A 12 ? B 36 ? A 13 ? B 35 ? 
1 A G 13 1_555 B C 12 1_555 A G 14 1_555 B C 11 1_555 -0.117 -1.248 3.377 -0.580 12.931 33.889 -3.767 0.108  2.737 21.246 0.954  
36.209 9  AA_G13G14:C34C35_BB A 13 ? B 35 ? A 14 ? B 34 ? 
1 A G 14 1_555 B C 11 1_555 A C 15 1_555 B G 10 1_555 0.542  -1.068 3.122 0.946  6.119  38.036 -2.326 -0.712 2.933 9.313  -1.439 
38.519 10 AA_G14C15:G33C34_BB A 14 ? B 34 ? A 15 ? B 33 ? 
1 A C 15 1_555 B G 10 1_555 A G 16 1_555 B C 9  1_555 0.015  -1.698 3.160 1.429  15.095 27.403 -5.556 0.200  1.976 29.202 -2.765 
31.248 11 AA_C15G16:C32G33_BB A 15 ? B 33 ? A 16 ? B 32 ? 
1 A G 16 1_555 B C 9  1_555 A G 19 1_555 B C 7  1_555 -0.646 -2.505 5.892 -3.768 14.631 65.834 -3.243 0.329  5.323 13.280 3.420  
67.355 12 AA_G16G19:C30C32_BB A 16 ? B 32 ? A 19 ? B 30 ? 
1 A G 19 1_555 B C 7  1_555 A U 20 1_555 B U 6  1_555 0.373  -1.804 3.008 -0.653 7.732  36.489 -3.707 -0.659 2.579 12.179 1.029  
37.278 13 AA_G19U20:U29C30_BB A 19 ? B 30 ? A 20 ? B 29 ? 
1 A U 20 1_555 B U 6  1_555 A C 21 1_555 B G 5  1_555 -0.456 -0.981 3.283 0.041  2.186  43.661 -1.526 0.617  3.232 2.937  -0.056 
43.713 14 AA_U20C21:G28U29_BB A 20 ? B 29 ? A 21 ? B 28 ? 
1 A C 21 1_555 B G 5  1_555 A G 22 1_555 B C 4  1_555 -0.386 -1.645 3.101 4.785  10.469 32.084 -4.253 1.318  2.383 18.225 -8.330 
34.035 15 AA_C21G22:C27G28_BB A 21 ? B 28 ? A 22 ? B 27 ? 
1 A G 22 1_555 B C 4  1_555 A C 23 1_555 B G 3  1_555 -0.051 -1.292 3.051 0.818  0.913  31.256 -2.556 0.238  3.011 1.694  -1.518 
31.280 16 AA_G22C23:G26C27_BB A 22 ? B 27 ? A 23 ? B 26 ? 
# 
_pdbx_audit_support.funding_organization   'Ministry of Education, Culture, Sports, Science and Technology (Japan)' 
_pdbx_audit_support.country                Japan 
_pdbx_audit_support.grant_number           17K08248 
_pdbx_audit_support.ordinal                1 
# 
_atom_sites.entry_id                    5Z1H 
_atom_sites.fract_transf_matrix[1][1]   -0.02107163 
_atom_sites.fract_transf_matrix[1][2]   0.00885130 
_atom_sites.fract_transf_matrix[1][3]   -0.00497178 
_atom_sites.fract_transf_matrix[2][1]   -0.00789771 
_atom_sites.fract_transf_matrix[2][2]   -0.00165112 
_atom_sites.fract_transf_matrix[2][3]   0.03053293 
_atom_sites.fract_transf_matrix[3][1]   0.00597054 
_atom_sites.fract_transf_matrix[3][2]   0.02047401 
_atom_sites.fract_transf_matrix[3][3]   0.00265152 
_atom_sites.fract_transf_vector[1]      0.250472 
_atom_sites.fract_transf_vector[2]      -0.081190 
_atom_sites.fract_transf_vector[3]      0.162991 
# 
loop_
_atom_type.symbol 
C 
F 
N 
O 
P 
# 
loop_
_atom_site.group_PDB 
_atom_site.id 
_atom_site.type_symbol 
_atom_site.label_atom_id 
_atom_site.label_alt_id 
_atom_site.label_comp_id 
_atom_site.label_asym_id 
_atom_site.label_entity_id 
_atom_site.label_seq_id 
_atom_site.pdbx_PDB_ins_code 
_atom_site.Cartn_x 
_atom_site.Cartn_y 
_atom_site.Cartn_z 
_atom_site.occupancy 
_atom_site.B_iso_or_equiv 
_atom_site.pdbx_formal_charge 
_atom_site.auth_seq_id 
_atom_site.auth_comp_id 
_atom_site.auth_asym_id 
_atom_site.auth_atom_id 
_atom_site.pdbx_PDB_model_num 
ATOM   1    P P     . G   A 1 3  ? -11.926 -19.422 -12.781 1.00 78.77  ? 3   G   A P     1 
ATOM   2    O OP1   . G   A 1 3  ? -12.574 -20.430 -13.729 1.00 70.21  ? 3   G   A OP1   1 
ATOM   3    O OP2   . G   A 1 3  ? -11.301 -18.231 -13.500 1.00 66.94  ? 3   G   A OP2   1 
ATOM   4    O "O5'" . G   A 1 3  ? -10.679 -20.207 -12.085 1.00 70.23  ? 3   G   A "O5'" 1 
ATOM   5    C "C5'" . G   A 1 3  ? -10.903 -21.298 -11.173 1.00 63.90  ? 3   G   A "C5'" 1 
ATOM   6    C "C4'" . G   A 1 3  ? -9.679  -22.179 -11.111 1.00 58.52  ? 3   G   A "C4'" 1 
ATOM   7    O "O4'" . G   A 1 3  ? -9.389  -22.670 -12.447 1.00 60.10  ? 3   G   A "O4'" 1 
ATOM   8    C "C3'" . G   A 1 3  ? -8.396  -21.479 -10.692 1.00 54.81  ? 3   G   A "C3'" 1 
ATOM   9    O "O3'" . G   A 1 3  ? -8.280  -21.382 -9.275  1.00 51.92  ? 3   G   A "O3'" 1 
ATOM   10   C "C2'" . G   A 1 3  ? -7.329  -22.371 -11.311 1.00 54.28  ? 3   G   A "C2'" 1 
ATOM   11   O "O2'" . G   A 1 3  ? -7.097  -23.547 -10.563 1.00 60.63  ? 3   G   A "O2'" 1 
ATOM   12   C "C1'" . G   A 1 3  ? -7.984  -22.730 -12.646 1.00 55.38  ? 3   G   A "C1'" 1 
ATOM   13   N N9    . G   A 1 3  ? -7.636  -21.815 -13.731 1.00 56.90  ? 3   G   A N9    1 
ATOM   14   C C8    . G   A 1 3  ? -8.454  -20.883 -14.327 1.00 55.42  ? 3   G   A C8    1 
ATOM   15   N N7    . G   A 1 3  ? -7.859  -20.207 -15.272 1.00 55.76  ? 3   G   A N7    1 
ATOM   16   C C5    . G   A 1 3  ? -6.569  -20.721 -15.304 1.00 51.18  ? 3   G   A C5    1 
ATOM   17   C C6    . G   A 1 3  ? -5.460  -20.378 -16.128 1.00 51.76  ? 3   G   A C6    1 
ATOM   18   O O6    . G   A 1 3  ? -5.395  -19.519 -17.020 1.00 49.30  ? 3   G   A O6    1 
ATOM   19   N N1    . G   A 1 3  ? -4.342  -21.151 -15.827 1.00 52.95  ? 3   G   A N1    1 
ATOM   20   C C2    . G   A 1 3  ? -4.293  -22.123 -14.857 1.00 53.06  ? 3   G   A C2    1 
ATOM   21   N N2    . G   A 1 3  ? -3.120  -22.755 -14.710 1.00 57.13  ? 3   G   A N2    1 
ATOM   22   N N3    . G   A 1 3  ? -5.318  -22.452 -14.085 1.00 53.53  ? 3   G   A N3    1 
ATOM   23   C C4    . G   A 1 3  ? -6.415  -21.716 -14.360 1.00 52.50  ? 3   G   A C4    1 
ATOM   24   P P     . C   A 1 4  ? -7.482  -20.145 -8.632  1.00 47.80  ? 4   C   A P     1 
ATOM   25   O OP1   . C   A 1 4  ? -7.623  -20.214 -7.153  1.00 49.13  ? 4   C   A OP1   1 
ATOM   26   O OP2   . C   A 1 4  ? -7.892  -18.907 -9.349  1.00 49.28  ? 4   C   A OP2   1 
ATOM   27   O "O5'" . C   A 1 4  ? -5.966  -20.456 -9.001  1.00 49.90  ? 4   C   A "O5'" 1 
ATOM   28   C "C5'" . C   A 1 4  ? -5.311  -21.604 -8.470  1.00 49.81  ? 4   C   A "C5'" 1 
ATOM   29   C "C4'" . C   A 1 4  ? -3.900  -21.699 -8.994  1.00 47.12  ? 4   C   A "C4'" 1 
ATOM   30   O "O4'" . C   A 1 4  ? -3.927  -21.949 -10.429 1.00 49.36  ? 4   C   A "O4'" 1 
ATOM   31   C "C3'" . C   A 1 4  ? -3.061  -20.438 -8.872  1.00 43.75  ? 4   C   A "C3'" 1 
ATOM   32   O "O3'" . C   A 1 4  ? -2.560  -20.227 -7.557  1.00 38.03  ? 4   C   A "O3'" 1 
ATOM   33   C "C2'" . C   A 1 4  ? -1.981  -20.686 -9.917  1.00 45.73  ? 4   C   A "C2'" 1 
ATOM   34   O "O2'" . C   A 1 4  ? -0.961  -21.572 -9.500  1.00 43.50  ? 4   C   A "O2'" 1 
ATOM   35   C "C1'" . C   A 1 4  ? -2.807  -21.320 -11.040 1.00 47.35  ? 4   C   A "C1'" 1 
ATOM   36   N N1    . C   A 1 4  ? -3.290  -20.292 -11.978 1.00 47.48  ? 4   C   A N1    1 
ATOM   37   C C2    . C   A 1 4  ? -2.412  -19.821 -12.967 1.00 45.73  ? 4   C   A C2    1 
ATOM   38   O O2    . C   A 1 4  ? -1.282  -20.321 -13.059 1.00 45.87  ? 4   C   A O2    1 
ATOM   39   N N3    . C   A 1 4  ? -2.818  -18.834 -13.797 1.00 46.80  ? 4   C   A N3    1 
ATOM   40   C C4    . C   A 1 4  ? -4.046  -18.328 -13.682 1.00 45.16  ? 4   C   A C4    1 
ATOM   41   N N4    . C   A 1 4  ? -4.392  -17.347 -14.521 1.00 44.93  ? 4   C   A N4    1 
ATOM   42   C C5    . C   A 1 4  ? -4.972  -18.804 -12.703 1.00 46.91  ? 4   C   A C5    1 
ATOM   43   C C6    . C   A 1 4  ? -4.556  -19.779 -11.881 1.00 47.44  ? 4   C   A C6    1 
ATOM   44   P P     . G   A 1 5  ? -2.273  -18.721 -7.047  1.00 44.82  ? 5   G   A P     1 
ATOM   45   O OP1   . G   A 1 5  ? -2.003  -18.722 -5.588  1.00 38.89  ? 5   G   A OP1   1 
ATOM   46   O OP2   . G   A 1 5  ? -3.336  -17.845 -7.591  1.00 44.08  ? 5   G   A OP2   1 
ATOM   47   O "O5'" . G   A 1 5  ? -0.930  -18.311 -7.792  1.00 49.47  ? 5   G   A "O5'" 1 
ATOM   48   C "C5'" . G   A 1 5  ? 0.319   -18.874 -7.419  1.00 40.84  ? 5   G   A "C5'" 1 
ATOM   49   C "C4'" . G   A 1 5  ? 1.389   -18.416 -8.378  1.00 44.12  ? 5   G   A "C4'" 1 
ATOM   50   O "O4'" . G   A 1 5  ? 1.069   -18.897 -9.716  1.00 46.89  ? 5   G   A "O4'" 1 
ATOM   51   C "C3'" . G   A 1 5  ? 1.528   -16.911 -8.563  1.00 39.86  ? 5   G   A "C3'" 1 
ATOM   52   O "O3'" . G   A 1 5  ? 2.322   -16.325 -7.549  1.00 31.90  ? 5   G   A "O3'" 1 
ATOM   53   C "C2'" . G   A 1 5  ? 2.226   -16.845 -9.913  1.00 42.31  ? 5   G   A "C2'" 1 
ATOM   54   O "O2'" . G   A 1 5  ? 3.596   -17.186 -9.870  1.00 41.38  ? 5   G   A "O2'" 1 
ATOM   55   C "C1'" . G   A 1 5  ? 1.472   -17.930 -10.677 1.00 45.29  ? 5   G   A "C1'" 1 
ATOM   56   N N9    . G   A 1 5  ? 0.288   -17.345 -11.300 1.00 40.97  ? 5   G   A N9    1 
ATOM   57   C C8    . G   A 1 5  ? -1.029  -17.484 -10.928 1.00 39.22  ? 5   G   A C8    1 
ATOM   58   N N7    . G   A 1 5  ? -1.841  -16.770 -11.657 1.00 39.02  ? 5   G   A N7    1 
ATOM   59   C C5    . G   A 1 5  ? -1.012  -16.136 -12.571 1.00 36.44  ? 5   G   A C5    1 
ATOM   60   C C6    . G   A 1 5  ? -1.315  -15.217 -13.614 1.00 36.39  ? 5   G   A C6    1 
ATOM   61   O O6    . G   A 1 5  ? -2.420  -14.779 -13.961 1.00 34.66  ? 5   G   A O6    1 
ATOM   62   N N1    . G   A 1 5  ? -0.166  -14.807 -14.285 1.00 34.31  ? 5   G   A N1    1 
ATOM   63   C C2    . G   A 1 5  ? 1.109   -15.233 -13.995 1.00 37.36  ? 5   G   A C2    1 
ATOM   64   N N2    . G   A 1 5  ? 2.092   -14.721 -14.739 1.00 33.75  ? 5   G   A N2    1 
ATOM   65   N N3    . G   A 1 5  ? 1.399   -16.096 -13.039 1.00 35.40  ? 5   G   A N3    1 
ATOM   66   C C4    . G   A 1 5  ? 0.301   -16.495 -12.369 1.00 32.43  ? 5   G   A C4    1 
ATOM   67   P P     . U   A 1 6  ? 2.190   -14.761 -7.249  1.00 38.18  ? 6   U   A P     1 
ATOM   68   O OP1   . U   A 1 6  ? 3.030   -14.435 -6.057  1.00 37.25  ? 6   U   A OP1   1 
ATOM   69   O OP2   . U   A 1 6  ? 0.735   -14.432 -7.231  1.00 36.83  ? 6   U   A OP2   1 
ATOM   70   O "O5'" . U   A 1 6  ? 2.863   -14.055 -8.517  1.00 36.60  ? 6   U   A "O5'" 1 
ATOM   71   C "C5'" . U   A 1 6  ? 4.252   -14.203 -8.768  1.00 39.02  ? 6   U   A "C5'" 1 
ATOM   72   C "C4'" . U   A 1 6  ? 4.692   -13.356 -9.944  1.00 40.09  ? 6   U   A "C4'" 1 
ATOM   73   O "O4'" . U   A 1 6  ? 4.056   -13.806 -11.178 1.00 36.89  ? 6   U   A "O4'" 1 
ATOM   74   C "C3'" . U   A 1 6  ? 4.379   -11.870 -9.905  1.00 36.72  ? 6   U   A "C3'" 1 
ATOM   75   O "O3'" . U   A 1 6  ? 5.280   -11.156 -9.075  1.00 36.39  ? 6   U   A "O3'" 1 
ATOM   76   C "C2'" . U   A 1 6  ? 4.559   -11.494 -11.373 1.00 36.20  ? 6   U   A "C2'" 1 
ATOM   77   O "O2'" . U   A 1 6  ? 5.905   -11.397 -11.780 1.00 40.25  ? 6   U   A "O2'" 1 
ATOM   78   C "C1'" . U   A 1 6  ? 3.916   -12.696 -12.064 1.00 37.86  ? 6   U   A "C1'" 1 
ATOM   79   N N1    . U   A 1 6  ? 2.485   -12.434 -12.310 1.00 31.72  ? 6   U   A N1    1 
ATOM   80   C C2    . U   A 1 6  ? 2.174   -11.583 -13.363 1.00 30.72  ? 6   U   A C2    1 
ATOM   81   O O2    . U   A 1 6  ? 3.027   -11.081 -14.081 1.00 28.84  ? 6   U   A O2    1 
ATOM   82   N N3    . U   A 1 6  ? 0.831   -11.336 -13.537 1.00 29.87  ? 6   U   A N3    1 
ATOM   83   C C4    . U   A 1 6  ? -0.211  -11.843 -12.785 1.00 26.42  ? 6   U   A C4    1 
ATOM   84   O O4    . U   A 1 6  ? -1.370  -11.497 -13.045 1.00 26.70  ? 6   U   A O4    1 
ATOM   85   C C5    . U   A 1 6  ? 0.190   -12.725 -11.721 1.00 30.28  ? 6   U   A C5    1 
ATOM   86   C C6    . U   A 1 6  ? 1.485   -12.984 -11.526 1.00 28.25  ? 6   U   A C6    1 
ATOM   87   P P     . C   A 1 7  ? 4.762   -9.885  -8.240  1.00 35.83  ? 7   C   A P     1 
ATOM   88   O OP1   . C   A 1 7  ? 5.894   -9.353  -7.433  1.00 37.17  ? 7   C   A OP1   1 
ATOM   89   O OP2   . C   A 1 7  ? 3.502   -10.286 -7.562  1.00 41.88  ? 7   C   A OP2   1 
ATOM   90   O "O5'" . C   A 1 7  ? 4.424   -8.801  -9.350  1.00 38.80  ? 7   C   A "O5'" 1 
ATOM   91   C "C5'" . C   A 1 7  ? 5.458   -8.215  -10.127 1.00 31.86  ? 7   C   A "C5'" 1 
ATOM   92   C "C4'" . C   A 1 7  ? 4.869   -7.425  -11.267 1.00 32.86  ? 7   C   A "C4'" 1 
ATOM   93   O "O4'" . C   A 1 7  ? 3.982   -8.289  -12.036 1.00 31.68  ? 7   C   A "O4'" 1 
ATOM   94   C "C3'" . C   A 1 7  ? 3.950   -6.272  -10.905 1.00 31.72  ? 7   C   A "C3'" 1 
ATOM   95   O "O3'" . C   A 1 7  ? 4.664   -5.106  -10.502 1.00 31.22  ? 7   C   A "O3'" 1 
ATOM   96   C "C2'" . C   A 1 7  ? 3.244   -6.065  -12.235 1.00 34.66  ? 7   C   A "C2'" 1 
ATOM   97   O "O2'" . C   A 1 7  ? 4.093   -5.504  -13.218 1.00 42.35  ? 7   C   A "O2'" 1 
ATOM   98   C "C1'" . C   A 1 7  ? 2.950   -7.509  -12.627 1.00 28.70  ? 7   C   A "C1'" 1 
ATOM   99   N N1    . C   A 1 7  ? 1.634   -7.955  -12.119 1.00 29.70  ? 7   C   A N1    1 
ATOM   100  C C2    . C   A 1 7  ? 0.467   -7.393  -12.679 1.00 21.33  ? 7   C   A C2    1 
ATOM   101  O O2    . C   A 1 7  ? 0.572   -6.566  -13.582 1.00 22.69  ? 7   C   A O2    1 
ATOM   102  N N3    . C   A 1 7  ? -0.734  -7.767  -12.214 1.00 22.48  ? 7   C   A N3    1 
ATOM   103  C C4    . C   A 1 7  ? -0.816  -8.664  -11.233 1.00 27.14  ? 7   C   A C4    1 
ATOM   104  N N4    . C   A 1 7  ? -2.030  -9.006  -10.804 1.00 26.10  ? 7   C   A N4    1 
ATOM   105  C C5    . C   A 1 7  ? 0.343   -9.257  -10.648 1.00 26.99  ? 7   C   A C5    1 
ATOM   106  C C6    . C   A 1 7  ? 1.534   -8.880  -11.120 1.00 24.79  ? 7   C   A C6    1 
ATOM   107  P P     . A   A 1 8  ? 4.004   -4.088  -9.439  1.00 39.42  ? 8   A   A P     1 
ATOM   108  O OP1   . A   A 1 8  ? 5.096   -3.172  -9.011  1.00 38.49  ? 8   A   A OP1   1 
ATOM   109  O OP2   . A   A 1 8  ? 3.236   -4.859  -8.418  1.00 32.10  ? 8   A   A OP2   1 
ATOM   110  O "O5'" . A   A 1 8  ? 2.950   -3.243  -10.278 1.00 31.24  ? 8   A   A "O5'" 1 
ATOM   111  C "C5'" . A   A 1 8  ? 3.360   -2.538  -11.434 1.00 33.92  ? 8   A   A "C5'" 1 
ATOM   112  C "C4'" . A   A 1 8  ? 2.162   -1.991  -12.167 1.00 34.95  ? 8   A   A "C4'" 1 
ATOM   113  O "O4'" . A   A 1 8  ? 1.271   -3.082  -12.521 1.00 33.43  ? 8   A   A "O4'" 1 
ATOM   114  C "C3'" . A   A 1 8  ? 1.234   -1.066  -11.400 1.00 32.18  ? 8   A   A "C3'" 1 
ATOM   115  O "O3'" . A   A 1 8  ? 1.747   0.256   -11.301 1.00 31.59  ? 8   A   A "O3'" 1 
ATOM   116  C "C2'" . A   A 1 8  ? 0.000   -1.099  -12.288 1.00 28.57  ? 8   A   A "C2'" 1 
ATOM   117  O "O2'" . A   A 1 8  ? 0.173   -0.342  -13.462 1.00 26.06  ? 8   A   A "O2'" 1 
ATOM   118  C "C1'" . A   A 1 8  ? -0.045  -2.574  -12.675 1.00 27.20  ? 8   A   A "C1'" 1 
ATOM   119  N N9    . A   A 1 8  ? -0.974  -3.342  -11.846 1.00 28.26  ? 8   A   A N9    1 
ATOM   120  C C8    . A   A 1 8  ? -0.730  -4.326  -10.909 1.00 28.39  ? 8   A   A C8    1 
ATOM   121  N N7    . A   A 1 8  ? -1.820  -4.821  -10.362 1.00 21.60  ? 8   A   A N7    1 
ATOM   122  C C5    . A   A 1 8  ? -2.850  -4.110  -10.972 1.00 23.41  ? 8   A   A C5    1 
ATOM   123  C C6    . A   A 1 8  ? -4.250  -4.154  -10.831 1.00 23.41  ? 8   A   A C6    1 
ATOM   124  N N6    . A   A 1 8  ? -4.888  -4.986  -10.002 1.00 26.23  ? 8   A   A N6    1 
ATOM   125  N N1    . A   A 1 8  ? -4.986  -3.302  -11.584 1.00 20.21  ? 8   A   A N1    1 
ATOM   126  C C2    . A   A 1 8  ? -4.349  -2.469  -12.420 1.00 21.60  ? 8   A   A C2    1 
ATOM   127  N N3    . A   A 1 8  ? -3.044  -2.334  -12.643 1.00 24.60  ? 8   A   A N3    1 
ATOM   128  C C4    . A   A 1 8  ? -2.341  -3.193  -11.882 1.00 24.69  ? 8   A   A C4    1 
ATOM   129  P P     . C   A 1 9  ? 1.315   1.183   -10.059 1.00 29.44  ? 9   C   A P     1 
ATOM   130  O OP1   . C   A 1 9  ? 1.830   2.544   -10.348 1.00 37.28  ? 9   C   A OP1   1 
ATOM   131  O OP2   . C   A 1 9  ? 1.705   0.498   -8.799  1.00 28.84  ? 9   C   A OP2   1 
ATOM   132  O "O5'" . C   A 1 9  ? -0.280  1.229   -10.130 1.00 32.82  ? 9   C   A "O5'" 1 
ATOM   133  C "C5'" . C   A 1 9  ? -0.949  1.997   -11.127 1.00 28.01  ? 9   C   A "C5'" 1 
ATOM   134  C "C4'" . C   A 1 9  ? -2.434  2.068   -10.828 1.00 31.18  ? 9   C   A "C4'" 1 
ATOM   135  O "O4'" . C   A 1 9  ? -3.041  0.766   -11.040 1.00 27.20  ? 9   C   A "O4'" 1 
ATOM   136  C "C3'" . C   A 1 9  ? -2.822  2.432   -9.403  1.00 28.28  ? 9   C   A "C3'" 1 
ATOM   137  O "O3'" . C   A 1 9  ? -2.802  3.842   -9.189  1.00 31.61  ? 9   C   A "O3'" 1 
ATOM   138  C "C2'" . C   A 1 9  ? -4.234  1.874   -9.317  1.00 27.13  ? 9   C   A "C2'" 1 
ATOM   139  O "O2'" . C   A 1 9  ? -5.178  2.717   -9.948  1.00 29.49  ? 9   C   A "O2'" 1 
ATOM   140  C "C1'" . C   A 1 9  ? -4.091  0.569   -10.104 1.00 28.16  ? 9   C   A "C1'" 1 
ATOM   141  N N1    . C   A 1 9  ? -3.761  -0.598  -9.251  1.00 27.37  ? 9   C   A N1    1 
ATOM   142  C C2    . C   A 1 9  ? -4.806  -1.326  -8.668  1.00 25.75  ? 9   C   A C2    1 
ATOM   143  O O2    . C   A 1 9  ? -5.976  -1.010  -8.922  1.00 26.90  ? 9   C   A O2    1 
ATOM   144  N N3    . C   A 1 9  ? -4.517  -2.367  -7.851  1.00 27.82  ? 9   C   A N3    1 
ATOM   145  C C4    . C   A 1 9  ? -3.247  -2.705  -7.627  1.00 28.86  ? 9   C   A C4    1 
ATOM   146  N N4    . C   A 1 9  ? -3.012  -3.745  -6.818  1.00 25.01  ? 9   C   A N4    1 
ATOM   147  C C5    . C   A 1 9  ? -2.161  -1.997  -8.223  1.00 27.51  ? 9   C   A C5    1 
ATOM   148  C C6    . C   A 1 9  ? -2.459  -0.962  -9.019  1.00 29.44  ? 9   C   A C6    1 
ATOM   149  P P     . G   A 1 10 ? -2.540  4.425   -7.708  1.00 32.55  ? 10  G   A P     1 
ATOM   150  O OP1   . G   A 1 10 ? -2.408  5.898   -7.855  1.00 36.68  ? 10  G   A OP1   1 
ATOM   151  O OP2   . G   A 1 10 ? -1.455  3.663   -7.025  1.00 23.85  ? 10  G   A OP2   1 
ATOM   152  O "O5'" . G   A 1 10 ? -3.918  4.145   -6.960  1.00 34.81  ? 10  G   A "O5'" 1 
ATOM   153  C "C5'" . G   A 1 10 ? -5.102  4.866   -7.318  1.00 30.02  ? 10  G   A "C5'" 1 
ATOM   154  C "C4'" . G   A 1 10 ? -6.288  4.338   -6.547  1.00 32.89  ? 10  G   A "C4'" 1 
ATOM   155  O "O4'" . G   A 1 10 ? -6.546  2.957   -6.940  1.00 33.66  ? 10  G   A "O4'" 1 
ATOM   156  C "C3'" . G   A 1 10 ? -6.113  4.240   -5.036  1.00 33.32  ? 10  G   A "C3'" 1 
ATOM   157  O "O3'" . G   A 1 10 ? -6.277  5.500   -4.391  1.00 26.75  ? 10  G   A "O3'" 1 
ATOM   158  C "C2'" . G   A 1 10 ? -7.196  3.232   -4.676  1.00 26.76  ? 10  G   A "C2'" 1 
ATOM   159  O "O2'" . G   A 1 10 ? -8.503  3.769   -4.690  1.00 32.65  ? 10  G   A "O2'" 1 
ATOM   160  C "C1'" . G   A 1 10 ? -7.059  2.233   -5.827  1.00 31.44  ? 10  G   A "C1'" 1 
ATOM   161  N N9    . G   A 1 10 ? -6.117  1.179   -5.499  1.00 31.17  ? 10  G   A N9    1 
ATOM   162  C C8    . G   A 1 10 ? -4.801  1.054   -5.882  1.00 26.10  ? 10  G   A C8    1 
ATOM   163  N N7    . G   A 1 10 ? -4.189  0.019   -5.349  1.00 21.74  ? 10  G   A N7    1 
ATOM   164  C C5    . G   A 1 10 ? -5.155  -0.596  -4.560  1.00 22.75  ? 10  G   A C5    1 
ATOM   165  C C6    . G   A 1 10 ? -5.070  -1.748  -3.734  1.00 20.56  ? 10  G   A C6    1 
ATOM   166  O O6    . G   A 1 10 ? -4.089  -2.486  -3.541  1.00 24.87  ? 10  G   A O6    1 
ATOM   167  N N1    . G   A 1 10 ? -6.279  -2.026  -3.094  1.00 22.58  ? 10  G   A N1    1 
ATOM   168  C C2    . G   A 1 10 ? -7.422  -1.282  -3.227  1.00 23.40  ? 10  G   A C2    1 
ATOM   169  N N2    . G   A 1 10 ? -8.487  -1.690  -2.547  1.00 28.86  ? 10  G   A N2    1 
ATOM   170  N N3    . G   A 1 10 ? -7.512  -0.202  -3.987  1.00 23.13  ? 10  G   A N3    1 
ATOM   171  C C4    . G   A 1 10 ? -6.345  0.102   -4.633  1.00 25.76  ? 10  G   A C4    1 
ATOM   172  P P     . C   A 1 11 ? -5.293  5.917   -3.185  1.00 32.85  ? 11  C   A P     1 
ATOM   173  O OP1   . C   A 1 11 ? -5.586  7.340   -2.871  1.00 42.83  ? 11  C   A OP1   1 
ATOM   174  O OP2   . C   A 1 11 ? -3.893  5.506   -3.500  1.00 40.88  ? 11  C   A OP2   1 
ATOM   175  O "O5'" . C   A 1 11 ? -5.780  5.032   -1.947  1.00 31.93  ? 11  C   A "O5'" 1 
ATOM   176  C "C5'" . C   A 1 11 ? -7.156  4.979   -1.602  1.00 25.72  ? 11  C   A "C5'" 1 
ATOM   177  C "C4'" . C   A 1 11 ? -7.473  3.711   -0.851  1.00 26.95  ? 11  C   A "C4'" 1 
ATOM   178  O "O4'" . C   A 1 11 ? -7.118  2.549   -1.651  1.00 27.37  ? 11  C   A "O4'" 1 
ATOM   179  C "C3'" . C   A 1 11 ? -6.740  3.458   0.455   1.00 26.28  ? 11  C   A "C3'" 1 
ATOM   180  O "O3'" . C   A 1 11 ? -7.288  4.245   1.506   1.00 25.58  ? 11  C   A "O3'" 1 
ATOM   181  C "C2'" . C   A 1 11 ? -7.005  1.969   0.650   1.00 24.49  ? 11  C   A "C2'" 1 
ATOM   182  O "O2'" . C   A 1 11 ? -8.325  1.705   1.088   1.00 21.57  ? 11  C   A "O2'" 1 
ATOM   183  C "C1'" . C   A 1 11 ? -6.852  1.451   -0.784  1.00 26.48  ? 11  C   A "C1'" 1 
ATOM   184  N N1    . C   A 1 11 ? -5.496  0.938   -1.052  1.00 25.65  ? 11  C   A N1    1 
ATOM   185  C C2    . C   A 1 11 ? -5.175  -0.346  -0.612  1.00 23.56  ? 11  C   A C2    1 
ATOM   186  O O2    . C   A 1 11 ? -6.037  -1.007  -0.015  1.00 21.78  ? 11  C   A O2    1 
ATOM   187  N N3    . C   A 1 11 ? -3.933  -0.836  -0.841  1.00 27.57  ? 11  C   A N3    1 
ATOM   188  C C4    . C   A 1 11 ? -3.029  -0.096  -1.486  1.00 25.72  ? 11  C   A C4    1 
ATOM   189  N N4    . C   A 1 11 ? -1.822  -0.631  -1.693  1.00 31.73  ? 11  C   A N4    1 
ATOM   190  C C5    . C   A 1 11 ? -3.322  1.221   -1.948  1.00 22.74  ? 11  C   A C5    1 
ATOM   191  C C6    . C   A 1 11 ? -4.558  1.696   -1.713  1.00 25.58  ? 11  C   A C6    1 
ATOM   192  P P     . C   A 1 12 ? -6.421  4.534   2.830   1.00 24.51  ? 12  C   A P     1 
ATOM   193  O OP1   . C   A 1 12 ? -7.171  5.553   3.605   1.00 27.43  ? 12  C   A OP1   1 
ATOM   194  O OP2   . C   A 1 12 ? -4.998  4.780   2.479   1.00 26.87  ? 12  C   A OP2   1 
ATOM   195  O "O5'" . C   A 1 12 ? -6.512  3.170   3.645   1.00 19.92  ? 12  C   A "O5'" 1 
ATOM   196  C "C5'" . C   A 1 12 ? -7.758  2.753   4.185   1.00 22.61  ? 12  C   A "C5'" 1 
ATOM   197  C "C4'" . C   A 1 12 ? -7.597  1.469   4.952   1.00 24.58  ? 12  C   A "C4'" 1 
ATOM   198  O "O4'" . C   A 1 12 ? -7.187  0.405   4.047   1.00 27.93  ? 12  C   A "O4'" 1 
ATOM   199  C "C3'" . C   A 1 12 ? -6.508  1.464   6.012   1.00 22.65  ? 12  C   A "C3'" 1 
ATOM   200  O "O3'" . C   A 1 12 ? -6.943  2.092   7.208   1.00 27.11  ? 12  C   A "O3'" 1 
ATOM   201  C "C2'" . C   A 1 12 ? -6.285  -0.023  6.192   1.00 23.82  ? 12  C   A "C2'" 1 
ATOM   202  O "O2'" . C   A 1 12 ? -7.356  -0.629  6.890   1.00 20.64  ? 12  C   A "O2'" 1 
ATOM   203  C "C1'" . C   A 1 12 ? -6.329  -0.495  4.739   1.00 25.23  ? 12  C   A "C1'" 1 
ATOM   204  N N1    . C   A 1 12 ? -5.000  -0.512  4.081   1.00 22.59  ? 12  C   A N1    1 
ATOM   205  C C2    . C   A 1 12 ? -4.138  -1.590  4.344   1.00 28.57  ? 12  C   A C2    1 
ATOM   206  O O2    . C   A 1 12 ? -4.485  -2.453  5.185   1.00 22.81  ? 12  C   A O2    1 
ATOM   207  N N3    . C   A 1 12 ? -2.951  -1.666  3.685   1.00 23.83  ? 12  C   A N3    1 
ATOM   208  C C4    . C   A 1 12 ? -2.607  -0.713  2.819   1.00 24.12  ? 12  C   A C4    1 
ATOM   209  N N4    . C   A 1 12 ? -1.446  -0.848  2.174   1.00 17.05  ? 12  C   A N4    1 
ATOM   210  C C5    . C   A 1 12 ? -3.444  0.422   2.569   1.00 23.26  ? 12  C   A C5    1 
ATOM   211  C C6    . C   A 1 12 ? -4.617  0.479   3.215   1.00 23.09  ? 12  C   A C6    1 
ATOM   212  P P     . G   A 1 13 ? -5.866  2.787   8.177   1.00 23.98  ? 13  G   A P     1 
ATOM   213  O OP1   . G   A 1 13 ? -6.651  3.526   9.187   1.00 35.31  ? 13  G   A OP1   1 
ATOM   214  O OP2   . G   A 1 13 ? -4.842  3.515   7.379   1.00 23.62  ? 13  G   A OP2   1 
ATOM   215  O "O5'" . G   A 1 13 ? -5.140  1.553   8.881   1.00 26.88  ? 13  G   A "O5'" 1 
ATOM   216  C "C5'" . G   A 1 13 ? -5.861  0.666   9.731   1.00 26.03  ? 13  G   A "C5'" 1 
ATOM   217  C "C4'" . G   A 1 13 ? -4.977  -0.479  10.172  1.00 26.83  ? 13  G   A "C4'" 1 
ATOM   218  O "O4'" . G   A 1 13 ? -4.652  -1.335  9.038   1.00 32.87  ? 13  G   A "O4'" 1 
ATOM   219  C "C3'" . G   A 1 13 ? -3.612  -0.104  10.717  1.00 28.14  ? 13  G   A "C3'" 1 
ATOM   220  O "O3'" . G   A 1 13 ? -3.679  0.318   12.062  1.00 34.94  ? 13  G   A "O3'" 1 
ATOM   221  C "C2'" . G   A 1 13 ? -2.865  -1.419  10.582  1.00 31.37  ? 13  G   A "C2'" 1 
ATOM   222  O "O2'" . G   A 1 13 ? -3.264  -2.368  11.553  1.00 31.41  ? 13  G   A "O2'" 1 
ATOM   223  C "C1'" . G   A 1 13 ? -3.347  -1.877  9.209   1.00 30.35  ? 13  G   A "C1'" 1 
ATOM   224  N N9    . G   A 1 13 ? -2.485  -1.393  8.130   1.00 29.82  ? 13  G   A N9    1 
ATOM   225  C C8    . G   A 1 13 ? -2.655  -0.265  7.353   1.00 28.36  ? 13  G   A C8    1 
ATOM   226  N N7    . G   A 1 13 ? -1.727  -0.126  6.443   1.00 26.86  ? 13  G   A N7    1 
ATOM   227  C C5    . G   A 1 13 ? -0.893  -1.223  6.636   1.00 26.96  ? 13  G   A C5    1 
ATOM   228  C C6    . G   A 1 13 ? 0.276   -1.628  5.933   1.00 26.22  ? 13  G   A C6    1 
ATOM   229  O O6    . G   A 1 13 ? 0.808   -1.094  4.944   1.00 27.71  ? 13  G   A O6    1 
ATOM   230  N N1    . G   A 1 13 ? 0.825   -2.787  6.480   1.00 26.54  ? 13  G   A N1    1 
ATOM   231  C C2    . G   A 1 13 ? 0.308   -3.475  7.548   1.00 27.25  ? 13  G   A C2    1 
ATOM   232  N N2    . G   A 1 13 ? 0.995   -4.544  7.959   1.00 26.36  ? 13  G   A N2    1 
ATOM   233  N N3    . G   A 1 13 ? -0.800  -3.135  8.181   1.00 32.30  ? 13  G   A N3    1 
ATOM   234  C C4    . G   A 1 13 ? -1.339  -2.002  7.682   1.00 29.55  ? 13  G   A C4    1 
ATOM   235  P P     . G   A 1 14 ? -2.543  1.297   12.638  1.00 33.87  ? 14  G   A P     1 
ATOM   236  O OP1   . G   A 1 14 ? -3.000  1.676   13.997  1.00 43.50  ? 14  G   A OP1   1 
ATOM   237  O OP2   . G   A 1 14 ? -2.259  2.365   11.639  1.00 32.25  ? 14  G   A OP2   1 
ATOM   238  O "O5'" . G   A 1 14 ? -1.254  0.357   12.752  1.00 31.48  ? 14  G   A "O5'" 1 
ATOM   239  C "C5'" . G   A 1 14 ? -1.246  -0.793  13.603  1.00 35.55  ? 14  G   A "C5'" 1 
ATOM   240  C "C4'" . G   A 1 14 ? 0.049   -1.579  13.441  1.00 41.06  ? 14  G   A "C4'" 1 
ATOM   241  O "O4'" . G   A 1 14 ? 0.083   -2.252  12.149  1.00 35.36  ? 14  G   A "O4'" 1 
ATOM   242  C "C3'" . G   A 1 14 ? 1.351   -0.784  13.483  1.00 35.98  ? 14  G   A "C3'" 1 
ATOM   243  O "O3'" . G   A 1 14 ? 1.754   -0.503  14.821  1.00 32.80  ? 14  G   A "O3'" 1 
ATOM   244  C "C2'" . G   A 1 14 ? 2.311   -1.727  12.767  1.00 36.43  ? 14  G   A "C2'" 1 
ATOM   245  O "O2'" . G   A 1 14 ? 2.751   -2.808  13.565  1.00 41.64  ? 14  G   A "O2'" 1 
ATOM   246  C "C1'" . G   A 1 14 ? 1.417   -2.274  11.654  1.00 35.48  ? 14  G   A "C1'" 1 
ATOM   247  N N9    . G   A 1 14 ? 1.497   -1.441  10.455  1.00 33.48  ? 14  G   A N9    1 
ATOM   248  C C8    . G   A 1 14 ? 0.626   -0.457  10.062  1.00 31.28  ? 14  G   A C8    1 
ATOM   249  N N7    . G   A 1 14 ? 0.989   0.144   8.964   1.00 30.45  ? 14  G   A N7    1 
ATOM   250  C C5    . G   A 1 14 ? 2.167   -0.486  8.602   1.00 31.43  ? 14  G   A C5    1 
ATOM   251  C C6    . G   A 1 14 ? 3.024   -0.260  7.493   1.00 33.75  ? 14  G   A C6    1 
ATOM   252  O O6    . G   A 1 14 ? 2.901   0.571   6.578   1.00 31.39  ? 14  G   A O6    1 
ATOM   253  N N1    . G   A 1 14 ? 4.118   -1.128  7.510   1.00 33.98  ? 14  G   A N1    1 
ATOM   254  C C2    . G   A 1 14 ? 4.351   -2.089  8.469   1.00 32.43  ? 14  G   A C2    1 
ATOM   255  N N2    . G   A 1 14 ? 5.456   -2.836  8.314   1.00 34.11  ? 14  G   A N2    1 
ATOM   256  N N3    . G   A 1 14 ? 3.557   -2.303  9.505   1.00 31.09  ? 14  G   A N3    1 
ATOM   257  C C4    . G   A 1 14 ? 2.492   -1.472  9.508   1.00 32.36  ? 14  G   A C4    1 
ATOM   258  P P     . C   A 1 15 ? 2.544   0.863   15.150  1.00 43.51  ? 15  C   A P     1 
ATOM   259  O OP1   . C   A 1 15 ? 2.737   0.906   16.626  1.00 48.74  ? 15  C   A OP1   1 
ATOM   260  O OP2   . C   A 1 15 ? 1.885   2.012   14.477  1.00 33.11  ? 15  C   A OP2   1 
ATOM   261  O "O5'" . C   A 1 15 ? 3.970   0.631   14.484  1.00 38.06  ? 15  C   A "O5'" 1 
ATOM   262  C "C5'" . C   A 1 15 ? 4.826   -0.409  14.955  1.00 36.66  ? 15  C   A "C5'" 1 
ATOM   263  C "C4'" . C   A 1 15 ? 6.051   -0.522  14.080  1.00 47.86  ? 15  C   A "C4'" 1 
ATOM   264  O "O4'" . C   A 1 15 ? 5.650   -0.962  12.754  1.00 44.99  ? 15  C   A "O4'" 1 
ATOM   265  C "C3'" . C   A 1 15 ? 6.822   0.768   13.824  1.00 50.51  ? 15  C   A "C3'" 1 
ATOM   266  O "O3'" . C   A 1 15 ? 7.702   1.115   14.899  1.00 43.61  ? 15  C   A "O3'" 1 
ATOM   267  C "C2'" . C   A 1 15 ? 7.555   0.426   12.534  1.00 44.41  ? 15  C   A "C2'" 1 
ATOM   268  O "O2'" . C   A 1 15 ? 8.649   -0.448  12.736  1.00 46.17  ? 15  C   A "O2'" 1 
ATOM   269  C "C1'" . C   A 1 15 ? 6.459   -0.324  11.774  1.00 42.81  ? 15  C   A "C1'" 1 
ATOM   270  N N1    . C   A 1 15 ? 5.612   0.586   10.974  1.00 37.03  ? 15  C   A N1    1 
ATOM   271  C C2    . C   A 1 15 ? 6.018   0.921   9.666   1.00 32.36  ? 15  C   A C2    1 
ATOM   272  O O2    . C   A 1 15 ? 7.065   0.430   9.209   1.00 37.01  ? 15  C   A O2    1 
ATOM   273  N N3    . C   A 1 15 ? 5.258   1.771   8.937   1.00 31.32  ? 15  C   A N3    1 
ATOM   274  C C4    . C   A 1 15 ? 4.138   2.285   9.460   1.00 35.60  ? 15  C   A C4    1 
ATOM   275  N N4    . C   A 1 15 ? 3.427   3.133   8.707   1.00 30.64  ? 15  C   A N4    1 
ATOM   276  C C5    . C   A 1 15 ? 3.700   1.954   10.778  1.00 35.41  ? 15  C   A C5    1 
ATOM   277  C C6    . C   A 1 15 ? 4.458   1.109   11.491  1.00 34.52  ? 15  C   A C6    1 
ATOM   278  P P     . G   A 1 16 ? 7.945   2.669   15.265  1.00 58.44  ? 16  G   A P     1 
ATOM   279  O OP1   . G   A 1 16 ? 8.768   2.705   16.505  1.00 64.66  ? 16  G   A OP1   1 
ATOM   280  O OP2   . G   A 1 16 ? 6.653   3.399   15.221  1.00 46.86  ? 16  G   A OP2   1 
ATOM   281  O "O5'" . G   A 1 16 ? 8.835   3.209   14.055  1.00 51.96  ? 16  G   A "O5'" 1 
ATOM   282  C "C5'" . G   A 1 16 ? 10.154  2.720   13.849  1.00 47.05  ? 16  G   A "C5'" 1 
ATOM   283  C "C4'" . G   A 1 16 ? 10.674  3.136   12.492  1.00 51.35  ? 16  G   A "C4'" 1 
ATOM   284  O "O4'" . G   A 1 16 ? 9.786   2.645   11.456  1.00 43.99  ? 16  G   A "O4'" 1 
ATOM   285  C "C3'" . G   A 1 16 ? 10.777  4.624   12.198  1.00 51.60  ? 16  G   A "C3'" 1 
ATOM   286  O "O3'" . G   A 1 16 ? 11.965  5.182   12.756  1.00 54.42  ? 16  G   A "O3'" 1 
ATOM   287  C "C2'" . G   A 1 16 ? 10.833  4.636   10.673  1.00 49.35  ? 16  G   A "C2'" 1 
ATOM   288  O "O2'" . G   A 1 16 ? 12.113  4.377   10.132  1.00 48.85  ? 16  G   A "O2'" 1 
ATOM   289  C "C1'" . G   A 1 16 ? 9.879   3.493   10.322  1.00 43.07  ? 16  G   A "C1'" 1 
ATOM   290  N N9    . G   A 1 16 ? 8.550   3.988   9.962   1.00 41.07  ? 16  G   A N9    1 
ATOM   291  C C8    . G   A 1 16 ? 7.406   3.998   10.728  1.00 41.32  ? 16  G   A C8    1 
ATOM   292  N N7    . G   A 1 16 ? 6.386   4.537   10.115  1.00 42.21  ? 16  G   A N7    1 
ATOM   293  C C5    . G   A 1 16 ? 6.885   4.899   8.869   1.00 34.84  ? 16  G   A C5    1 
ATOM   294  C C6    . G   A 1 16 ? 6.249   5.529   7.763   1.00 38.67  ? 16  G   A C6    1 
ATOM   295  O O6    . G   A 1 16 ? 5.074   5.904   7.660   1.00 43.65  ? 16  G   A O6    1 
ATOM   296  N N1    . G   A 1 16 ? 7.131   5.708   6.699   1.00 38.15  ? 16  G   A N1    1 
ATOM   297  C C2    . G   A 1 16 ? 8.452   5.332   6.694   1.00 36.44  ? 16  G   A C2    1 
ATOM   298  N N2    . G   A 1 16 ? 9.140   5.578   5.573   1.00 40.14  ? 16  G   A N2    1 
ATOM   299  N N3    . G   A 1 16 ? 9.054   4.752   7.716   1.00 36.19  ? 16  G   A N3    1 
ATOM   300  C C4    . G   A 1 16 ? 8.218   4.564   8.759   1.00 35.52  ? 16  G   A C4    1 
ATOM   301  P P     . G   A 1 19 ? 13.074  13.030  10.958  1.00 86.76  ? 19  G   A P     1 
ATOM   302  O OP1   . G   A 1 19 ? 13.611  14.383  11.268  1.00 69.68  ? 19  G   A OP1   1 
ATOM   303  O OP2   . G   A 1 19 ? 11.812  12.593  11.604  1.00 92.44  ? 19  G   A OP2   1 
ATOM   304  O "O5'" . G   A 1 19 ? 12.854  12.939  9.383   1.00 84.74  ? 19  G   A "O5'" 1 
ATOM   305  C "C5'" . G   A 1 19 ? 13.794  13.495  8.467   1.00 75.28  ? 19  G   A "C5'" 1 
ATOM   306  C "C4'" . G   A 1 19 ? 13.105  13.834  7.165   1.00 75.68  ? 19  G   A "C4'" 1 
ATOM   307  O "O4'" . G   A 1 19 ? 12.439  12.632  6.680   1.00 74.67  ? 19  G   A "O4'" 1 
ATOM   308  C "C3'" . G   A 1 19 ? 11.981  14.860  7.252   1.00 72.35  ? 19  G   A "C3'" 1 
ATOM   309  O "O3'" . G   A 1 19 ? 12.431  16.207  7.163   1.00 74.42  ? 19  G   A "O3'" 1 
ATOM   310  C "C2'" . G   A 1 19 ? 11.135  14.496  6.045   1.00 68.87  ? 19  G   A "C2'" 1 
ATOM   311  O "O2'" . G   A 1 19 ? 11.691  14.946  4.826   1.00 75.73  ? 19  G   A "O2'" 1 
ATOM   312  C "C1'" . G   A 1 19 ? 11.178  12.972  6.120   1.00 65.80  ? 19  G   A "C1'" 1 
ATOM   313  N N9    . G   A 1 19 ? 10.119  12.463  6.994   1.00 64.30  ? 19  G   A N9    1 
ATOM   314  C C8    . G   A 1 19 ? 10.256  11.768  8.174   1.00 63.22  ? 19  G   A C8    1 
ATOM   315  N N7    . G   A 1 19 ? 9.113   11.465  8.727   1.00 59.76  ? 19  G   A N7    1 
ATOM   316  C C5    . G   A 1 19 ? 8.163   11.990  7.859   1.00 58.59  ? 19  G   A C5    1 
ATOM   317  C C6    . G   A 1 19 ? 6.742   11.977  7.927   1.00 52.78  ? 19  G   A C6    1 
ATOM   318  O O6    . G   A 1 19 ? 6.012   11.478  8.796   1.00 51.57  ? 19  G   A O6    1 
ATOM   319  N N1    . G   A 1 19 ? 6.176   12.626  6.835   1.00 49.99  ? 19  G   A N1    1 
ATOM   320  C C2    . G   A 1 19 ? 6.878   13.210  5.810   1.00 51.80  ? 19  G   A C2    1 
ATOM   321  N N2    . G   A 1 19 ? 6.155   13.782  4.840   1.00 52.19  ? 19  G   A N2    1 
ATOM   322  N N3    . G   A 1 19 ? 8.193   13.230  5.737   1.00 50.58  ? 19  G   A N3    1 
ATOM   323  C C4    . G   A 1 19 ? 8.768   12.606  6.786   1.00 58.26  ? 19  G   A C4    1 
ATOM   324  P P     . U   A 1 20 ? 11.348  17.439  7.197   1.00 87.08  ? 20  U   A P     1 
ATOM   325  O OP1   . U   A 1 20 ? 12.076  18.677  6.798   1.00 82.93  ? 20  U   A OP1   1 
ATOM   326  O OP2   . U   A 1 20 ? 10.606  17.402  8.493   1.00 74.82  ? 20  U   A OP2   1 
ATOM   327  O "O5'" . U   A 1 20 ? 10.271  17.170  6.044   1.00 75.51  ? 20  U   A "O5'" 1 
ATOM   328  C "C5'" . U   A 1 20 ? 9.857   18.229  5.168   1.00 72.73  ? 20  U   A "C5'" 1 
ATOM   329  C "C4'" . U   A 1 20 ? 8.355   18.217  4.957   1.00 69.42  ? 20  U   A "C4'" 1 
ATOM   330  O "O4'" . U   A 1 20 ? 7.838   16.902  5.273   1.00 69.06  ? 20  U   A "O4'" 1 
ATOM   331  C "C3'" . U   A 1 20 ? 7.501   19.134  5.830   1.00 74.53  ? 20  U   A "C3'" 1 
ATOM   332  O "O3'" . U   A 1 20 ? 7.478   20.482  5.346   1.00 79.84  ? 20  U   A "O3'" 1 
ATOM   333  C "C2'" . U   A 1 20 ? 6.120   18.493  5.705   1.00 67.11  ? 20  U   A "C2'" 1 
ATOM   334  O "O2'" . U   A 1 20 ? 5.444   18.788  4.497   1.00 65.76  ? 20  U   A "O2'" 1 
ATOM   335  C "C1'" . U   A 1 20 ? 6.483   17.011  5.695   1.00 67.62  ? 20  U   A "C1'" 1 
ATOM   336  N N1    . U   A 1 20 ? 6.287   16.302  6.979   1.00 61.89  ? 20  U   A N1    1 
ATOM   337  C C2    . U   A 1 20 ? 4.975   16.045  7.370   1.00 59.52  ? 20  U   A C2    1 
ATOM   338  O O2    . U   A 1 20 ? 4.004   16.455  6.752   1.00 59.40  ? 20  U   A O2    1 
ATOM   339  N N3    . U   A 1 20 ? 4.838   15.296  8.516   1.00 59.17  ? 20  U   A N3    1 
ATOM   340  C C4    . U   A 1 20 ? 5.857   14.794  9.323   1.00 64.85  ? 20  U   A C4    1 
ATOM   341  O O4    . U   A 1 20 ? 5.578   14.010  10.260  1.00 60.00  ? 20  U   A O4    1 
ATOM   342  C C5    . U   A 1 20 ? 7.188   15.156  8.884   1.00 62.78  ? 20  U   A C5    1 
ATOM   343  C C6    . U   A 1 20 ? 7.350   15.876  7.759   1.00 61.63  ? 20  U   A C6    1 
ATOM   344  P P     . C   A 1 21 ? 7.551   21.715  6.392   1.00 84.79  ? 21  C   A P     1 
ATOM   345  O OP1   . C   A 1 21 ? 7.877   22.944  5.630   1.00 82.82  ? 21  C   A OP1   1 
ATOM   346  O OP2   . C   A 1 21 ? 8.446   21.287  7.512   1.00 82.50  ? 21  C   A OP2   1 
ATOM   347  O "O5'" . C   A 1 21 ? 6.054   21.893  6.920   1.00 75.37  ? 21  C   A "O5'" 1 
ATOM   348  C "C5'" . C   A 1 21 ? 5.062   22.529  6.118   1.00 70.71  ? 21  C   A "C5'" 1 
ATOM   349  C "C4'" . C   A 1 21 ? 3.671   22.113  6.562   1.00 73.22  ? 21  C   A "C4'" 1 
ATOM   350  O "O4'" . C   A 1 21 ? 3.593   20.656  6.548   1.00 76.03  ? 21  C   A "O4'" 1 
ATOM   351  C "C3'" . C   A 1 21 ? 3.241   22.484  7.981   1.00 76.95  ? 21  C   A "C3'" 1 
ATOM   352  O "O3'" . C   A 1 21 ? 2.759   23.828  8.085   1.00 78.68  ? 21  C   A "O3'" 1 
ATOM   353  C "C2'" . C   A 1 21 ? 2.147   21.453  8.255   1.00 74.48  ? 21  C   A "C2'" 1 
ATOM   354  O "O2'" . C   A 1 21 ? 0.890   21.732  7.661   1.00 72.90  ? 21  C   A "O2'" 1 
ATOM   355  C "C1'" . C   A 1 21 ? 2.757   20.209  7.610   1.00 68.78  ? 21  C   A "C1'" 1 
ATOM   356  N N1    . C   A 1 21 ? 3.579   19.456  8.575   1.00 64.14  ? 21  C   A N1    1 
ATOM   357  C C2    . C   A 1 21 ? 2.924   18.663  9.528   1.00 62.41  ? 21  C   A C2    1 
ATOM   358  O O2    . C   A 1 21 ? 1.680   18.652  9.546   1.00 58.68  ? 21  C   A O2    1 
ATOM   359  N N3    . C   A 1 21 ? 3.662   17.947  10.407  1.00 60.75  ? 21  C   A N3    1 
ATOM   360  C C4    . C   A 1 21 ? 4.998   18.019  10.375  1.00 62.78  ? 21  C   A C4    1 
ATOM   361  N N4    . C   A 1 21 ? 5.683   17.307  11.269  1.00 61.52  ? 21  C   A N4    1 
ATOM   362  C C5    . C   A 1 21 ? 5.690   18.831  9.426   1.00 64.60  ? 21  C   A C5    1 
ATOM   363  C C6    . C   A 1 21 ? 4.948   19.525  8.553   1.00 65.08  ? 21  C   A C6    1 
ATOM   364  P P     . G   A 1 22 ? 2.803   24.592  9.505   1.00 78.77  ? 22  G   A P     1 
ATOM   365  O OP1   . G   A 1 22 ? 2.313   25.959  9.241   1.00 78.59  ? 22  G   A OP1   1 
ATOM   366  O OP2   . G   A 1 22 ? 4.131   24.404  10.157  1.00 77.93  ? 22  G   A OP2   1 
ATOM   367  O "O5'" . G   A 1 22 ? 1.698   23.868  10.388  1.00 61.85  ? 22  G   A "O5'" 1 
ATOM   368  C "C5'" . G   A 1 22 ? 0.330   24.176  10.191  1.00 65.13  ? 22  G   A "C5'" 1 
ATOM   369  C "C4'" . G   A 1 22 ? -0.528  23.405  11.154  1.00 62.11  ? 22  G   A "C4'" 1 
ATOM   370  O "O4'" . G   A 1 22 ? -0.262  21.989  10.996  1.00 63.05  ? 22  G   A "O4'" 1 
ATOM   371  C "C3'" . G   A 1 22 ? -0.254  23.671  12.616  1.00 64.29  ? 22  G   A "C3'" 1 
ATOM   372  O "O3'" . G   A 1 22 ? -0.937  24.831  13.064  1.00 68.06  ? 22  G   A "O3'" 1 
ATOM   373  C "C2'" . G   A 1 22 ? -0.780  22.398  13.270  1.00 64.06  ? 22  G   A "C2'" 1 
ATOM   374  O "O2'" . G   A 1 22 ? -2.201  22.375  13.432  1.00 55.00  ? 22  G   A "O2'" 1 
ATOM   375  C "C1'" . G   A 1 22 ? -0.293  21.346  12.266  1.00 60.79  ? 22  G   A "C1'" 1 
ATOM   376  N N9    . G   A 1 22 ? 1.046   20.807  12.543  1.00 62.94  ? 22  G   A N9    1 
ATOM   377  C C8    . G   A 1 22 ? 2.241   21.161  11.938  1.00 61.56  ? 22  G   A C8    1 
ATOM   378  N N7    . G   A 1 22 ? 3.262   20.463  12.367  1.00 57.59  ? 22  G   A N7    1 
ATOM   379  C C5    . G   A 1 22 ? 2.717   19.598  13.316  1.00 57.31  ? 22  G   A C5    1 
ATOM   380  C C6    . G   A 1 22 ? 3.331   18.572  14.100  1.00 58.49  ? 22  G   A C6    1 
ATOM   381  O O6    . G   A 1 22 ? 4.523   18.184  14.085  1.00 58.89  ? 22  G   A O6    1 
ATOM   382  N N1    . G   A 1 22 ? 2.410   17.960  14.952  1.00 53.22  ? 22  G   A N1    1 
ATOM   383  C C2    . G   A 1 22 ? 1.074   18.271  15.034  1.00 54.09  ? 22  G   A C2    1 
ATOM   384  N N2    . G   A 1 22 ? 0.353   17.580  15.942  1.00 53.00  ? 22  G   A N2    1 
ATOM   385  N N3    . G   A 1 22 ? 0.485   19.192  14.291  1.00 53.42  ? 22  G   A N3    1 
ATOM   386  C C4    . G   A 1 22 ? 1.358   19.813  13.459  1.00 56.80  ? 22  G   A C4    1 
ATOM   387  P P     . C   A 1 23 ? -0.451  25.573  14.412  1.00 70.44  ? 23  C   A P     1 
ATOM   388  O OP1   . C   A 1 23 ? -1.325  26.765  14.582  1.00 67.83  ? 23  C   A OP1   1 
ATOM   389  O OP2   . C   A 1 23 ? 1.023   25.750  14.344  1.00 55.97  ? 23  C   A OP2   1 
ATOM   390  O "O5'" . C   A 1 23 ? -0.799  24.539  15.577  1.00 55.56  ? 23  C   A "O5'" 1 
ATOM   391  C "C5'" . C   A 1 23 ? -2.158  24.242  15.899  1.00 61.31  ? 23  C   A "C5'" 1 
ATOM   392  C "C4'" . C   A 1 23 ? -2.232  23.197  16.989  1.00 64.29  ? 23  C   A "C4'" 1 
ATOM   393  O "O4'" . C   A 1 23 ? -1.653  21.956  16.511  1.00 65.53  ? 23  C   A "O4'" 1 
ATOM   394  C "C3'" . C   A 1 23 ? -1.462  23.496  18.266  1.00 64.34  ? 23  C   A "C3'" 1 
ATOM   395  O "O3'" . C   A 1 23 ? -2.105  24.449  19.122  1.00 60.70  ? 23  C   A "O3'" 1 
ATOM   396  C "C2'" . C   A 1 23 ? -1.271  22.103  18.851  1.00 62.98  ? 23  C   A "C2'" 1 
ATOM   397  O "O2'" . C   A 1 23 ? -2.435  21.603  19.484  1.00 62.32  ? 23  C   A "O2'" 1 
ATOM   398  C "C1'" . C   A 1 23 ? -0.992  21.293  17.582  1.00 62.05  ? 23  C   A "C1'" 1 
ATOM   399  N N1    . C   A 1 23 ? 0.446   21.181  17.249  1.00 61.56  ? 23  C   A N1    1 
ATOM   400  C C2    . C   A 1 23 ? 1.194   20.131  17.809  1.00 55.80  ? 23  C   A C2    1 
ATOM   401  O O2    . C   A 1 23 ? 0.629   19.321  18.571  1.00 58.64  ? 23  C   A O2    1 
ATOM   402  N N3    . C   A 1 23 ? 2.509   20.023  17.503  1.00 50.89  ? 23  C   A N3    1 
ATOM   403  C C4    . C   A 1 23 ? 3.079   20.904  16.678  1.00 48.44  ? 23  C   A C4    1 
ATOM   404  N N4    . C   A 1 23 ? 4.376   20.755  16.405  1.00 47.94  ? 23  C   A N4    1 
ATOM   405  C C5    . C   A 1 23 ? 2.346   21.979  16.098  1.00 55.39  ? 23  C   A C5    1 
ATOM   406  C C6    . C   A 1 23 ? 1.047   22.081  16.409  1.00 57.29  ? 23  C   A C6    1 
ATOM   407  O "O5'" . U   B 1 1  ? 10.446  17.744  23.758  1.00 69.70  ? 24  U   B "O5'" 1 
ATOM   408  C "C5'" . U   B 1 1  ? 10.662  18.003  22.352  1.00 68.16  ? 24  U   B "C5'" 1 
ATOM   409  C "C4'" . U   B 1 1  ? 11.609  19.171  22.168  1.00 64.83  ? 24  U   B "C4'" 1 
ATOM   410  O "O4'" . U   B 1 1  ? 11.174  20.269  23.014  1.00 66.91  ? 24  U   B "O4'" 1 
ATOM   411  C "C3'" . U   B 1 1  ? 13.054  18.919  22.579  1.00 59.54  ? 24  U   B "C3'" 1 
ATOM   412  O "O3'" . U   B 1 1  ? 13.809  18.345  21.512  1.00 56.94  ? 24  U   B "O3'" 1 
ATOM   413  C "C2'" . U   B 1 1  ? 13.545  20.327  22.896  1.00 60.19  ? 24  U   B "C2'" 1 
ATOM   414  O "O2'" . U   B 1 1  ? 13.856  21.078  21.738  1.00 66.92  ? 24  U   B "O2'" 1 
ATOM   415  C "C1'" . U   B 1 1  ? 12.306  20.933  23.556  1.00 58.49  ? 24  U   B "C1'" 1 
ATOM   416  N N1    . U   B 1 1  ? 12.275  20.805  25.026  1.00 54.93  ? 24  U   B N1    1 
ATOM   417  C C2    . U   B 1 1  ? 13.210  21.531  25.763  1.00 59.99  ? 24  U   B C2    1 
ATOM   418  O O2    . U   B 1 1  ? 14.059  22.246  25.250  1.00 62.62  ? 24  U   B O2    1 
ATOM   419  N N3    . U   B 1 1  ? 13.111  21.387  27.125  1.00 58.34  ? 24  U   B N3    1 
ATOM   420  C C4    . U   B 1 1  ? 12.203  20.614  27.818  1.00 54.10  ? 24  U   B C4    1 
ATOM   421  O O4    . U   B 1 1  ? 12.208  20.640  29.048  1.00 54.21  ? 24  U   B O4    1 
ATOM   422  C C5    . U   B 1 1  ? 11.284  19.886  26.995  1.00 51.67  ? 24  U   B C5    1 
ATOM   423  C C6    . U   B 1 1  ? 11.348  20.002  25.663  1.00 49.38  ? 24  U   B C6    1 
ATOM   424  P P     . U   B 1 2  ? 14.099  16.759  21.491  1.00 61.73  ? 25  U   B P     1 
ATOM   425  O OP1   . U   B 1 2  ? 13.706  16.198  22.812  1.00 59.81  ? 25  U   B OP1   1 
ATOM   426  O OP2   . U   B 1 2  ? 15.483  16.544  20.989  1.00 58.43  ? 25  U   B OP2   1 
ATOM   427  O "O5'" . U   B 1 2  ? 13.103  16.215  20.367  1.00 65.81  ? 25  U   B "O5'" 1 
ATOM   428  C "C5'" . U   B 1 2  ? 12.074  15.277  20.674  1.00 65.36  ? 25  U   B "C5'" 1 
ATOM   429  C "C4'" . U   B 1 2  ? 12.548  13.887  20.353  1.00 64.68  ? 25  U   B "C4'" 1 
ATOM   430  O "O4'" . U   B 1 2  ? 13.851  13.713  20.943  1.00 64.09  ? 25  U   B "O4'" 1 
ATOM   431  C "C3'" . U   B 1 2  ? 11.686  12.752  20.882  1.00 68.42  ? 25  U   B "C3'" 1 
ATOM   432  O "O3'" . U   B 1 2  ? 10.747  12.424  19.857  1.00 75.88  ? 25  U   B "O3'" 1 
ATOM   433  C "C2'" . U   B 1 2  ? 12.701  11.630  21.105  1.00 71.77  ? 25  U   B "C2'" 1 
ATOM   434  O "O2'" . U   B 1 2  ? 12.947  10.863  19.941  1.00 77.00  ? 25  U   B "O2'" 1 
ATOM   435  C "C1'" . U   B 1 2  ? 13.973  12.409  21.459  1.00 67.95  ? 25  U   B "C1'" 1 
ATOM   436  N N1    . U   B 1 2  ? 14.334  12.529  22.880  1.00 64.17  ? 25  U   B N1    1 
ATOM   437  C C2    . U   B 1 2  ? 15.613  12.134  23.237  1.00 56.91  ? 25  U   B C2    1 
ATOM   438  O O2    . U   B 1 2  ? 16.409  11.663  22.440  1.00 57.31  ? 25  U   B O2    1 
ATOM   439  N N3    . U   B 1 2  ? 15.927  12.311  24.558  1.00 49.45  ? 25  U   B N3    1 
ATOM   440  C C4    . U   B 1 2  ? 15.114  12.821  25.542  1.00 51.71  ? 25  U   B C4    1 
ATOM   441  O O4    . U   B 1 2  ? 15.573  12.981  26.673  1.00 53.38  ? 25  U   B O4    1 
ATOM   442  C C5    . U   B 1 2  ? 13.798  13.181  25.106  1.00 44.10  ? 25  U   B C5    1 
ATOM   443  C C6    . U   B 1 2  ? 13.460  13.026  23.822  1.00 57.30  ? 25  U   B C6    1 
ATOM   444  P P     . G   B 1 3  ? 9.421   11.589  20.205  1.00 74.10  ? 26  G   B P     1 
ATOM   445  O OP1   . G   B 1 3  ? 9.824   10.245  20.703  1.00 72.14  ? 26  G   B OP1   1 
ATOM   446  O OP2   . G   B 1 3  ? 8.532   11.696  19.022  1.00 74.82  ? 26  G   B OP2   1 
ATOM   447  O "O5'" . G   B 1 3  ? 8.742   12.400  21.393  1.00 71.32  ? 26  G   B "O5'" 1 
ATOM   448  C "C5'" . G   B 1 3  ? 8.121   11.721  22.479  1.00 70.08  ? 26  G   B "C5'" 1 
ATOM   449  C "C4'" . G   B 1 3  ? 6.675   12.138  22.603  1.00 65.97  ? 26  G   B "C4'" 1 
ATOM   450  O "O4'" . G   B 1 3  ? 6.613   13.579  22.767  1.00 64.29  ? 26  G   B "O4'" 1 
ATOM   451  C "C3'" . G   B 1 3  ? 5.778   11.870  21.402  1.00 66.31  ? 26  G   B "C3'" 1 
ATOM   452  O "O3'" . G   B 1 3  ? 5.300   10.522  21.408  1.00 72.22  ? 26  G   B "O3'" 1 
ATOM   453  C "C2'" . G   B 1 3  ? 4.652   12.871  21.634  1.00 63.99  ? 26  G   B "C2'" 1 
ATOM   454  O "O2'" . G   B 1 3  ? 3.718   12.444  22.609  1.00 64.56  ? 26  G   B "O2'" 1 
ATOM   455  C "C1'" . G   B 1 3  ? 5.426   14.076  22.173  1.00 58.13  ? 26  G   B "C1'" 1 
ATOM   456  N N9    . G   B 1 3  ? 5.781   15.040  21.132  1.00 57.94  ? 26  G   B N9    1 
ATOM   457  C C8    . G   B 1 3  ? 7.000   15.199  20.514  1.00 58.01  ? 26  G   B C8    1 
ATOM   458  N N7    . G   B 1 3  ? 6.994   16.136  19.603  1.00 57.49  ? 26  G   B N7    1 
ATOM   459  C C5    . G   B 1 3  ? 5.695   16.628  19.625  1.00 58.30  ? 26  G   B C5    1 
ATOM   460  C C6    . G   B 1 3  ? 5.082   17.655  18.850  1.00 57.67  ? 26  G   B C6    1 
ATOM   461  O O6    . G   B 1 3  ? 5.582   18.352  17.958  1.00 58.42  ? 26  G   B O6    1 
ATOM   462  N N1    . G   B 1 3  ? 3.747   17.830  19.201  1.00 50.42  ? 26  G   B N1    1 
ATOM   463  C C2    . G   B 1 3  ? 3.083   17.113  20.166  1.00 57.12  ? 26  G   B C2    1 
ATOM   464  N N2    . G   B 1 3  ? 1.789   17.426  20.355  1.00 60.87  ? 26  G   B N2    1 
ATOM   465  N N3    . G   B 1 3  ? 3.640   16.158  20.891  1.00 57.46  ? 26  G   B N3    1 
ATOM   466  C C4    . G   B 1 3  ? 4.937   15.969  20.569  1.00 58.59  ? 26  G   B C4    1 
ATOM   467  P P     . C   B 1 4  ? 4.726   9.859   20.052  1.00 68.65  ? 27  C   B P     1 
ATOM   468  O OP1   . C   B 1 4  ? 4.460   8.428   20.356  1.00 49.19  ? 27  C   B OP1   1 
ATOM   469  O OP2   . C   B 1 4  ? 5.625   10.213  18.921  1.00 68.17  ? 27  C   B OP2   1 
ATOM   470  O "O5'" . C   B 1 4  ? 3.330   10.593  19.818  1.00 61.54  ? 27  C   B "O5'" 1 
ATOM   471  C "C5'" . C   B 1 4  ? 2.236   10.392  20.713  1.00 60.69  ? 27  C   B "C5'" 1 
ATOM   472  C "C4'" . C   B 1 4  ? 1.058   11.253  20.310  1.00 61.07  ? 27  C   B "C4'" 1 
ATOM   473  O "O4'" . C   B 1 4  ? 1.411   12.658  20.436  1.00 54.44  ? 27  C   B "O4'" 1 
ATOM   474  C "C3'" . C   B 1 4  ? 0.601   11.116  18.866  1.00 64.40  ? 27  C   B "C3'" 1 
ATOM   475  O "O3'" . C   B 1 4  ? -0.253  9.989   18.675  1.00 65.22  ? 27  C   B "O3'" 1 
ATOM   476  C "C2'" . C   B 1 4  ? -0.123  12.438  18.633  1.00 63.41  ? 27  C   B "C2'" 1 
ATOM   477  O "O2'" . C   B 1 4  ? -1.443  12.445  19.142  1.00 63.10  ? 27  C   B "O2'" 1 
ATOM   478  C "C1'" . C   B 1 4  ? 0.767   13.410  19.414  1.00 59.37  ? 27  C   B "C1'" 1 
ATOM   479  N N1    . C   B 1 4  ? 1.799   14.049  18.566  1.00 60.68  ? 27  C   B N1    1 
ATOM   480  C C2    . C   B 1 4  ? 1.454   15.185  17.812  1.00 57.06  ? 27  C   B C2    1 
ATOM   481  O O2    . C   B 1 4  ? 0.297   15.631  17.881  1.00 59.61  ? 27  C   B O2    1 
ATOM   482  N N3    . C   B 1 4  ? 2.391   15.765  17.025  1.00 56.99  ? 27  C   B N3    1 
ATOM   483  C C4    . C   B 1 4  ? 3.625   15.259  16.970  1.00 56.03  ? 27  C   B C4    1 
ATOM   484  N N4    . C   B 1 4  ? 4.512   15.864  16.180  1.00 56.00  ? 27  C   B N4    1 
ATOM   485  C C5    . C   B 1 4  ? 4.004   14.111  17.723  1.00 54.88  ? 27  C   B C5    1 
ATOM   486  C C6    . C   B 1 4  ? 3.071   13.544  18.501  1.00 59.86  ? 27  C   B C6    1 
ATOM   487  P P     . G   B 1 5  ? -0.432  9.373   17.193  1.00 63.50  ? 28  G   B P     1 
ATOM   488  O OP1   . G   B 1 5  ? -1.444  8.278   17.258  1.00 56.76  ? 28  G   B OP1   1 
ATOM   489  O OP2   . G   B 1 5  ? 0.929   9.083   16.666  1.00 67.79  ? 28  G   B OP2   1 
ATOM   490  O "O5'" . G   B 1 5  ? -1.049  10.576  16.343  1.00 64.43  ? 28  G   B "O5'" 1 
ATOM   491  C "C5'" . G   B 1 5  ? -2.401  10.982  16.541  1.00 61.76  ? 28  G   B "C5'" 1 
ATOM   492  C "C4'" . G   B 1 5  ? -2.737  12.174  15.673  1.00 63.05  ? 28  G   B "C4'" 1 
ATOM   493  O "O4'" . G   B 1 5  ? -1.881  13.291  16.025  1.00 61.80  ? 28  G   B "O4'" 1 
ATOM   494  C "C3'" . G   B 1 5  ? -2.533  12.045  14.171  1.00 64.11  ? 28  G   B "C3'" 1 
ATOM   495  O "O3'" . G   B 1 5  ? -3.598  11.340  13.538  1.00 67.21  ? 28  G   B "O3'" 1 
ATOM   496  C "C2'" . G   B 1 5  ? -2.515  13.510  13.748  1.00 62.25  ? 28  G   B "C2'" 1 
ATOM   497  O "O2'" . G   B 1 5  ? -3.807  14.086  13.683  1.00 57.25  ? 28  G   B "O2'" 1 
ATOM   498  C "C1'" . G   B 1 5  ? -1.726  14.141  14.896  1.00 59.65  ? 28  G   B "C1'" 1 
ATOM   499  N N9    . G   B 1 5  ? -0.306  14.242  14.574  1.00 59.41  ? 28  G   B N9    1 
ATOM   500  C C8    . G   B 1 5  ? 0.725   13.487  15.083  1.00 61.84  ? 28  G   B C8    1 
ATOM   501  N N7    . G   B 1 5  ? 1.885   13.792  14.570  1.00 61.14  ? 28  G   B N7    1 
ATOM   502  C C5    . G   B 1 5  ? 1.607   14.814  13.674  1.00 55.35  ? 28  G   B C5    1 
ATOM   503  C C6    . G   B 1 5  ? 2.468   15.544  12.824  1.00 54.95  ? 28  G   B C6    1 
ATOM   504  O O6    . G   B 1 5  ? 3.694   15.437  12.689  1.00 47.83  ? 28  G   B O6    1 
ATOM   505  N N1    . G   B 1 5  ? 1.766   16.484  12.078  1.00 58.85  ? 28  G   B N1    1 
ATOM   506  C C2    . G   B 1 5  ? 0.412   16.697  12.143  1.00 55.75  ? 28  G   B C2    1 
ATOM   507  N N2    . G   B 1 5  ? -0.078  17.644  11.329  1.00 53.56  ? 28  G   B N2    1 
ATOM   508  N N3    . G   B 1 5  ? -0.400  16.030  12.940  1.00 50.47  ? 28  G   B N3    1 
ATOM   509  C C4    . G   B 1 5  ? 0.260   15.109  13.670  1.00 52.78  ? 28  G   B C4    1 
ATOM   510  P P     . U   B 1 6  ? -3.346  10.613  12.121  1.00 74.21  ? 29  U   B P     1 
ATOM   511  O OP1   . U   B 1 6  ? -4.660  10.070  11.690  1.00 63.01  ? 29  U   B OP1   1 
ATOM   512  O OP2   . U   B 1 6  ? -2.181  9.692   12.257  1.00 60.43  ? 29  U   B OP2   1 
ATOM   513  O "O5'" . U   B 1 6  ? -2.933  11.796  11.126  1.00 62.49  ? 29  U   B "O5'" 1 
ATOM   514  C "C5'" . U   B 1 6  ? -3.886  12.763  10.686  1.00 54.42  ? 29  U   B "C5'" 1 
ATOM   515  C "C4'" . U   B 1 6  ? -3.238  13.767  9.746   1.00 59.28  ? 29  U   B "C4'" 1 
ATOM   516  O "O4'" . U   B 1 6  ? -2.164  14.455  10.443  1.00 62.06  ? 29  U   B "O4'" 1 
ATOM   517  C "C3'" . U   B 1 6  ? -2.567  13.219  8.493   1.00 62.21  ? 29  U   B "C3'" 1 
ATOM   518  O "O3'" . U   B 1 6  ? -3.495  12.981  7.439   1.00 61.14  ? 29  U   B "O3'" 1 
ATOM   519  C "C2'" . U   B 1 6  ? -1.588  14.333  8.138   1.00 61.42  ? 29  U   B "C2'" 1 
ATOM   520  O "O2'" . U   B 1 6  ? -2.161  15.437  7.467   1.00 57.22  ? 29  U   B "O2'" 1 
ATOM   521  C "C1'" . U   B 1 6  ? -1.119  14.768  9.527   1.00 62.47  ? 29  U   B "C1'" 1 
ATOM   522  N N1    . U   B 1 6  ? 0.116   14.079  9.944   1.00 58.20  ? 29  U   B N1    1 
ATOM   523  C C2    . U   B 1 6  ? 1.318   14.539  9.422   1.00 55.44  ? 29  U   B C2    1 
ATOM   524  O O2    . U   B 1 6  ? 1.392   15.479  8.640   1.00 54.31  ? 29  U   B O2    1 
ATOM   525  N N3    . U   B 1 6  ? 2.433   13.855  9.846   1.00 57.97  ? 29  U   B N3    1 
ATOM   526  C C4    . U   B 1 6  ? 2.472   12.777  10.713  1.00 59.77  ? 29  U   B C4    1 
ATOM   527  O O4    . U   B 1 6  ? 3.554   12.251  10.976  1.00 62.71  ? 29  U   B O4    1 
ATOM   528  C C5    . U   B 1 6  ? 1.195   12.362  11.207  1.00 57.30  ? 29  U   B C5    1 
ATOM   529  C C6    . U   B 1 6  ? 0.090   13.010  10.816  1.00 57.89  ? 29  U   B C6    1 
ATOM   530  P P     . C   B 1 7  ? -3.226  11.791  6.387   1.00 64.99  ? 30  C   B P     1 
ATOM   531  O OP1   . C   B 1 7  ? -4.509  11.519  5.689   1.00 66.53  ? 30  C   B OP1   1 
ATOM   532  O OP2   . C   B 1 7  ? -2.527  10.677  7.091   1.00 57.74  ? 30  C   B OP2   1 
ATOM   533  O "O5'" . C   B 1 7  ? -2.225  12.430  5.323   1.00 61.35  ? 30  C   B "O5'" 1 
ATOM   534  C "C5'" . C   B 1 7  ? -2.680  13.390  4.370   1.00 56.08  ? 30  C   B "C5'" 1 
ATOM   535  C "C4'" . C   B 1 7  ? -1.511  13.950  3.590   1.00 57.15  ? 30  C   B "C4'" 1 
ATOM   536  O "O4'" . C   B 1 7  ? -0.619  14.636  4.509   1.00 58.96  ? 30  C   B "O4'" 1 
ATOM   537  C "C3'" . C   B 1 7  ? -0.627  12.927  2.894   1.00 52.91  ? 30  C   B "C3'" 1 
ATOM   538  O "O3'" . C   B 1 7  ? -1.139  12.577  1.611   1.00 57.18  ? 30  C   B "O3'" 1 
ATOM   539  C "C2'" . C   B 1 7  ? 0.699   13.668  2.793   1.00 52.64  ? 30  C   B "C2'" 1 
ATOM   540  O "O2'" . C   B 1 7  ? 0.736   14.614  1.739   1.00 49.18  ? 30  C   B "O2'" 1 
ATOM   541  C "C1'" . C   B 1 7  ? 0.732   14.390  4.142   1.00 57.74  ? 30  C   B "C1'" 1 
ATOM   542  N N1    . C   B 1 7  ? 1.370   13.586  5.207   1.00 55.77  ? 30  C   B N1    1 
ATOM   543  C C2    . C   B 1 7  ? 2.775   13.541  5.281   1.00 53.61  ? 30  C   B C2    1 
ATOM   544  O O2    . C   B 1 7  ? 3.449   14.191  4.457   1.00 48.12  ? 30  C   B O2    1 
ATOM   545  N N3    . C   B 1 7  ? 3.357   12.791  6.248   1.00 51.25  ? 30  C   B N3    1 
ATOM   546  C C4    . C   B 1 7  ? 2.600   12.108  7.115   1.00 55.66  ? 30  C   B C4    1 
ATOM   547  N N4    . C   B 1 7  ? 3.213   11.378  8.052   1.00 52.10  ? 30  C   B N4    1 
ATOM   548  C C5    . C   B 1 7  ? 1.176   12.140  7.063   1.00 54.58  ? 30  C   B C5    1 
ATOM   549  C C6    . C   B 1 7  ? 0.610   12.885  6.106   1.00 54.19  ? 30  C   B C6    1 
ATOM   550  P P     . A   B 1 8  ? -0.852  11.111  1.009   1.00 50.92  ? 31  A   B P     1 
ATOM   551  O OP1   . A   B 1 8  ? -1.691  10.949  -0.207  1.00 52.59  ? 31  A   B OP1   1 
ATOM   552  O OP2   . A   B 1 8  ? -0.982  10.145  2.130   1.00 55.88  ? 31  A   B OP2   1 
ATOM   553  O "O5'" . A   B 1 8  ? 0.671   11.165  0.557   1.00 53.26  ? 31  A   B "O5'" 1 
ATOM   554  C "C5'" . A   B 1 8  ? 1.085   12.062  -0.469  1.00 53.08  ? 31  A   B "C5'" 1 
ATOM   555  C "C4'" . A   B 1 8  ? 2.585   12.063  -0.581  1.00 51.89  ? 31  A   B "C4'" 1 
ATOM   556  O "O4'" . A   B 1 8  ? 3.156   12.657  0.615   1.00 52.47  ? 31  A   B "O4'" 1 
ATOM   557  C "C3'" . A   B 1 8  ? 3.224   10.688  -0.647  1.00 50.56  ? 31  A   B "C3'" 1 
ATOM   558  O "O3'" . A   B 1 8  ? 3.177   10.140  -1.959  1.00 54.22  ? 31  A   B "O3'" 1 
ATOM   559  C "C2'" . A   B 1 8  ? 4.638   10.978  -0.163  1.00 52.48  ? 31  A   B "C2'" 1 
ATOM   560  O "O2'" . A   B 1 8  ? 5.458   11.574  -1.150  1.00 48.37  ? 31  A   B "O2'" 1 
ATOM   561  C "C1'" . A   B 1 8  ? 4.361   11.988  0.952   1.00 50.39  ? 31  A   B "C1'" 1 
ATOM   562  N N9    . A   B 1 8  ? 4.189   11.361  2.262   1.00 49.21  ? 31  A   B N9    1 
ATOM   563  C C8    . A   B 1 8  ? 3.018   11.117  2.939   1.00 49.34  ? 31  A   B C8    1 
ATOM   564  N N7    . A   B 1 8  ? 3.191   10.545  4.107   1.00 50.01  ? 31  A   B N7    1 
ATOM   565  C C5    . A   B 1 8  ? 4.568   10.398  4.204   1.00 49.99  ? 31  A   B C5    1 
ATOM   566  C C6    . A   B 1 8  ? 5.396   9.856   5.206   1.00 49.71  ? 31  A   B C6    1 
ATOM   567  N N6    . A   B 1 8  ? 4.939   9.341   6.349   1.00 51.53  ? 31  A   B N6    1 
ATOM   568  N N1    . A   B 1 8  ? 6.726   9.861   4.991   1.00 46.64  ? 31  A   B N1    1 
ATOM   569  C C2    . A   B 1 8  ? 7.188   10.375  3.846   1.00 46.98  ? 31  A   B C2    1 
ATOM   570  N N3    . A   B 1 8  ? 6.516   10.912  2.832   1.00 52.46  ? 31  A   B N3    1 
ATOM   571  C C4    . A   B 1 8  ? 5.194   10.894  3.075   1.00 48.56  ? 31  A   B C4    1 
ATOM   572  P P     . C   B 1 9  ? 3.082   8.544   -2.147  1.00 51.53  ? 32  C   B P     1 
ATOM   573  O OP1   . C   B 1 9  ? 2.949   8.272   -3.602  1.00 51.79  ? 32  C   B OP1   1 
ATOM   574  O OP2   . C   B 1 9  ? 2.051   8.031   -1.212  1.00 46.90  ? 32  C   B OP2   1 
ATOM   575  O "O5'" . C   B 1 9  ? 4.514   8.029   -1.663  1.00 43.69  ? 32  C   B "O5'" 1 
ATOM   576  C "C5'" . C   B 1 9  ? 5.707   8.526   -2.267  1.00 46.92  ? 32  C   B "C5'" 1 
ATOM   577  C "C4'" . C   B 1 9  ? 6.934   8.092   -1.488  1.00 46.57  ? 32  C   B "C4'" 1 
ATOM   578  O "O4'" . C   B 1 9  ? 6.949   8.722   -0.177  1.00 50.48  ? 32  C   B "O4'" 1 
ATOM   579  C "C3'" . C   B 1 9  ? 7.062   6.614   -1.164  1.00 47.13  ? 32  C   B "C3'" 1 
ATOM   580  O "O3'" . C   B 1 9  ? 7.502   5.844   -2.277  1.00 44.87  ? 32  C   B "O3'" 1 
ATOM   581  C "C2'" . C   B 1 9  ? 8.071   6.633   -0.019  1.00 40.55  ? 32  C   B "C2'" 1 
ATOM   582  O "O2'" . C   B 1 9  ? 9.417   6.802   -0.433  1.00 38.81  ? 32  C   B "O2'" 1 
ATOM   583  C "C1'" . C   B 1 9  ? 7.610   7.869   0.754   1.00 44.11  ? 32  C   B "C1'" 1 
ATOM   584  N N1    . C   B 1 9  ? 6.672   7.525   1.839   1.00 46.05  ? 32  C   B N1    1 
ATOM   585  C C2    . C   B 1 9  ? 7.188   7.082   3.073   1.00 42.08  ? 32  C   B C2    1 
ATOM   586  O O2    . C   B 1 9  ? 8.425   7.022   3.232   1.00 42.54  ? 32  C   B O2    1 
ATOM   587  N N3    . C   B 1 9  ? 6.326   6.736   4.056   1.00 37.48  ? 32  C   B N3    1 
ATOM   588  C C4    . C   B 1 9  ? 5.008   6.822   3.853   1.00 38.85  ? 32  C   B C4    1 
ATOM   589  N N4    . C   B 1 9  ? 4.197   6.456   4.844   1.00 37.08  ? 32  C   B N4    1 
ATOM   590  C C5    . C   B 1 9  ? 4.463   7.285   2.622   1.00 39.12  ? 32  C   B C5    1 
ATOM   591  C C6    . C   B 1 9  ? 5.319   7.623   1.653   1.00 44.23  ? 32  C   B C6    1 
ATOM   592  P P     . G   B 1 10 ? 7.181   4.270   -2.321  1.00 47.22  ? 33  G   B P     1 
ATOM   593  O OP1   . G   B 1 10 ? 7.701   3.743   -3.612  1.00 55.51  ? 33  G   B OP1   1 
ATOM   594  O OP2   . G   B 1 10 ? 5.759   4.035   -1.951  1.00 38.31  ? 33  G   B OP2   1 
ATOM   595  O "O5'" . G   B 1 10 ? 8.086   3.673   -1.155  1.00 36.71  ? 33  G   B "O5'" 1 
ATOM   596  C "C5'" . G   B 1 10 ? 9.507   3.706   -1.245  1.00 37.49  ? 33  G   B "C5'" 1 
ATOM   597  C "C4'" . G   B 1 10 ? 10.122  3.042   -0.035  1.00 40.97  ? 33  G   B "C4'" 1 
ATOM   598  O "O4'" . G   B 1 10 ? 9.803   3.816   1.156   1.00 38.41  ? 33  G   B "O4'" 1 
ATOM   599  C "C3'" . G   B 1 10 ? 9.595   1.651   0.281   1.00 41.79  ? 33  G   B "C3'" 1 
ATOM   600  O "O3'" . G   B 1 10 ? 10.235  0.652   -0.513  1.00 36.32  ? 33  G   B "O3'" 1 
ATOM   601  C "C2'" . G   B 1 10 ? 9.929   1.525   1.761   1.00 40.22  ? 33  G   B "C2'" 1 
ATOM   602  O "O2'" . G   B 1 10 ? 11.296  1.240   1.966   1.00 40.56  ? 33  G   B "O2'" 1 
ATOM   603  C "C1'" . G   B 1 10 ? 9.638   2.944   2.260   1.00 37.60  ? 33  G   B "C1'" 1 
ATOM   604  N N9    . G   B 1 10 ? 8.292   3.122   2.806   1.00 33.94  ? 33  G   B N9    1 
ATOM   605  C C8    . G   B 1 10 ? 7.190   3.659   2.176   1.00 35.34  ? 33  G   B C8    1 
ATOM   606  N N7    . G   B 1 10 ? 6.125   3.684   2.934   1.00 27.89  ? 33  G   B N7    1 
ATOM   607  C C5    . G   B 1 10 ? 6.543   3.124   4.133   1.00 30.88  ? 33  G   B C5    1 
ATOM   608  C C6    . G   B 1 10 ? 5.823   2.868   5.335   1.00 33.58  ? 33  G   B C6    1 
ATOM   609  O O6    . G   B 1 10 ? 4.619   3.089   5.587   1.00 30.74  ? 33  G   B O6    1 
ATOM   610  N N1    . G   B 1 10 ? 6.645   2.287   6.303   1.00 33.12  ? 33  G   B N1    1 
ATOM   611  C C2    . G   B 1 10 ? 7.982   1.989   6.137   1.00 33.14  ? 33  G   B C2    1 
ATOM   612  N N2    . G   B 1 10 ? 8.615   1.441   7.186   1.00 35.00  ? 33  G   B N2    1 
ATOM   613  N N3    . G   B 1 10 ? 8.652   2.215   5.023   1.00 35.15  ? 33  G   B N3    1 
ATOM   614  C C4    . G   B 1 10 ? 7.881   2.778   4.070   1.00 31.75  ? 33  G   B C4    1 
ATOM   615  P P     . C   B 1 11 ? 9.524   -0.782  -0.720  1.00 43.49  ? 34  C   B P     1 
ATOM   616  O OP1   . C   B 1 11 ? 10.355  -1.595  -1.652  1.00 32.15  ? 34  C   B OP1   1 
ATOM   617  O OP2   . C   B 1 11 ? 8.083   -0.550  -1.029  1.00 41.20  ? 34  C   B OP2   1 
ATOM   618  O "O5'" . C   B 1 11 ? 9.607   -1.451  0.728   1.00 42.29  ? 34  C   B "O5'" 1 
ATOM   619  C "C5'" . C   B 1 11 ? 10.858  -1.833  1.295   1.00 37.97  ? 34  C   B "C5'" 1 
ATOM   620  C "C4'" . C   B 1 11 ? 10.646  -2.436  2.662   1.00 37.83  ? 34  C   B "C4'" 1 
ATOM   621  O "O4'" . C   B 1 11 ? 10.187  -1.413  3.586   1.00 44.60  ? 34  C   B "O4'" 1 
ATOM   622  C "C3'" . C   B 1 11 ? 9.564   -3.500  2.742   1.00 36.63  ? 34  C   B "C3'" 1 
ATOM   623  O "O3'" . C   B 1 11 ? 10.039  -4.768  2.317   1.00 35.00  ? 34  C   B "O3'" 1 
ATOM   624  C "C2'" . C   B 1 11 ? 9.222   -3.481  4.223   1.00 37.10  ? 34  C   B "C2'" 1 
ATOM   625  O "O2'" . C   B 1 11 ? 10.184  -4.147  5.011   1.00 36.31  ? 34  C   B "O2'" 1 
ATOM   626  C "C1'" . C   B 1 11 ? 9.271   -1.982  4.515   1.00 39.73  ? 34  C   B "C1'" 1 
ATOM   627  N N1    . C   B 1 11 ? 7.949   -1.346  4.335   1.00 37.33  ? 34  C   B N1    1 
ATOM   628  C C2    . C   B 1 11 ? 7.062   -1.289  5.438   1.00 40.13  ? 34  C   B C2    1 
ATOM   629  O O2    . C   B 1 11 ? 7.417   -1.763  6.532   1.00 40.82  ? 34  C   B O2    1 
ATOM   630  N N3    . C   B 1 11 ? 5.842   -0.715  5.279   1.00 35.54  ? 34  C   B N3    1 
ATOM   631  C C4    . C   B 1 11 ? 5.489   -0.211  4.093   1.00 33.75  ? 34  C   B C4    1 
ATOM   632  N N4    . C   B 1 11 ? 4.282   0.346   3.994   1.00 27.06  ? 34  C   B N4    1 
ATOM   633  C C5    . C   B 1 11 ? 6.364   -0.256  2.958   1.00 31.97  ? 34  C   B C5    1 
ATOM   634  C C6    . C   B 1 11 ? 7.571   -0.826  3.123   1.00 35.34  ? 34  C   B C6    1 
ATOM   635  P P     . C   B 1 12 ? 9.003   -5.851  1.735   1.00 29.73  ? 35  C   B P     1 
ATOM   636  O OP1   . C   B 1 12 ? 9.797   -7.033  1.279   1.00 34.20  ? 35  C   B OP1   1 
ATOM   637  O OP2   . C   B 1 12 ? 8.111   -5.155  0.774   1.00 39.96  ? 35  C   B OP2   1 
ATOM   638  O "O5'" . C   B 1 12 ? 8.136   -6.270  3.005   1.00 30.35  ? 35  C   B "O5'" 1 
ATOM   639  C "C5'" . C   B 1 12 ? 8.716   -7.026  4.061   1.00 29.03  ? 35  C   B "C5'" 1 
ATOM   640  C "C4'" . C   B 1 12 ? 7.697   -7.302  5.139   1.00 31.81  ? 35  C   B "C4'" 1 
ATOM   641  O "O4'" . C   B 1 12 ? 7.338   -6.055  5.805   1.00 36.41  ? 35  C   B "O4'" 1 
ATOM   642  C "C3'" . C   B 1 12 ? 6.357   -7.855  4.678   1.00 32.58  ? 35  C   B "C3'" 1 
ATOM   643  O "O3'" . C   B 1 12 ? 6.404   -9.255  4.420   1.00 33.81  ? 35  C   B "O3'" 1 
ATOM   644  C "C2'" . C   B 1 12 ? 5.478   -7.501  5.867   1.00 32.56  ? 35  C   B "C2'" 1 
ATOM   645  O "O2'" . C   B 1 12 ? 5.745   -8.311  6.993   1.00 33.52  ? 35  C   B "O2'" 1 
ATOM   646  C "C1'" . C   B 1 12 ? 5.964   -6.084  6.163   1.00 32.44  ? 35  C   B "C1'" 1 
ATOM   647  N N1    . C   B 1 12 ? 5.245   -5.064  5.368   1.00 33.16  ? 35  C   B N1    1 
ATOM   648  C C2    . C   B 1 12 ? 4.027   -4.571  5.849   1.00 28.77  ? 35  C   B C2    1 
ATOM   649  O O2    . C   B 1 12 ? 3.588   -4.995  6.930   1.00 31.58  ? 35  C   B O2    1 
ATOM   650  N N3    . C   B 1 12 ? 3.357   -3.646  5.126   1.00 30.24  ? 35  C   B N3    1 
ATOM   651  C C4    . C   B 1 12 ? 3.856   -3.213  3.964   1.00 31.71  ? 35  C   B C4    1 
ATOM   652  N N4    . C   B 1 12 ? 3.151   -2.314  3.272   1.00 26.04  ? 35  C   B N4    1 
ATOM   653  C C5    . C   B 1 12 ? 5.099   -3.690  3.456   1.00 32.99  ? 35  C   B C5    1 
ATOM   654  C C6    . C   B 1 12 ? 5.751   -4.607  4.181   1.00 35.84  ? 35  C   B C6    1 
ATOM   655  P P     . G   B 1 13 ? 5.433   -9.894  3.310   1.00 32.41  ? 36  G   B P     1 
ATOM   656  O OP1   . G   B 1 13 ? 5.781   -11.328 3.147   1.00 28.94  ? 36  G   B OP1   1 
ATOM   657  O OP2   . G   B 1 13 ? 5.383   -9.003  2.109   1.00 27.65  ? 36  G   B OP2   1 
ATOM   658  O "O5'" . G   B 1 13 ? 4.004   -9.865  3.999   1.00 28.21  ? 36  G   B "O5'" 1 
ATOM   659  C "C5'" . G   B 1 13 ? 3.790   -10.520 5.241   1.00 30.03  ? 36  G   B "C5'" 1 
ATOM   660  C "C4'" . G   B 1 13 ? 2.453   -10.120 5.806   1.00 31.18  ? 36  G   B "C4'" 1 
ATOM   661  O "O4'" . G   B 1 13 ? 2.446   -8.693  6.121   1.00 33.48  ? 36  G   B "O4'" 1 
ATOM   662  C "C3'" . G   B 1 13 ? 1.294   -10.253 4.835   1.00 32.32  ? 36  G   B "C3'" 1 
ATOM   663  O "O3'" . G   B 1 13 ? 0.867   -11.603 4.666   1.00 34.97  ? 36  G   B "O3'" 1 
ATOM   664  C "C2'" . G   B 1 13 ? 0.254   -9.329  5.464   1.00 29.22  ? 36  G   B "C2'" 1 
ATOM   665  O "O2'" . G   B 1 13 ? -0.407  -9.861  6.590   1.00 33.73  ? 36  G   B "O2'" 1 
ATOM   666  C "C1'" . G   B 1 13 ? 1.136   -8.174  5.929   1.00 33.16  ? 36  G   B "C1'" 1 
ATOM   667  N N9    . G   B 1 13 ? 1.177   -7.114  4.929   1.00 31.50  ? 36  G   B N9    1 
ATOM   668  C C8    . G   B 1 13 ? 2.100   -6.927  3.927   1.00 30.68  ? 36  G   B C8    1 
ATOM   669  N N7    . G   B 1 13 ? 1.843   -5.884  3.187   1.00 29.82  ? 36  G   B N7    1 
ATOM   670  C C5    . G   B 1 13 ? 0.683   -5.351  3.734   1.00 29.06  ? 36  G   B C5    1 
ATOM   671  C C6    . G   B 1 13 ? -0.089  -4.207  3.353   1.00 27.56  ? 36  G   B C6    1 
ATOM   672  O O6    . G   B 1 13 ? 0.108   -3.408  2.427   1.00 25.22  ? 36  G   B O6    1 
ATOM   673  N N1    . G   B 1 13 ? -1.196  -4.043  4.181   1.00 29.77  ? 36  G   B N1    1 
ATOM   674  C C2    . G   B 1 13 ? -1.528  -4.869  5.232   1.00 30.41  ? 36  G   B C2    1 
ATOM   675  N N2    . G   B 1 13 ? -2.652  -4.556  5.901   1.00 27.11  ? 36  G   B N2    1 
ATOM   676  N N3    . G   B 1 13 ? -0.817  -5.923  5.595   1.00 27.91  ? 36  G   B N3    1 
ATOM   677  C C4    . G   B 1 13 ? 0.263   -6.101  4.810   1.00 27.83  ? 36  G   B C4    1 
ATOM   678  P P     . G   B 1 14 ? -0.137  -11.963 3.462   1.00 35.48  ? 37  G   B P     1 
ATOM   679  O OP1   . G   B 1 14 ? -0.457  -13.410 3.473   1.00 42.76  ? 37  G   B OP1   1 
ATOM   680  O OP2   . G   B 1 14 ? 0.369   -11.333 2.207   1.00 31.02  ? 37  G   B OP2   1 
ATOM   681  O "O5'" . G   B 1 14 ? -1.465  -11.230 3.939   1.00 30.82  ? 37  G   B "O5'" 1 
ATOM   682  C "C5'" . G   B 1 14 ? -2.485  -10.885 3.028   1.00 27.08  ? 37  G   B "C5'" 1 
ATOM   683  C "C4'" . G   B 1 14 ? -3.451  -9.946  3.694   1.00 30.32  ? 37  G   B "C4'" 1 
ATOM   684  O "O4'" . G   B 1 14 ? -2.761  -8.745  4.134   1.00 21.18  ? 37  G   B "O4'" 1 
ATOM   685  C "C3'" . G   B 1 14 ? -4.555  -9.447  2.784   1.00 24.50  ? 37  G   B "C3'" 1 
ATOM   686  O "O3'" . G   B 1 14 ? -5.606  -10.383 2.795   1.00 17.52  ? 37  G   B "O3'" 1 
ATOM   687  C "C2'" . G   B 1 14 ? -4.928  -8.139  3.451   1.00 27.11  ? 37  G   B "C2'" 1 
ATOM   688  O "O2'" . G   B 1 14 ? -5.671  -8.349  4.636   1.00 28.03  ? 37  G   B "O2'" 1 
ATOM   689  C "C1'" . G   B 1 14 ? -3.543  -7.606  3.808   1.00 24.06  ? 37  G   B "C1'" 1 
ATOM   690  N N9    . G   B 1 14 ? -2.894  -6.928  2.686   1.00 28.16  ? 37  G   B N9    1 
ATOM   691  C C8    . G   B 1 14 ? -1.783  -7.368  2.006   1.00 25.01  ? 37  G   B C8    1 
ATOM   692  N N7    . G   B 1 14 ? -1.401  -6.557  1.064   1.00 24.02  ? 37  G   B N7    1 
ATOM   693  C C5    . G   B 1 14 ? -2.312  -5.513  1.113   1.00 25.30  ? 37  G   B C5    1 
ATOM   694  C C6    . G   B 1 14 ? -2.384  -4.331  0.334   1.00 23.98  ? 37  G   B C6    1 
ATOM   695  O O6    . G   B 1 14 ? -1.620  -3.961  -0.563  1.00 26.35  ? 37  G   B O6    1 
ATOM   696  N N1    . G   B 1 14 ? -3.471  -3.541  0.697   1.00 22.57  ? 37  G   B N1    1 
ATOM   697  C C2    . G   B 1 14 ? -4.376  -3.844  1.693   1.00 27.53  ? 37  G   B C2    1 
ATOM   698  N N2    . G   B 1 14 ? -5.378  -2.954  1.874   1.00 25.85  ? 37  G   B N2    1 
ATOM   699  N N3    . G   B 1 14 ? -4.309  -4.940  2.446   1.00 23.20  ? 37  G   B N3    1 
ATOM   700  C C4    . G   B 1 14 ? -3.254  -5.727  2.099   1.00 29.88  ? 37  G   B C4    1 
ATOM   701  P P     . C   B 1 15 ? -6.485  -10.599 1.483   1.00 29.89  ? 38  C   B P     1 
ATOM   702  O OP1   . C   B 1 15 ? -7.345  -11.770 1.781   1.00 25.25  ? 38  C   B OP1   1 
ATOM   703  O OP2   . C   B 1 15 ? -5.576  -10.638 0.293   1.00 24.51  ? 38  C   B OP2   1 
ATOM   704  O "O5'" . C   B 1 15 ? -7.378  -9.269  1.406   1.00 23.33  ? 38  C   B "O5'" 1 
ATOM   705  C "C5'" . C   B 1 15 ? -8.290  -8.923  2.447   1.00 20.94  ? 38  C   B "C5'" 1 
ATOM   706  C "C4'" . C   B 1 15 ? -9.049  -7.653  2.096   1.00 24.51  ? 38  C   B "C4'" 1 
ATOM   707  O "O4'" . C   B 1 15 ? -8.149  -6.511  2.137   1.00 23.49  ? 38  C   B "O4'" 1 
ATOM   708  C "C3'" . C   B 1 15 ? -9.613  -7.592  0.688   1.00 23.71  ? 38  C   B "C3'" 1 
ATOM   709  O "O3'" . C   B 1 15 ? -10.827 -8.295  0.519   1.00 24.16  ? 38  C   B "O3'" 1 
ATOM   710  C "C2'" . C   B 1 15 ? -9.773  -6.101  0.464   1.00 24.44  ? 38  C   B "C2'" 1 
ATOM   711  O "O2'" . C   B 1 15 ? -10.926 -5.579  1.098   1.00 25.08  ? 38  C   B "O2'" 1 
ATOM   712  C "C1'" . C   B 1 15 ? -8.501  -5.579  1.120   1.00 20.86  ? 38  C   B "C1'" 1 
ATOM   713  N N1    . C   B 1 15 ? -7.375  -5.473  0.173   1.00 21.65  ? 38  C   B N1    1 
ATOM   714  C C2    . C   B 1 15 ? -7.268  -4.329  -0.639  1.00 23.63  ? 38  C   B C2    1 
ATOM   715  O O2    . C   B 1 15 ? -8.155  -3.456  -0.585  1.00 19.73  ? 38  C   B O2    1 
ATOM   716  N N3    . C   B 1 15 ? -6.202  -4.212  -1.471  1.00 24.48  ? 38  C   B N3    1 
ATOM   717  C C4    . C   B 1 15 ? -5.289  -5.181  -1.525  1.00 24.33  ? 38  C   B C4    1 
ATOM   718  N N4    . C   B 1 15 ? -4.253  -5.022  -2.362  1.00 22.63  ? 38  C   B N4    1 
ATOM   719  C C5    . C   B 1 15 ? -5.392  -6.356  -0.731  1.00 24.17  ? 38  C   B C5    1 
ATOM   720  C C6    . C   B 1 15 ? -6.437  -6.461  0.090   1.00 22.06  ? 38  C   B C6    1 
ATOM   721  P P     . G   B 1 16 ? -11.136 -8.973  -0.906  1.00 28.32  ? 39  G   B P     1 
ATOM   722  O OP1   . G   B 1 16 ? -12.339 -9.833  -0.748  1.00 26.29  ? 39  G   B OP1   1 
ATOM   723  O OP2   . G   B 1 16 ? -9.877  -9.565  -1.416  1.00 24.60  ? 39  G   B OP2   1 
ATOM   724  O "O5'" . G   B 1 16 ? -11.449 -7.719  -1.835  1.00 24.27  ? 39  G   B "O5'" 1 
ATOM   725  C "C5'" . G   B 1 16 ? -12.411 -6.738  -1.464  1.00 24.54  ? 39  G   B "C5'" 1 
ATOM   726  C "C4'" . G   B 1 16 ? -12.427 -5.619  -2.483  1.00 22.08  ? 39  G   B "C4'" 1 
ATOM   727  O "O4'" . G   B 1 16 ? -11.234 -4.797  -2.364  1.00 30.11  ? 39  G   B "O4'" 1 
ATOM   728  C "C3'" . G   B 1 16 ? -12.381 -6.075  -3.929  1.00 25.49  ? 39  G   B "C3'" 1 
ATOM   729  O "O3'" . G   B 1 16 ? -13.659 -6.470  -4.376  1.00 33.68  ? 39  G   B "O3'" 1 
ATOM   730  C "C2'" . G   B 1 16 ? -11.898 -4.826  -4.647  1.00 23.18  ? 39  G   B "C2'" 1 
ATOM   731  O "O2'" . G   B 1 16 ? -12.928 -3.877  -4.839  1.00 23.76  ? 39  G   B "O2'" 1 
ATOM   732  C "C1'" . G   B 1 16 ? -10.876 -4.289  -3.645  1.00 26.03  ? 39  G   B "C1'" 1 
ATOM   733  N N9    . G   B 1 16 ? -9.519  -4.715  -3.960  1.00 23.39  ? 39  G   B N9    1 
ATOM   734  C C8    . G   B 1 16 ? -8.834  -5.802  -3.443  1.00 21.92  ? 39  G   B C8    1 
ATOM   735  N N7    . G   B 1 16 ? -7.617  -5.909  -3.904  1.00 21.30  ? 39  G   B N7    1 
ATOM   736  C C5    . G   B 1 16 ? -7.489  -4.839  -4.788  1.00 25.35  ? 39  G   B C5    1 
ATOM   737  C C6    . G   B 1 16 ? -6.390  -4.434  -5.588  1.00 23.01  ? 39  G   B C6    1 
ATOM   738  O O6    . G   B 1 16 ? -5.274  -4.959  -5.686  1.00 27.48  ? 39  G   B O6    1 
ATOM   739  N N1    . G   B 1 16 ? -6.685  -3.294  -6.324  1.00 25.02  ? 39  G   B N1    1 
ATOM   740  C C2    . G   B 1 16 ? -7.893  -2.625  -6.304  1.00 23.88  ? 39  G   B C2    1 
ATOM   741  N N2    . G   B 1 16 ? -7.982  -1.528  -7.093  1.00 21.51  ? 39  G   B N2    1 
ATOM   742  N N3    . G   B 1 16 ? -8.929  -2.995  -5.569  1.00 23.81  ? 39  G   B N3    1 
ATOM   743  C C4    . G   B 1 16 ? -8.659  -4.097  -4.836  1.00 25.89  ? 39  G   B C4    1 
ATOM   744  P P     . A   B 1 17 ? -13.843 -7.904  -5.065  1.00 27.73  ? 40  A   B P     1 
ATOM   745  O OP1   . A   B 1 17 ? -14.630 -8.749  -4.114  1.00 47.17  ? 40  A   B OP1   1 
ATOM   746  O OP2   . A   B 1 17 ? -12.539 -8.391  -5.584  1.00 26.80  ? 40  A   B OP2   1 
ATOM   747  O "O5'" . A   B 1 17 ? -14.794 -7.577  -6.278  1.00 29.92  ? 40  A   B "O5'" 1 
ATOM   748  C "C5'" . A   B 1 17 ? -14.352 -6.733  -7.320  1.00 31.63  ? 40  A   B "C5'" 1 
ATOM   749  C "C4'" . A   B 1 17 ? -15.151 -7.028  -8.554  1.00 28.90  ? 40  A   B "C4'" 1 
ATOM   750  O "O4'" . A   B 1 17 ? -16.443 -6.378  -8.474  1.00 21.07  ? 40  A   B "O4'" 1 
ATOM   751  C "C3'" . A   B 1 17 ? -14.554 -6.520  -9.845  1.00 27.92  ? 40  A   B "C3'" 1 
ATOM   752  O "O3'" . A   B 1 17 ? -13.571 -7.471  -10.246 1.00 21.57  ? 40  A   B "O3'" 1 
ATOM   753  C "C2'" . A   B 1 17 ? -15.777 -6.511  -10.756 1.00 22.06  ? 40  A   B "C2'" 1 
ATOM   754  O "O2'" . A   B 1 17 ? -16.071 -7.814  -11.228 1.00 22.50  ? 40  A   B "O2'" 1 
ATOM   755  C "C1'" . A   B 1 17 ? -16.881 -6.068  -9.783  1.00 25.28  ? 40  A   B "C1'" 1 
ATOM   756  N N9    . A   B 1 17 ? -17.218 -4.643  -9.839  1.00 25.96  ? 40  A   B N9    1 
ATOM   757  C C8    . A   B 1 17 ? -16.663 -3.585  -9.156  1.00 22.65  ? 40  A   B C8    1 
ATOM   758  N N7    . A   B 1 17 ? -17.201 -2.423  -9.456  1.00 23.25  ? 40  A   B N7    1 
ATOM   759  C C5    . A   B 1 17 ? -18.178 -2.738  -10.396 1.00 26.93  ? 40  A   B C5    1 
ATOM   760  C C6    . A   B 1 17 ? -19.104 -1.948  -11.121 1.00 23.79  ? 40  A   B C6    1 
ATOM   761  N N6    . A   B 1 17 ? -19.190 -0.609  -11.025 1.00 21.28  ? 40  A   B N6    1 
ATOM   762  N N1    . A   B 1 17 ? -19.940 -2.587  -11.971 1.00 17.97  ? 40  A   B N1    1 
ATOM   763  C C2    . A   B 1 17 ? -19.837 -3.910  -12.104 1.00 21.98  ? 40  A   B C2    1 
ATOM   764  N N3    . A   B 1 17 ? -19.009 -4.756  -11.493 1.00 24.48  ? 40  A   B N3    1 
ATOM   765  C C4    . A   B 1 17 ? -18.198 -4.101  -10.639 1.00 26.12  ? 40  A   B C4    1 
ATOM   766  P P     . A   B 1 18 ? -12.095 -6.977  -10.641 1.00 28.52  ? 41  A   B P     1 
ATOM   767  O OP1   . A   B 1 18 ? -11.124 -8.035  -10.233 1.00 22.26  ? 41  A   B OP1   1 
ATOM   768  O OP2   . A   B 1 18 ? -11.894 -5.575  -10.156 1.00 25.27  ? 41  A   B OP2   1 
ATOM   769  O "O5'" . A   B 1 18 ? -12.156 -6.935  -12.236 1.00 23.47  ? 41  A   B "O5'" 1 
ATOM   770  C "C5'" . A   B 1 18 ? -12.669 -8.030  -12.989 1.00 19.62  ? 41  A   B "C5'" 1 
ATOM   771  C "C4'" . A   B 1 18 ? -13.289 -7.517  -14.268 1.00 25.10  ? 41  A   B "C4'" 1 
ATOM   772  O "O4'" . A   B 1 18 ? -14.458 -6.712  -13.930 1.00 22.70  ? 41  A   B "O4'" 1 
ATOM   773  C "C3'" . A   B 1 18 ? -12.386 -6.606  -15.094 1.00 22.50  ? 41  A   B "C3'" 1 
ATOM   774  O "O3'" . A   B 1 18 ? -11.627 -7.399  -16.019 1.00 23.43  ? 41  A   B "O3'" 1 
ATOM   775  C "C2'" . A   B 1 18 ? -13.402 -5.698  -15.821 1.00 25.54  ? 41  A   B "C2'" 1 
ATOM   776  O "O2'" . A   B 1 18 ? -13.937 -6.236  -17.018 1.00 23.11  ? 41  A   B "O2'" 1 
ATOM   777  C "C1'" . A   B 1 18 ? -14.565 -5.620  -14.820 1.00 22.68  ? 41  A   B "C1'" 1 
ATOM   778  N N9    . A   B 1 18 ? -14.698 -4.388  -14.037 1.00 21.25  ? 41  A   B N9    1 
ATOM   779  C C8    . A   B 1 18 ? -13.850 -3.893  -13.071 1.00 24.03  ? 41  A   B C8    1 
ATOM   780  N N7    . A   B 1 18 ? -14.258 -2.762  -12.535 1.00 23.05  ? 41  A   B N7    1 
ATOM   781  C C5    . A   B 1 18 ? -15.460 -2.496  -13.187 1.00 23.80  ? 41  A   B C5    1 
ATOM   782  C C6    . A   B 1 18 ? -16.393 -1.440  -13.075 1.00 23.56  ? 41  A   B C6    1 
ATOM   783  N N6    . A   B 1 18 ? -16.284 -0.437  -12.203 1.00 24.29  ? 41  A   B N6    1 
ATOM   784  N N1    . A   B 1 18 ? -17.467 -1.460  -13.895 1.00 24.68  ? 41  A   B N1    1 
ATOM   785  C C2    . A   B 1 18 ? -17.605 -2.485  -14.745 1.00 23.55  ? 41  A   B C2    1 
ATOM   786  N N3    . A   B 1 18 ? -16.811 -3.540  -14.933 1.00 24.83  ? 41  A   B N3    1 
ATOM   787  C C4    . A   B 1 18 ? -15.738 -3.484  -14.119 1.00 22.58  ? 41  A   B C4    1 
ATOM   788  P P     . G   B 1 19 ? -10.109 -7.885  -15.675 1.00 24.14  ? 42  G   B P     1 
ATOM   789  O OP1   . G   B 1 19 ? -9.831  -8.990  -16.639 1.00 32.63  ? 42  G   B OP1   1 
ATOM   790  O OP2   . G   B 1 19 ? -9.915  -8.146  -14.216 1.00 24.87  ? 42  G   B OP2   1 
ATOM   791  O "O5'" . G   B 1 19 ? -9.176  -6.647  -16.068 1.00 18.48  ? 42  G   B "O5'" 1 
ATOM   792  C "C5'" . G   B 1 19 ? -9.480  -5.779  -17.158 1.00 21.50  ? 42  G   B "C5'" 1 
ATOM   793  C "C4'" . G   B 1 19 ? -8.346  -4.798  -17.365 1.00 24.37  ? 42  G   B "C4'" 1 
ATOM   794  O "O4'" . G   B 1 19 ? -8.100  -4.077  -16.119 1.00 23.17  ? 42  G   B "O4'" 1 
ATOM   795  C "C3'" . G   B 1 19 ? -7.004  -5.431  -17.729 1.00 23.55  ? 42  G   B "C3'" 1 
ATOM   796  O "O3'" . G   B 1 19 ? -6.864  -5.482  -19.139 1.00 26.41  ? 42  G   B "O3'" 1 
ATOM   797  C "C2'" . G   B 1 19 ? -6.007  -4.432  -17.173 1.00 22.09  ? 42  G   B "C2'" 1 
ATOM   798  O "O2'" . G   B 1 19 ? -5.865  -3.349  -18.066 1.00 22.33  ? 42  G   B "O2'" 1 
ATOM   799  C "C1'" . G   B 1 19 ? -6.700  -3.999  -15.871 1.00 20.92  ? 42  G   B "C1'" 1 
ATOM   800  N N9    . G   B 1 19 ? -6.397  -4.908  -14.765 1.00 20.63  ? 42  G   B N9    1 
ATOM   801  C C8    . G   B 1 19 ? -7.299  -5.574  -13.972 1.00 14.91  ? 42  G   B C8    1 
ATOM   802  N N7    . G   B 1 19 ? -6.731  -6.382  -13.118 1.00 21.26  ? 42  G   B N7    1 
ATOM   803  C C5    . G   B 1 19 ? -5.373  -6.229  -13.350 1.00 17.58  ? 42  G   B C5    1 
ATOM   804  C C6    . G   B 1 19 ? -4.273  -6.877  -12.752 1.00 19.12  ? 42  G   B C6    1 
ATOM   805  O O6    . G   B 1 19 ? -4.286  -7.733  -11.869 1.00 20.62  ? 42  G   B O6    1 
ATOM   806  N N1    . G   B 1 19 ? -3.061  -6.438  -13.288 1.00 20.30  ? 42  G   B N1    1 
ATOM   807  C C2    . G   B 1 19 ? -2.935  -5.488  -14.272 1.00 20.31  ? 42  G   B C2    1 
ATOM   808  N N2    . G   B 1 19 ? -1.679  -5.160  -14.637 1.00 17.09  ? 42  G   B N2    1 
ATOM   809  N N3    . G   B 1 19 ? -3.970  -4.885  -14.852 1.00 19.05  ? 42  G   B N3    1 
ATOM   810  C C4    . G   B 1 19 ? -5.148  -5.305  -14.344 1.00 20.25  ? 42  G   B C4    1 
ATOM   811  P P     . U   B 1 20 ? -6.178  -6.758  -19.827 1.00 25.02  ? 43  U   B P     1 
ATOM   812  O OP1   . U   B 1 20 ? -6.127  -6.496  -21.289 1.00 31.79  ? 43  U   B OP1   1 
ATOM   813  O OP2   . U   B 1 20 ? -6.871  -7.984  -19.327 1.00 27.29  ? 43  U   B OP2   1 
ATOM   814  O "O5'" . U   B 1 20 ? -4.690  -6.745  -19.256 1.00 24.72  ? 43  U   B "O5'" 1 
ATOM   815  C "C5'" . U   B 1 20 ? -3.771  -5.724  -19.620 1.00 21.65  ? 43  U   B "C5'" 1 
ATOM   816  C "C4'" . U   B 1 20 ? -2.374  -6.089  -19.155 1.00 24.60  ? 43  U   B "C4'" 1 
ATOM   817  O "O4'" . U   B 1 20 ? -2.308  -6.075  -17.702 1.00 20.81  ? 43  U   B "O4'" 1 
ATOM   818  C "C3'" . U   B 1 20 ? -1.889  -7.480  -19.548 1.00 25.41  ? 43  U   B "C3'" 1 
ATOM   819  O "O3'" . U   B 1 20 ? -1.353  -7.478  -20.872 1.00 29.21  ? 43  U   B "O3'" 1 
ATOM   820  C "C2'" . U   B 1 20 ? -0.817  -7.744  -18.500 1.00 24.46  ? 43  U   B "C2'" 1 
ATOM   821  O "O2'" . U   B 1 20 ? 0.382   -7.070  -18.805 1.00 24.70  ? 43  U   B "O2'" 1 
ATOM   822  C "C1'" . U   B 1 20 ? -1.447  -7.115  -17.254 1.00 23.70  ? 43  U   B "C1'" 1 
ATOM   823  N N1    . U   B 1 20 ? -2.237  -8.064  -16.449 1.00 23.96  ? 43  U   B N1    1 
ATOM   824  C C2    . U   B 1 20 ? -1.568  -8.910  -15.570 1.00 24.19  ? 43  U   B C2    1 
ATOM   825  O O2    . U   B 1 20 ? -0.349  -8.936  -15.458 1.00 21.22  ? 43  U   B O2    1 
ATOM   826  N N3    . U   B 1 20 ? -2.385  -9.728  -14.825 1.00 24.87  ? 43  U   B N3    1 
ATOM   827  C C4    . U   B 1 20 ? -3.770  -9.790  -14.867 1.00 24.14  ? 43  U   B C4    1 
ATOM   828  O O4    . U   B 1 20 ? -4.376  -10.508 -14.063 1.00 20.46  ? 43  U   B O4    1 
ATOM   829  C C5    . U   B 1 20 ? -4.373  -8.916  -15.813 1.00 21.56  ? 43  U   B C5    1 
ATOM   830  C C6    . U   B 1 20 ? -3.610  -8.107  -16.553 1.00 25.56  ? 43  U   B C6    1 
ATOM   831  P P     . C   B 1 21 ? -1.558  -8.762  -21.837 1.00 23.16  ? 44  C   B P     1 
ATOM   832  O OP1   . C   B 1 21 ? -1.303  -8.277  -23.218 1.00 21.53  ? 44  C   B OP1   1 
ATOM   833  O OP2   . C   B 1 21 ? -2.839  -9.449  -21.530 1.00 26.36  ? 44  C   B OP2   1 
ATOM   834  O "O5'" . C   B 1 21 ? -0.376  -9.756  -21.420 1.00 29.11  ? 44  C   B "O5'" 1 
ATOM   835  C "C5'" . C   B 1 21 ? 0.983   -9.425  -21.689 1.00 27.40  ? 44  C   B "C5'" 1 
ATOM   836  C "C4'" . C   B 1 21 ? 1.908   -10.146 -20.730 1.00 31.73  ? 44  C   B "C4'" 1 
ATOM   837  O "O4'" . C   B 1 21 ? 1.544   -9.826  -19.353 1.00 29.69  ? 44  C   B "O4'" 1 
ATOM   838  C "C3'" . C   B 1 21 ? 1.880   -11.666 -20.753 1.00 35.54  ? 44  C   B "C3'" 1 
ATOM   839  O "O3'" . C   B 1 21 ? 2.645   -12.190 -21.823 1.00 32.03  ? 44  C   B "O3'" 1 
ATOM   840  C "C2'" . C   B 1 21 ? 2.499   -11.993 -19.403 1.00 35.96  ? 44  C   B "C2'" 1 
ATOM   841  O "O2'" . C   B 1 21 ? 3.901   -11.786 -19.357 1.00 30.52  ? 44  C   B "O2'" 1 
ATOM   842  C "C1'" . C   B 1 21 ? 1.813   -10.950 -18.524 1.00 33.75  ? 44  C   B "C1'" 1 
ATOM   843  N N1    . C   B 1 21 ? 0.541   -11.469 -17.999 1.00 31.33  ? 44  C   B N1    1 
ATOM   844  C C2    . C   B 1 21 ? 0.575   -12.297 -16.864 1.00 29.88  ? 44  C   B C2    1 
ATOM   845  O O2    . C   B 1 21 ? 1.674   -12.562 -16.355 1.00 33.85  ? 44  C   B O2    1 
ATOM   846  N N3    . C   B 1 21 ? -0.590  -12.778 -16.351 1.00 28.00  ? 44  C   B N3    1 
ATOM   847  C C4    . C   B 1 21 ? -1.755  -12.452 -16.927 1.00 28.84  ? 44  C   B C4    1 
ATOM   848  N N4    . C   B 1 21 ? -2.874  -12.918 -16.382 1.00 22.79  ? 44  C   B N4    1 
ATOM   849  C C5    . C   B 1 21 ? -1.819  -11.622 -18.092 1.00 24.65  ? 44  C   B C5    1 
ATOM   850  C C6    . C   B 1 21 ? -0.658  -11.160 -18.592 1.00 25.84  ? 44  C   B C6    1 
ATOM   851  P P     . G   B 1 22 ? 2.216   -13.585 -22.500 1.00 38.44  ? 45  G   B P     1 
ATOM   852  O OP1   . G   B 1 22 ? 2.967   -13.618 -23.786 1.00 45.46  ? 45  G   B OP1   1 
ATOM   853  O OP2   . G   B 1 22 ? 0.729   -13.713 -22.507 1.00 31.39  ? 45  G   B OP2   1 
ATOM   854  O "O5'" . G   B 1 22 ? 2.796   -14.699 -21.517 1.00 35.03  ? 45  G   B "O5'" 1 
ATOM   855  C "C5'" . G   B 1 22 ? 4.195   -14.787 -21.254 1.00 37.12  ? 45  G   B "C5'" 1 
ATOM   856  C "C4'" . G   B 1 22 ? 4.464   -15.792 -20.154 1.00 46.23  ? 45  G   B "C4'" 1 
ATOM   857  O "O4'" . G   B 1 22 ? 3.899   -15.309 -18.901 1.00 43.51  ? 45  G   B "O4'" 1 
ATOM   858  C "C3'" . G   B 1 22 ? 3.848   -17.173 -20.343 1.00 46.49  ? 45  G   B "C3'" 1 
ATOM   859  O "O3'" . G   B 1 22 ? 4.669   -18.002 -21.164 1.00 48.78  ? 45  G   B "O3'" 1 
ATOM   860  C "C2'" . G   B 1 22 ? 3.769   -17.679 -18.907 1.00 41.31  ? 45  G   B "C2'" 1 
ATOM   861  O "O2'" . G   B 1 22 ? 5.012   -18.140 -18.414 1.00 42.68  ? 45  G   B "O2'" 1 
ATOM   862  C "C1'" . G   B 1 22 ? 3.370   -16.402 -18.163 1.00 42.57  ? 45  G   B "C1'" 1 
ATOM   863  N N9    . G   B 1 22 ? 1.921   -16.231 -18.057 1.00 42.80  ? 45  G   B N9    1 
ATOM   864  C C8    . G   B 1 22 ? 1.120   -15.417 -18.826 1.00 37.52  ? 45  G   B C8    1 
ATOM   865  N N7    . G   B 1 22 ? -0.142  -15.479 -18.494 1.00 38.18  ? 45  G   B N7    1 
ATOM   866  C C5    . G   B 1 22 ? -0.179  -16.384 -17.440 1.00 36.91  ? 45  G   B C5    1 
ATOM   867  C C6    . G   B 1 22 ? -1.281  -16.859 -16.668 1.00 40.08  ? 45  G   B C6    1 
ATOM   868  O O6    . G   B 1 22 ? -2.479  -16.541 -16.746 1.00 32.71  ? 45  G   B O6    1 
ATOM   869  N N1    . G   B 1 22 ? -0.872  -17.789 -15.719 1.00 37.85  ? 45  G   B N1    1 
ATOM   870  C C2    . G   B 1 22 ? 0.424   -18.202 -15.526 1.00 42.85  ? 45  G   B C2    1 
ATOM   871  N N2    . G   B 1 22 ? 0.616   -19.114 -14.568 1.00 41.87  ? 45  G   B N2    1 
ATOM   872  N N3    . G   B 1 22 ? 1.457   -17.753 -16.223 1.00 41.70  ? 45  G   B N3    1 
ATOM   873  C C4    . G   B 1 22 ? 1.085   -16.860 -17.160 1.00 37.46  ? 45  G   B C4    1 
ATOM   874  P P     . C   B 1 23 ? 3.993   -18.970 -22.268 1.00 54.47  ? 46  C   B P     1 
ATOM   875  O OP1   . C   B 1 23 ? 5.104   -19.610 -23.017 1.00 52.97  ? 46  C   B OP1   1 
ATOM   876  O OP2   . C   B 1 23 ? 2.947   -18.217 -23.012 1.00 53.82  ? 46  C   B OP2   1 
ATOM   877  O "O5'" . C   B 1 23 ? 3.260   -20.100 -21.416 1.00 46.99  ? 46  C   B "O5'" 1 
ATOM   878  C "C5'" . C   B 1 23 ? 4.003   -20.991 -20.592 1.00 45.67  ? 46  C   B "C5'" 1 
ATOM   879  C "C4'" . C   B 1 23 ? 3.069   -21.814 -19.736 1.00 54.18  ? 46  C   B "C4'" 1 
ATOM   880  O "O4'" . C   B 1 23 ? 2.341   -20.952 -18.823 1.00 57.11  ? 46  C   B "O4'" 1 
ATOM   881  C "C3'" . C   B 1 23 ? 1.965   -22.548 -20.479 1.00 56.41  ? 46  C   B "C3'" 1 
ATOM   882  O "O3'" . C   B 1 23 ? 2.424   -23.694 -21.208 1.00 63.03  ? 46  C   B "O3'" 1 
ATOM   883  C "C2'" . C   B 1 23 ? 0.957   -22.824 -19.368 1.00 57.33  ? 46  C   B "C2'" 1 
ATOM   884  O "O2'" . C   B 1 23 ? 1.246   -23.971 -18.588 1.00 55.87  ? 46  C   B "O2'" 1 
ATOM   885  C "C1'" . C   B 1 23 ? 1.087   -21.552 -18.517 1.00 57.35  ? 46  C   B "C1'" 1 
ATOM   886  N N1    . C   B 1 23 ? 0.002   -20.589 -18.782 1.00 47.55  ? 46  C   B N1    1 
ATOM   887  C C2    . C   B 1 23 ? -1.138  -20.617 -17.960 1.00 47.71  ? 46  C   B C2    1 
ATOM   888  O O2    . C   B 1 23 ? -1.176  -21.416 -17.007 1.00 53.53  ? 46  C   B O2    1 
ATOM   889  N N3    . C   B 1 23 ? -2.164  -19.772 -18.223 1.00 46.16  ? 46  C   B N3    1 
ATOM   890  C C4    . C   B 1 23 ? -2.080  -18.919 -19.245 1.00 45.92  ? 46  C   B C4    1 
ATOM   891  N N4    . C   B 1 23 ? -3.121  -18.114 -19.472 1.00 49.87  ? 46  C   B N4    1 
ATOM   892  C C5    . C   B 1 23 ? -0.928  -18.855 -20.084 1.00 51.45  ? 46  C   B C5    1 
ATOM   893  C C6    . C   B 1 23 ? 0.082   -19.698 -19.818 1.00 51.07  ? 46  C   B C6    1 
HETATM 894  C C11   . FSJ C 2 .  ? -7.071  -7.405  -8.202  1.00 17.96  ? 301 FSJ A C11   1 
HETATM 895  C C12   . FSJ C 2 .  ? -6.798  -11.288 -12.033 1.00 27.17  ? 301 FSJ A C12   1 
HETATM 896  C C13   . FSJ C 2 .  ? -3.642  -12.440 -10.870 1.00 26.59  ? 301 FSJ A C13   1 
HETATM 897  C C21   . FSJ C 2 .  ? -7.801  -7.693  -6.810  1.00 20.83  ? 301 FSJ A C21   1 
HETATM 898  C C22   . FSJ C 2 .  ? -7.529  -9.953  -12.542 1.00 20.32  ? 301 FSJ A C22   1 
HETATM 899  C C23   . FSJ C 2 .  ? -3.614  -14.015 -10.999 1.00 32.47  ? 301 FSJ A C23   1 
HETATM 900  C C31   . FSJ C 2 .  ? -9.373  -7.198  -6.819  1.00 19.48  ? 301 FSJ A C31   1 
HETATM 901  C C32   . FSJ C 2 .  ? -8.191  -9.222  -11.276 1.00 22.25  ? 301 FSJ A C32   1 
HETATM 902  C C33   . FSJ C 2 .  ? -4.035  -14.623 -9.571  1.00 32.12  ? 301 FSJ A C33   1 
HETATM 903  C C41   . FSJ C 2 .  ? -9.649  -5.996  -7.841  1.00 22.93  ? 301 FSJ A C41   1 
HETATM 904  C C42   . FSJ C 2 .  ? -7.054  -8.871  -10.229 1.00 24.20  ? 301 FSJ A C42   1 
HETATM 905  C C43   . FSJ C 2 .  ? -2.925  -14.153 -8.458  1.00 27.71  ? 301 FSJ A C43   1 
HETATM 906  C C51   . FSJ C 2 .  ? -8.621  -5.466  -8.599  1.00 24.28  ? 301 FSJ A C51   1 
HETATM 907  C C52   . FSJ C 2 .  ? -6.321  -10.223 -9.747  1.00 25.67  ? 301 FSJ A C52   1 
HETATM 908  C C53   . FSJ C 2 .  ? -2.909  -12.562 -8.374  1.00 25.53  ? 301 FSJ A C53   1 
HETATM 909  C C61   . FSJ C 2 .  ? -8.849  -4.295  -9.601  1.00 26.77  ? 301 FSJ A C61   1 
HETATM 910  C C62   . FSJ C 2 .  ? -5.650  -10.919 -10.996 1.00 22.58  ? 301 FSJ A C62   1 
HETATM 911  C C83   . FSJ C 2 .  ? -3.187  -14.652 -6.998  1.00 28.54  ? 301 FSJ A C83   1 
HETATM 912  C C93   . FSJ C 2 .  ? -5.360  -16.749 -9.774  1.00 31.73  ? 301 FSJ A C93   1 
HETATM 913  N N12   . FSJ C 2 .  ? -6.221  -11.926 -13.165 1.00 29.38  ? 301 FSJ A N12   1 
HETATM 914  N N21   . FSJ C 2 .  ? -7.649  -9.143  -6.517  1.00 27.45  ? 301 FSJ A N21   1 
HETATM 915  N N32   . FSJ C 2 .  ? -8.864  -7.975  -11.722 1.00 25.91  ? 301 FSJ A N32   1 
HETATM 916  N N33   . FSJ C 2 .  ? -4.036  -16.106 -9.635  1.00 36.51  ? 301 FSJ A N33   1 
HETATM 917  F F61   . FSJ C 2 .  ? -7.668  -3.943  -10.244 1.00 41.47  ? 301 FSJ A F61   1 
HETATM 918  O O11   . FSJ C 2 .  ? -7.690  -8.249  -9.166  1.00 24.44  ? 301 FSJ A O11   1 
HETATM 919  O O23   . FSJ C 2 .  ? -4.539  -14.389 -12.012 1.00 29.00  ? 301 FSJ A O23   1 
HETATM 920  O O43   . FSJ C 2 .  ? -1.610  -14.602 -8.783  1.00 37.50  ? 301 FSJ A O43   1 
HETATM 921  O O51   . FSJ C 2 .  ? -7.243  -5.977  -8.511  1.00 23.43  ? 301 FSJ A O51   1 
HETATM 922  O O52   . FSJ C 2 .  ? -5.277  -9.894  -8.803  1.00 22.86  ? 301 FSJ A O52   1 
HETATM 923  O O53   . FSJ C 2 .  ? -2.671  -11.978 -9.782  1.00 27.55  ? 301 FSJ A O53   1 
HETATM 924  O O62   . FSJ C 2 .  ? -5.023  -12.088 -10.550 1.00 26.58  ? 301 FSJ A O62   1 
HETATM 925  O O     . HOH D 3 .  ? -5.494  -10.679 -6.534  1.00 25.97  ? 401 HOH A O     1 
HETATM 926  O O     . HOH D 3 .  ? -2.487  3.355   6.585   1.00 43.67  ? 402 HOH A O     1 
HETATM 927  O O     . HOH D 3 .  ? -1.557  3.549   -4.531  1.00 40.97  ? 403 HOH A O     1 
HETATM 928  O O     . HOH D 3 .  ? 0.735   1.047   3.480   1.00 28.73  ? 404 HOH A O     1 
HETATM 929  O O     . HOH D 3 .  ? 0.973   -10.996 -7.796  1.00 31.32  ? 405 HOH A O     1 
HETATM 930  O O     . HOH D 3 .  ? -5.636  -17.341 -6.372  1.00 40.70  ? 406 HOH A O     1 
HETATM 931  O O     . HOH D 3 .  ? -8.071  -0.932  -10.608 1.00 31.65  ? 407 HOH A O     1 
HETATM 932  O O     . HOH D 3 .  ? -3.571  -6.780  -8.383  1.00 25.63  ? 408 HOH A O     1 
HETATM 933  O O     . HOH D 3 .  ? 4.036   -16.935 -12.804 1.00 45.11  ? 409 HOH A O     1 
HETATM 934  O O     . HOH D 3 .  ? 4.663   -16.556 -5.312  1.00 42.86  ? 410 HOH A O     1 
HETATM 935  O O     . HOH D 3 .  ? -2.722  7.557   -5.645  1.00 37.07  ? 411 HOH A O     1 
HETATM 936  O O     . HOH D 3 .  ? 6.802   -11.839 -6.432  1.00 40.21  ? 412 HOH A O     1 
HETATM 937  O O     . HOH D 3 .  ? 1.846   -4.661  -15.299 1.00 23.95  ? 413 HOH A O     1 
HETATM 938  O O     . HOH D 3 .  ? -5.801  5.504   11.099  1.00 40.13  ? 414 HOH A O     1 
HETATM 939  O O     . HOH D 3 .  ? 4.959   -15.068 -14.776 1.00 241.24 ? 415 HOH A O     1 
HETATM 940  O O     . HOH D 3 .  ? -0.690  5.634   -10.265 1.00 36.98  ? 416 HOH A O     1 
HETATM 941  O O     . HOH D 3 .  ? 5.908   -14.474 -5.309  1.00 48.01  ? 417 HOH A O     1 
HETATM 942  O O     . HOH D 3 .  ? -1.220  -0.717  -5.155  1.00 38.22  ? 418 HOH A O     1 
HETATM 943  O O     . HOH D 3 .  ? 2.777   2.605   -13.342 1.00 44.12  ? 419 HOH A O     1 
HETATM 944  O O     . HOH D 3 .  ? -8.949  -13.372 -13.855 1.00 31.85  ? 420 HOH A O     1 
HETATM 945  O O     . HOH D 3 .  ? -0.893  2.671   8.623   1.00 35.12  ? 421 HOH A O     1 
HETATM 946  O O     . HOH D 3 .  ? 0.719   -5.420  10.996  1.00 38.13  ? 422 HOH A O     1 
HETATM 947  O O     . HOH D 3 .  ? -2.942  -25.153 -12.543 1.00 47.54  ? 423 HOH A O     1 
HETATM 948  O O     . HOH D 3 .  ? 1.568   -7.899  -6.537  1.00 40.64  ? 424 HOH A O     1 
HETATM 949  O O     . HOH D 3 .  ? -9.209  -11.725 -7.777  1.00 31.70  ? 425 HOH A O     1 
HETATM 950  O O     . HOH D 3 .  ? -0.308  -5.111  -5.538  1.00 37.58  ? 426 HOH A O     1 
HETATM 951  O O     . HOH D 3 .  ? 3.879   -5.356  10.769  1.00 28.43  ? 427 HOH A O     1 
HETATM 952  O O     . HOH D 3 .  ? -4.717  5.704   -11.397 1.00 29.61  ? 428 HOH A O     1 
HETATM 953  O O     . HOH D 3 .  ? -8.557  3.625   -9.691  1.00 39.40  ? 429 HOH A O     1 
HETATM 954  O O     . HOH D 3 .  ? -0.662  -15.932 -3.991  1.00 38.23  ? 430 HOH A O     1 
HETATM 955  O O     . HOH D 3 .  ? 5.209   0.886   -11.700 1.00 35.45  ? 431 HOH A O     1 
HETATM 956  O O     . HOH D 3 .  ? 0.624   -2.953  -6.711  1.00 32.59  ? 432 HOH A O     1 
HETATM 957  O O     . HOH D 3 .  ? -0.968  2.861   4.354   1.00 40.18  ? 433 HOH A O     1 
HETATM 958  O O     . HOH D 3 .  ? -8.246  -13.947 -9.648  1.00 40.15  ? 434 HOH A O     1 
HETATM 959  O O     . HOH D 3 .  ? -2.493  6.130   -12.445 1.00 38.90  ? 435 HOH A O     1 
HETATM 960  O O     . HOH D 3 .  ? 2.054   29.828  14.439  1.00 52.59  ? 436 HOH A O     1 
HETATM 961  O O     . HOH D 3 .  ? -7.000  -14.091 -7.185  1.00 37.98  ? 437 HOH A O     1 
HETATM 962  O O     . HOH D 3 .  ? 4.665   28.310  13.346  1.00 53.40  ? 438 HOH A O     1 
HETATM 963  O O     . HOH D 3 .  ? 6.833   -12.672 -4.016  1.00 46.41  ? 439 HOH A O     1 
HETATM 964  O O     . HOH D 3 .  ? -1.793  -2.833  16.950  1.00 38.04  ? 440 HOH A O     1 
HETATM 965  O O     . HOH D 3 .  ? 3.390   7.284   -10.262 1.00 45.52  ? 441 HOH A O     1 
HETATM 966  O O     . HOH E 3 .  ? -14.014 -8.526  0.367   1.00 31.44  ? 101 HOH B O     1 
HETATM 967  O O     . HOH E 3 .  ? -12.525 -3.328  -9.085  1.00 29.45  ? 102 HOH B O     1 
HETATM 968  O O     . HOH E 3 .  ? -7.336  -9.868  -1.653  1.00 28.44  ? 103 HOH B O     1 
HETATM 969  O O     . HOH E 3 .  ? -13.338 -1.184  -10.686 1.00 21.72  ? 104 HOH B O     1 
HETATM 970  O O     . HOH E 3 .  ? 15.616  13.458  19.040  1.00 53.74  ? 105 HOH B O     1 
HETATM 971  O O     . HOH E 3 .  ? 6.664   -2.638  -0.298  1.00 37.76  ? 106 HOH B O     1 
HETATM 972  O O     . HOH E 3 .  ? 4.271   -12.741 -16.719 1.00 38.80  ? 107 HOH B O     1 
HETATM 973  O O     . HOH E 3 .  ? 5.847   -6.495  1.101   1.00 29.43  ? 108 HOH B O     1 
HETATM 974  O O     . HOH E 3 .  ? -13.080 -4.030  1.012   1.00 22.41  ? 109 HOH B O     1 
HETATM 975  O O     . HOH E 3 .  ? 7.540   -11.960 5.039   1.00 29.22  ? 110 HOH B O     1 
HETATM 976  O O     . HOH E 3 .  ? -6.405  -8.287  -3.709  1.00 23.21  ? 111 HOH B O     1 
HETATM 977  O O     . HOH E 3 .  ? -5.053  -9.955  -19.614 1.00 32.29  ? 112 HOH B O     1 
HETATM 978  O O     . HOH E 3 .  ? 9.146   -3.779  7.504   1.00 40.89  ? 113 HOH B O     1 
HETATM 979  O O     . HOH E 3 .  ? -10.229 0.023   -7.186  1.00 29.38  ? 114 HOH B O     1 
HETATM 980  O O     . HOH E 3 .  ? -4.052  -7.418  -5.772  1.00 26.55  ? 115 HOH B O     1 
HETATM 981  O O     . HOH E 3 .  ? 3.862   4.611   1.617   1.00 37.89  ? 116 HOH B O     1 
HETATM 982  O O     . HOH E 3 .  ? 2.174   3.685   4.388   1.00 34.94  ? 117 HOH B O     1 
HETATM 983  O O     . HOH E 3 .  ? -0.866  -3.711  -3.259  1.00 45.20  ? 118 HOH B O     1 
HETATM 984  O O     . HOH E 3 .  ? -10.227 -9.190  -4.189  1.00 19.76  ? 119 HOH B O     1 
HETATM 985  O O     . HOH E 3 .  ? -1.872  13.200  -1.911  1.00 50.21  ? 120 HOH B O     1 
HETATM 986  O O     . HOH E 3 .  ? 3.846   -2.150  0.532   1.00 33.07  ? 121 HOH B O     1 
HETATM 987  O O     . HOH E 3 .  ? 3.484   -4.958  1.054   1.00 22.94  ? 122 HOH B O     1 
HETATM 988  O O     . HOH E 3 .  ? -2.890  9.868   -2.555  1.00 46.24  ? 123 HOH B O     1 
HETATM 989  O O     . HOH E 3 .  ? -12.584 -7.115  2.838   1.00 26.66  ? 124 HOH B O     1 
HETATM 990  O O     . HOH E 3 .  ? -11.504 -2.096  -6.661  1.00 31.20  ? 125 HOH B O     1 
HETATM 991  O O     . HOH E 3 .  ? -3.255  -6.421  8.112   1.00 31.37  ? 126 HOH B O     1 
HETATM 992  O O     . HOH E 3 .  ? 3.204   1.031   1.321   1.00 34.43  ? 127 HOH B O     1 
HETATM 993  O O     . HOH E 3 .  ? -8.590  -9.340  -21.398 1.00 34.51  ? 128 HOH B O     1 
HETATM 994  O O     . HOH E 3 .  ? -13.569 -11.904 -2.634  1.00 37.73  ? 129 HOH B O     1 
HETATM 995  O O     . HOH E 3 .  ? -4.415  -8.864  7.415   1.00 26.66  ? 130 HOH B O     1 
HETATM 996  O O     . HOH E 3 .  ? -1.603  7.663   6.767   1.00 56.50  ? 131 HOH B O     1 
HETATM 997  O O     . HOH E 3 .  ? 8.473   -6.324  -2.188  1.00 37.60  ? 132 HOH B O     1 
HETATM 998  O O     . HOH E 3 .  ? 3.664   15.528  -0.807  1.00 40.03  ? 133 HOH B O     1 
HETATM 999  O O     . HOH E 3 .  ? -1.769  7.685   -0.922  1.00 42.36  ? 134 HOH B O     1 
HETATM 1000 O O     . HOH E 3 .  ? -10.837 -3.170  -12.238 1.00 25.19  ? 135 HOH B O     1 
HETATM 1001 O O     . HOH E 3 .  ? 6.790   -6.208  9.497   1.00 43.12  ? 136 HOH B O     1 
HETATM 1002 O O     . HOH E 3 .  ? -0.137  -2.683  -16.622 1.00 30.02  ? 137 HOH B O     1 
HETATM 1003 O O     . HOH E 3 .  ? 2.922   -14.143 2.104   1.00 40.67  ? 138 HOH B O     1 
HETATM 1004 O O     . HOH E 3 .  ? 2.038   -3.777  -18.303 1.00 29.87  ? 139 HOH B O     1 
HETATM 1005 O O     . HOH E 3 .  ? -11.961 -9.788  3.861   1.00 32.35  ? 140 HOH B O     1 
HETATM 1006 O O     . HOH E 3 .  ? 0.019   10.789  -4.045  1.00 50.34  ? 141 HOH B O     1 
HETATM 1007 O O     . HOH E 3 .  ? 3.941   0.470   -1.668  1.00 36.67  ? 142 HOH B O     1 
HETATM 1008 O O     . HOH E 3 .  ? 6.159   -10.580 -1.581  1.00 38.58  ? 143 HOH B O     1 
HETATM 1009 O O     . HOH E 3 .  ? 2.742   -10.842 -1.579  1.00 33.97  ? 144 HOH B O     1 
HETATM 1010 O O     . HOH E 3 .  ? 4.462   -3.270  -2.705  1.00 39.76  ? 145 HOH B O     1 
HETATM 1011 O O     . HOH E 3 .  ? -6.233  -9.462  -26.035 1.00 26.51  ? 146 HOH B O     1 
# 
